data_4U2Z
#
_entry.id   4U2Z
#
_cell.length_a   113.297
_cell.length_b   113.297
_cell.length_c   314.330
_cell.angle_alpha   90.000
_cell.angle_beta   90.000
_cell.angle_gamma   90.000
#
_symmetry.space_group_name_H-M   'P 41 21 2'
#
loop_
_entity.id
_entity.type
_entity.pdbx_description
1 polymer 'Alpha-1,4-glucan:maltose-1-phosphate maltosyltransferase 1'
2 branched 'alpha-D-glucopyranose-(1-4)-2-deoxy-2,2-difluoro-alpha-D-arabino-hexopyranosyl fluoride'
3 water water
#
_entity_poly.entity_id   1
_entity_poly.type   'polypeptide(L)'
_entity_poly.pdbx_seq_one_letter_code
;MPATHHSSATSAERPTVVGRIPVLDVRPVVQRGRRPAKAVTGESFEVSATVFREGHDAVGANVVLRDPRGRPGPWTPMRE
LAPGTDRWGATVTAGETGTWSYTVEAWGDPVTTWRHHARIKIPAGLDTDLVLEEGARLYERAAADVPGREDRRELLAAVD
ALRDESRPAASRLAAALTPQVDAVLARHPLRDLVTSSDPLPLLVERERALYGAWYEFFPRSEGTPHTPHGTFRTAARRLP
AIAAMGFDVVYLPPIHPIGTTHRKGRNNTLSATGDDVGSPWAIGSPEGGHDSIHPALGTLDDFDHFVTEAGKLGLEIALD
FALQCSPDHPWVHKHPEWFHHRPDGTIAHAENPPKKYQDIYPIAFDADPDGLATETVRILRHWMDHGVRIFRVDNPHTKP
VAFWERVIADINGTDPDVIFLAEAFTRPAMMATLAQIGFQQSYTYFTWRNTKQELTEYLTELSGEAASYMRPNFFANTPD
ILHAYLQHGGRPAFEVRAVLAATLSPTWGIYSGYELCENTPLREGSEEYLDSEKYQLKPRDWTRAAREGTTIAPLVTRLN
TIRRENPALRQLRDLHFHPTDKEEVIAYSKRQGSNTVLVVVNLDPRHTQEATVSLDMPQLGLDWHESVPVRDELTGETYH
WGRANYVRLEPGRTPAHVCTVLRPSHPQIGGSHTTALHHHHHH
;
_entity_poly.pdbx_strand_id   A,B
#
# COMPACT_ATOMS: atom_id res chain seq x y z
N PRO A 15 26.21 9.73 -3.25
CA PRO A 15 24.79 10.12 -3.33
C PRO A 15 23.86 9.12 -2.65
N THR A 16 23.35 9.48 -1.48
CA THR A 16 22.45 8.60 -0.74
C THR A 16 21.00 8.81 -1.13
N VAL A 17 20.21 7.74 -1.02
CA VAL A 17 18.82 7.79 -1.41
C VAL A 17 17.99 8.61 -0.41
N VAL A 18 18.28 8.50 0.88
CA VAL A 18 17.56 9.27 1.89
C VAL A 18 18.34 10.56 2.16
N GLY A 19 17.64 11.68 2.36
CA GLY A 19 18.29 12.95 2.59
C GLY A 19 18.58 13.22 4.06
N ARG A 20 19.00 14.44 4.37
CA ARG A 20 19.42 14.79 5.72
C ARG A 20 18.28 14.61 6.73
N ILE A 21 17.11 15.14 6.40
CA ILE A 21 15.89 14.88 7.14
C ILE A 21 14.99 13.96 6.28
N PRO A 22 14.82 12.70 6.70
CA PRO A 22 14.01 11.74 5.93
C PRO A 22 12.60 12.21 5.57
N VAL A 23 12.30 12.25 4.29
CA VAL A 23 10.95 12.53 3.84
C VAL A 23 10.60 11.47 2.81
N LEU A 24 9.62 10.63 3.16
CA LEU A 24 9.42 9.38 2.46
C LEU A 24 7.96 9.16 2.08
N ASP A 25 7.74 8.40 1.02
CA ASP A 25 6.40 7.94 0.63
C ASP A 25 5.41 9.07 0.57
N VAL A 26 5.74 10.07 -0.23
CA VAL A 26 4.81 11.14 -0.52
C VAL A 26 3.59 10.60 -1.25
N ARG A 27 2.42 10.99 -0.78
CA ARG A 27 1.17 10.66 -1.43
C ARG A 27 0.38 11.95 -1.65
N PRO A 28 -0.53 11.97 -2.65
CA PRO A 28 -0.89 10.85 -3.52
C PRO A 28 0.19 10.49 -4.54
N VAL A 29 0.18 9.22 -4.93
CA VAL A 29 1.09 8.73 -5.95
C VAL A 29 0.33 7.69 -6.78
N VAL A 30 0.57 7.72 -8.08
CA VAL A 30 -0.11 6.84 -9.03
C VAL A 30 0.93 6.07 -9.84
N GLN A 31 0.86 4.74 -9.80
CA GLN A 31 1.87 3.88 -10.47
C GLN A 31 3.31 4.37 -10.21
N ARG A 32 3.63 4.62 -8.95
CA ARG A 32 4.99 5.00 -8.53
C ARG A 32 5.52 6.26 -9.21
N GLY A 33 4.62 7.17 -9.60
CA GLY A 33 5.01 8.45 -10.14
C GLY A 33 5.04 8.50 -11.67
N ARG A 34 4.65 7.40 -12.30
CA ARG A 34 4.72 7.31 -13.76
C ARG A 34 3.46 7.89 -14.42
N ARG A 35 2.39 8.02 -13.65
CA ARG A 35 1.17 8.72 -14.08
C ARG A 35 0.85 9.79 -13.02
N PRO A 36 0.14 10.86 -13.43
CA PRO A 36 -0.16 11.90 -12.44
C PRO A 36 -1.35 11.59 -11.57
N ALA A 37 -1.33 12.06 -10.33
CA ALA A 37 -2.55 12.10 -9.52
C ALA A 37 -3.44 13.17 -10.13
N LYS A 38 -4.72 13.20 -9.76
CA LYS A 38 -5.64 14.12 -10.45
C LYS A 38 -6.34 15.08 -9.52
N ALA A 39 -6.71 16.22 -10.09
CA ALA A 39 -7.61 17.12 -9.41
C ALA A 39 -8.30 17.95 -10.47
N VAL A 40 -9.25 18.77 -10.02
CA VAL A 40 -9.84 19.77 -10.89
C VAL A 40 -9.68 21.12 -10.22
N THR A 41 -9.77 22.17 -11.02
CA THR A 41 -9.73 23.54 -10.51
C THR A 41 -10.62 23.72 -9.30
N GLY A 42 -10.01 24.17 -8.20
CA GLY A 42 -10.75 24.49 -7.00
C GLY A 42 -10.91 23.33 -6.03
N GLU A 43 -10.41 22.16 -6.43
CA GLU A 43 -10.59 20.98 -5.61
C GLU A 43 -9.47 20.89 -4.59
N SER A 44 -9.83 20.59 -3.35
CA SER A 44 -8.85 20.41 -2.28
C SER A 44 -8.53 18.95 -2.07
N PHE A 45 -7.29 18.66 -1.71
CA PHE A 45 -6.93 17.32 -1.29
C PHE A 45 -5.70 17.35 -0.41
N GLU A 46 -5.43 16.24 0.27
CA GLU A 46 -4.30 16.12 1.19
C GLU A 46 -3.04 15.58 0.51
N VAL A 47 -1.95 16.31 0.67
CA VAL A 47 -0.63 15.78 0.36
C VAL A 47 -0.03 15.31 1.68
N SER A 48 0.55 14.11 1.69
CA SER A 48 1.08 13.54 2.93
C SER A 48 2.43 12.91 2.71
N ALA A 49 3.14 12.65 3.79
CA ALA A 49 4.48 12.08 3.71
C ALA A 49 4.88 11.53 5.07
N THR A 50 5.90 10.69 5.09
CA THR A 50 6.44 10.19 6.34
C THR A 50 7.69 10.99 6.64
N VAL A 51 7.67 11.71 7.76
CA VAL A 51 8.73 12.65 8.10
C VAL A 51 9.16 12.46 9.53
N PHE A 52 10.47 12.37 9.74
CA PHE A 52 11.02 12.21 11.06
C PHE A 52 12.50 12.50 10.95
N ARG A 53 13.18 12.57 12.08
CA ARG A 53 14.64 12.71 12.05
C ARG A 53 15.25 11.83 13.11
N GLU A 54 16.58 11.80 13.14
CA GLU A 54 17.31 11.09 14.18
C GLU A 54 17.29 11.90 15.47
N GLY A 55 17.42 11.22 16.60
CA GLY A 55 17.40 11.90 17.87
C GLY A 55 15.98 12.27 18.27
N HIS A 56 15.85 13.21 19.19
CA HIS A 56 14.55 13.49 19.78
C HIS A 56 14.05 14.90 19.51
N ASP A 57 14.78 15.63 18.68
CA ASP A 57 14.42 17.01 18.35
C ASP A 57 13.23 17.05 17.38
N ALA A 58 12.54 18.19 17.35
CA ALA A 58 11.33 18.33 16.55
C ALA A 58 11.63 18.46 15.05
N VAL A 59 10.69 17.98 14.23
CA VAL A 59 10.73 18.21 12.79
C VAL A 59 9.55 19.07 12.42
N GLY A 60 9.64 19.69 11.25
CA GLY A 60 8.52 20.38 10.65
C GLY A 60 8.49 19.98 9.19
N ALA A 61 7.36 20.16 8.51
CA ALA A 61 7.30 19.92 7.07
C ALA A 61 6.33 20.87 6.41
N ASN A 62 6.45 20.99 5.10
CA ASN A 62 5.53 21.81 4.31
C ASN A 62 5.42 21.34 2.87
N VAL A 63 4.32 21.69 2.23
CA VAL A 63 4.05 21.27 0.85
C VAL A 63 4.32 22.38 -0.15
N VAL A 64 5.17 22.11 -1.12
CA VAL A 64 5.38 23.07 -2.19
C VAL A 64 4.66 22.59 -3.43
N LEU A 65 3.56 23.27 -3.74
CA LEU A 65 2.75 23.01 -4.91
C LEU A 65 3.13 24.01 -6.01
N ARG A 66 3.58 23.51 -7.16
CA ARG A 66 4.03 24.37 -8.25
C ARG A 66 3.07 24.26 -9.43
N ASP A 67 2.77 25.41 -10.04
CA ASP A 67 1.79 25.47 -11.12
C ASP A 67 2.49 25.13 -12.45
N PRO A 68 1.76 25.17 -13.59
CA PRO A 68 2.45 24.74 -14.83
C PRO A 68 3.67 25.56 -15.24
N ARG A 69 3.82 26.78 -14.73
CA ARG A 69 4.98 27.62 -15.06
C ARG A 69 6.05 27.59 -13.99
N GLY A 70 5.94 26.66 -13.04
CA GLY A 70 6.96 26.47 -12.01
C GLY A 70 6.77 27.34 -10.78
N ARG A 71 5.72 28.15 -10.76
CA ARG A 71 5.49 29.07 -9.64
C ARG A 71 4.95 28.38 -8.39
N PRO A 72 5.65 28.53 -7.26
CA PRO A 72 5.28 27.91 -5.99
C PRO A 72 4.03 28.55 -5.40
N GLY A 73 3.25 27.79 -4.66
CA GLY A 73 2.08 28.34 -4.01
C GLY A 73 2.45 28.97 -2.68
N PRO A 74 1.45 29.29 -1.86
CA PRO A 74 1.77 29.91 -0.57
C PRO A 74 2.36 28.92 0.44
N TRP A 75 2.92 29.46 1.52
CA TRP A 75 3.42 28.69 2.63
C TRP A 75 2.35 27.73 3.13
N THR A 76 2.68 26.43 3.16
CA THR A 76 1.67 25.42 3.48
C THR A 76 2.26 24.41 4.43
N PRO A 77 2.30 24.77 5.72
CA PRO A 77 2.92 23.87 6.70
C PRO A 77 2.07 22.62 6.93
N MET A 78 2.74 21.51 7.17
CA MET A 78 2.05 20.26 7.50
C MET A 78 1.96 20.03 9.02
N ARG A 79 1.06 19.14 9.42
CA ARG A 79 0.95 18.66 10.81
C ARG A 79 1.01 17.12 10.85
N GLU A 80 1.46 16.57 11.97
CA GLU A 80 1.41 15.12 12.15
C GLU A 80 -0.07 14.72 12.25
N LEU A 81 -0.49 13.75 11.44
CA LEU A 81 -1.90 13.37 11.38
C LEU A 81 -2.37 12.51 12.54
N ALA A 82 -1.45 11.78 13.14
CA ALA A 82 -1.77 10.93 14.30
C ALA A 82 -0.52 10.77 15.13
N PRO A 83 -0.66 10.80 16.47
CA PRO A 83 0.50 10.75 17.38
C PRO A 83 1.33 9.48 17.17
N GLY A 84 2.66 9.61 17.17
CA GLY A 84 3.52 8.45 17.08
C GLY A 84 3.61 7.74 15.73
N THR A 85 3.00 8.30 14.69
CA THR A 85 3.01 7.64 13.39
C THR A 85 3.99 8.26 12.40
N ASP A 86 4.47 9.48 12.70
CA ASP A 86 5.36 10.20 11.78
C ASP A 86 4.78 10.38 10.39
N ARG A 87 3.46 10.35 10.27
CA ARG A 87 2.81 10.63 8.99
C ARG A 87 2.30 12.07 9.03
N TRP A 88 2.72 12.90 8.09
CA TRP A 88 2.40 14.33 8.11
C TRP A 88 1.53 14.69 6.91
N GLY A 89 0.61 15.63 7.09
CA GLY A 89 -0.19 16.08 5.95
C GLY A 89 -0.54 17.56 5.94
N ALA A 90 -0.97 18.02 4.77
CA ALA A 90 -1.58 19.33 4.63
C ALA A 90 -2.53 19.36 3.43
N THR A 91 -3.58 20.16 3.54
CA THR A 91 -4.51 20.36 2.43
C THR A 91 -3.96 21.37 1.43
N VAL A 92 -4.02 21.04 0.15
CA VAL A 92 -3.68 21.99 -0.90
C VAL A 92 -4.89 22.16 -1.82
N THR A 93 -4.90 23.21 -2.64
CA THR A 93 -6.01 23.43 -3.55
C THR A 93 -5.49 23.70 -4.95
N ALA A 94 -6.06 23.01 -5.92
CA ALA A 94 -5.66 23.19 -7.30
C ALA A 94 -6.26 24.46 -7.89
N GLY A 95 -5.45 25.18 -8.67
CA GLY A 95 -5.93 26.35 -9.38
C GLY A 95 -6.21 26.06 -10.85
N GLU A 96 -5.59 26.83 -11.74
CA GLU A 96 -5.82 26.67 -13.16
C GLU A 96 -5.42 25.28 -13.66
N THR A 97 -6.01 24.87 -14.78
CA THR A 97 -5.76 23.57 -15.38
C THR A 97 -4.36 23.48 -15.98
N GLY A 98 -3.83 22.26 -16.01
CA GLY A 98 -2.53 21.98 -16.60
C GLY A 98 -1.78 20.96 -15.77
N THR A 99 -0.49 20.79 -16.04
CA THR A 99 0.34 19.85 -15.30
C THR A 99 1.10 20.57 -14.18
N TRP A 100 0.74 20.26 -12.94
CA TRP A 100 1.37 20.82 -11.76
C TRP A 100 2.40 19.82 -11.21
N SER A 101 3.12 20.22 -10.18
CA SER A 101 3.95 19.29 -9.42
C SER A 101 3.87 19.64 -7.94
N TYR A 102 4.17 18.67 -7.08
CA TYR A 102 4.28 18.95 -5.66
C TYR A 102 5.45 18.22 -5.02
N THR A 103 6.03 18.86 -4.03
CA THR A 103 7.10 18.27 -3.24
C THR A 103 6.79 18.48 -1.79
N VAL A 104 7.35 17.63 -0.93
CA VAL A 104 7.26 17.88 0.49
C VAL A 104 8.66 18.29 0.97
N GLU A 105 8.74 19.36 1.76
CA GLU A 105 10.00 19.78 2.35
C GLU A 105 9.97 19.45 3.82
N ALA A 106 11.04 18.83 4.31
CA ALA A 106 11.14 18.47 5.72
C ALA A 106 12.32 19.20 6.36
N TRP A 107 12.22 19.51 7.64
CA TRP A 107 13.26 20.30 8.27
C TRP A 107 13.34 20.09 9.77
N GLY A 108 14.52 20.33 10.34
CA GLY A 108 14.64 20.41 11.77
C GLY A 108 13.94 21.67 12.24
N ASP A 109 13.18 21.55 13.32
CA ASP A 109 12.47 22.68 13.92
C ASP A 109 13.11 23.05 15.28
N PRO A 110 14.25 23.76 15.23
CA PRO A 110 15.01 23.99 16.48
C PRO A 110 14.25 24.85 17.49
N VAL A 111 13.46 25.81 17.03
CA VAL A 111 12.74 26.67 17.95
C VAL A 111 11.73 25.90 18.80
N THR A 112 10.94 25.02 18.18
CA THR A 112 10.03 24.16 18.94
C THR A 112 10.80 23.31 19.93
N THR A 113 11.95 22.81 19.47
CA THR A 113 12.80 21.99 20.33
C THR A 113 13.25 22.79 21.55
N TRP A 114 13.77 23.99 21.30
CA TRP A 114 14.27 24.83 22.38
C TRP A 114 13.18 25.24 23.36
N ARG A 115 12.02 25.62 22.85
CA ARG A 115 10.91 26.02 23.70
C ARG A 115 10.52 24.93 24.65
N HIS A 116 10.47 23.71 24.15
CA HIS A 116 10.09 22.58 24.98
C HIS A 116 11.13 22.37 26.09
N HIS A 117 12.41 22.46 25.74
CA HIS A 117 13.45 22.30 26.75
C HIS A 117 13.42 23.47 27.75
N ALA A 118 13.22 24.68 27.25
CA ALA A 118 13.29 25.87 28.11
C ALA A 118 12.12 25.90 29.09
N ARG A 119 10.93 25.50 28.63
CA ARG A 119 9.76 25.54 29.49
C ARG A 119 9.92 24.61 30.69
N ILE A 120 10.76 23.59 30.53
CA ILE A 120 11.08 22.69 31.65
C ILE A 120 12.26 23.18 32.50
N LYS A 121 13.37 23.52 31.85
CA LYS A 121 14.59 23.81 32.57
C LYS A 121 14.56 25.12 33.36
N ILE A 122 13.88 26.14 32.83
CA ILE A 122 13.84 27.43 33.52
C ILE A 122 13.15 27.35 34.90
N PRO A 123 11.97 26.72 34.99
CA PRO A 123 11.39 26.59 36.34
C PRO A 123 12.26 25.80 37.32
N ALA A 124 13.00 24.81 36.83
CA ALA A 124 13.85 23.99 37.69
C ALA A 124 15.21 24.61 38.04
N GLY A 125 15.49 25.81 37.52
CA GLY A 125 16.77 26.47 37.78
C GLY A 125 18.00 25.75 37.26
N LEU A 126 17.83 24.96 36.20
CA LEU A 126 18.92 24.16 35.64
C LEU A 126 19.74 24.91 34.57
N ASP A 127 20.90 25.43 34.99
CA ASP A 127 21.71 26.45 34.27
C ASP A 127 20.89 27.31 33.29
N THR A 128 20.15 28.25 33.87
CA THR A 128 19.17 29.00 33.13
C THR A 128 19.86 30.02 32.22
N ASP A 129 21.00 30.57 32.64
CA ASP A 129 21.73 31.53 31.83
C ASP A 129 22.12 30.90 30.50
N LEU A 130 22.55 29.65 30.57
CA LEU A 130 22.96 28.93 29.38
C LEU A 130 21.78 28.66 28.43
N VAL A 131 20.68 28.15 28.97
CA VAL A 131 19.48 27.86 28.17
C VAL A 131 18.96 29.13 27.48
N LEU A 132 18.95 30.23 28.21
CA LEU A 132 18.44 31.48 27.67
C LEU A 132 19.38 32.05 26.60
N GLU A 133 20.69 31.89 26.78
CA GLU A 133 21.60 32.39 25.75
C GLU A 133 21.49 31.54 24.47
N GLU A 134 21.14 30.25 24.63
CA GLU A 134 20.93 29.37 23.48
C GLU A 134 19.69 29.78 22.70
N GLY A 135 18.66 30.24 23.41
CA GLY A 135 17.44 30.70 22.77
C GLY A 135 17.64 32.04 22.08
N ALA A 136 18.45 32.91 22.68
CA ALA A 136 18.78 34.17 22.05
C ALA A 136 19.47 33.94 20.70
N ARG A 137 20.41 33.01 20.66
CA ARG A 137 21.13 32.77 19.41
C ARG A 137 20.22 32.16 18.36
N LEU A 138 19.26 31.34 18.78
CA LEU A 138 18.27 30.79 17.86
C LEU A 138 17.44 31.90 17.26
N TYR A 139 16.93 32.77 18.12
CA TYR A 139 16.07 33.86 17.66
C TYR A 139 16.83 34.87 16.81
N GLU A 140 18.12 35.04 17.11
CA GLU A 140 18.98 35.82 16.22
C GLU A 140 19.04 35.22 14.81
N ARG A 141 19.27 33.91 14.72
CA ARG A 141 19.25 33.20 13.44
C ARG A 141 17.91 33.35 12.72
N ALA A 142 16.83 33.18 13.46
CA ALA A 142 15.49 33.30 12.91
C ALA A 142 15.20 34.69 12.38
N ALA A 143 15.74 35.70 13.04
CA ALA A 143 15.50 37.08 12.66
C ALA A 143 16.22 37.45 11.37
N ALA A 144 17.41 36.89 11.17
CA ALA A 144 18.24 37.22 10.02
C ALA A 144 17.55 36.95 8.70
N ASP A 145 16.60 36.01 8.68
CA ASP A 145 15.91 35.61 7.45
C ASP A 145 14.58 36.32 7.19
N VAL A 146 13.91 36.78 8.24
CA VAL A 146 12.60 37.40 8.05
C VAL A 146 12.75 38.67 7.21
N PRO A 147 11.91 38.82 6.18
CA PRO A 147 11.96 39.98 5.27
C PRO A 147 11.35 41.23 5.92
N GLY A 148 10.17 41.09 6.53
CA GLY A 148 9.51 42.18 7.23
C GLY A 148 10.39 42.83 8.28
N ARG A 149 10.52 44.15 8.19
CA ARG A 149 11.37 44.91 9.11
C ARG A 149 10.73 45.02 10.49
N GLU A 150 9.39 44.98 10.51
CA GLU A 150 8.64 45.02 11.75
C GLU A 150 8.71 43.67 12.46
N ASP A 151 8.64 42.59 11.67
CA ASP A 151 8.81 41.26 12.21
C ASP A 151 10.21 41.09 12.80
N ARG A 152 11.21 41.61 12.10
CA ARG A 152 12.60 41.48 12.52
C ARG A 152 12.86 42.16 13.86
N ARG A 153 12.40 43.39 14.01
CA ARG A 153 12.60 44.13 15.27
C ARG A 153 11.81 43.47 16.41
N GLU A 154 10.71 42.79 16.07
CA GLU A 154 9.96 42.04 17.07
C GLU A 154 10.76 40.85 17.60
N LEU A 155 11.45 40.13 16.72
CA LEU A 155 12.28 39.01 17.14
C LEU A 155 13.52 39.46 17.88
N LEU A 156 14.15 40.52 17.38
CA LEU A 156 15.37 40.99 18.02
C LEU A 156 15.06 41.62 19.39
N ALA A 157 13.81 42.04 19.56
CA ALA A 157 13.36 42.55 20.86
C ALA A 157 13.30 41.40 21.86
N ALA A 158 12.82 40.26 21.38
CA ALA A 158 12.80 39.06 22.19
C ALA A 158 14.22 38.59 22.49
N VAL A 159 15.14 38.78 21.53
CA VAL A 159 16.54 38.41 21.73
C VAL A 159 17.13 39.23 22.89
N ASP A 160 16.86 40.52 22.89
CA ASP A 160 17.39 41.40 23.93
C ASP A 160 16.80 41.06 25.30
N ALA A 161 15.50 40.78 25.35
CA ALA A 161 14.89 40.36 26.60
C ALA A 161 15.51 39.06 27.11
N LEU A 162 15.71 38.10 26.22
CA LEU A 162 16.34 36.82 26.59
C LEU A 162 17.73 37.01 27.18
N ARG A 163 18.44 38.03 26.69
CA ARG A 163 19.81 38.27 27.11
C ARG A 163 19.97 39.26 28.29
N ASP A 164 18.88 39.81 28.81
CA ASP A 164 18.95 40.77 29.91
C ASP A 164 19.19 40.07 31.25
N GLU A 165 20.46 39.91 31.62
CA GLU A 165 20.81 39.14 32.80
C GLU A 165 20.37 39.78 34.11
N SER A 166 19.95 41.05 34.06
CA SER A 166 19.49 41.74 35.27
C SER A 166 18.02 41.47 35.60
N ARG A 167 17.37 40.60 34.81
CA ARG A 167 15.94 40.29 34.98
C ARG A 167 15.74 38.84 35.41
N PRO A 168 14.62 38.54 36.11
CA PRO A 168 14.35 37.15 36.49
C PRO A 168 14.30 36.20 35.30
N ALA A 169 14.76 34.97 35.49
CA ALA A 169 14.82 34.00 34.40
C ALA A 169 13.48 33.80 33.72
N ALA A 170 12.42 33.62 34.53
CA ALA A 170 11.09 33.29 34.02
C ALA A 170 10.56 34.35 33.07
N SER A 171 10.91 35.60 33.36
CA SER A 171 10.38 36.70 32.58
C SER A 171 11.23 36.91 31.32
N ARG A 172 12.51 36.56 31.39
CA ARG A 172 13.36 36.56 30.20
C ARG A 172 12.80 35.55 29.19
N LEU A 173 12.50 34.33 29.66
CA LEU A 173 11.87 33.31 28.83
C LEU A 173 10.47 33.73 28.34
N ALA A 174 9.64 34.24 29.24
CA ALA A 174 8.26 34.63 28.90
C ALA A 174 8.23 35.62 27.75
N ALA A 175 9.22 36.48 27.68
CA ALA A 175 9.30 37.44 26.58
C ALA A 175 9.56 36.78 25.21
N ALA A 176 10.02 35.54 25.22
CA ALA A 176 10.26 34.83 23.97
C ALA A 176 9.05 34.04 23.53
N LEU A 177 8.01 34.03 24.38
CA LEU A 177 6.86 33.16 24.13
C LEU A 177 5.56 33.93 23.95
N THR A 178 5.66 35.23 23.67
CA THR A 178 4.49 36.05 23.47
C THR A 178 3.82 35.70 22.14
N PRO A 179 2.50 35.91 22.04
CA PRO A 179 1.78 35.63 20.80
C PRO A 179 2.30 36.40 19.59
N GLN A 180 2.76 37.63 19.76
CA GLN A 180 3.30 38.38 18.63
C GLN A 180 4.65 37.81 18.17
N VAL A 181 5.38 37.13 19.06
CA VAL A 181 6.55 36.38 18.64
C VAL A 181 6.10 35.09 17.91
N ASP A 182 5.08 34.42 18.45
CA ASP A 182 4.51 33.23 17.81
C ASP A 182 4.05 33.50 16.39
N ALA A 183 3.43 34.67 16.18
CA ALA A 183 2.84 35.00 14.90
C ALA A 183 3.93 35.14 13.84
N VAL A 184 4.99 35.87 14.18
CA VAL A 184 6.14 35.99 13.29
C VAL A 184 6.70 34.63 12.86
N LEU A 185 6.90 33.75 13.83
CA LEU A 185 7.56 32.46 13.57
C LEU A 185 6.63 31.44 12.93
N ALA A 186 5.33 31.70 12.96
CA ALA A 186 4.38 30.82 12.28
C ALA A 186 4.42 31.14 10.79
N ARG A 187 4.75 32.41 10.51
CA ARG A 187 4.83 32.95 9.16
C ARG A 187 6.17 32.71 8.52
N HIS A 188 7.21 32.57 9.36
CA HIS A 188 8.58 32.45 8.88
C HIS A 188 9.41 31.63 9.84
N PRO A 189 9.11 30.33 9.94
CA PRO A 189 9.81 29.54 10.95
C PRO A 189 11.27 29.38 10.60
N LEU A 190 12.08 29.08 11.60
CA LEU A 190 13.47 28.79 11.37
C LEU A 190 13.57 27.32 10.99
N ARG A 191 13.99 27.05 9.76
CA ARG A 191 14.06 25.69 9.26
C ARG A 191 15.52 25.23 9.09
N ASP A 192 15.88 24.14 9.78
CA ASP A 192 17.22 23.56 9.65
C ASP A 192 17.25 22.38 8.68
N LEU A 193 18.33 22.28 7.90
CA LEU A 193 18.62 21.07 7.14
C LEU A 193 17.47 20.70 6.21
N VAL A 194 16.94 21.70 5.51
CA VAL A 194 15.76 21.51 4.67
C VAL A 194 16.00 20.42 3.65
N THR A 195 15.12 19.43 3.63
CA THR A 195 15.26 18.30 2.72
C THR A 195 13.99 18.19 1.91
N SER A 196 14.15 17.91 0.63
CA SER A 196 13.02 17.88 -0.27
C SER A 196 12.83 16.49 -0.89
N SER A 197 11.57 16.08 -1.05
CA SER A 197 11.24 14.93 -1.86
C SER A 197 11.45 15.25 -3.35
N ASP A 198 11.48 14.22 -4.19
CA ASP A 198 11.44 14.43 -5.64
C ASP A 198 10.03 14.82 -6.07
N PRO A 199 9.91 15.74 -7.04
CA PRO A 199 8.59 16.23 -7.44
C PRO A 199 7.67 15.14 -7.96
N LEU A 200 6.38 15.19 -7.60
CA LEU A 200 5.38 14.29 -8.16
C LEU A 200 4.41 15.08 -9.05
N PRO A 201 3.90 14.46 -10.13
CA PRO A 201 3.04 15.16 -11.08
C PRO A 201 1.58 15.20 -10.65
N LEU A 202 0.92 16.32 -10.94
CA LEU A 202 -0.50 16.46 -10.65
C LEU A 202 -1.20 16.97 -11.90
N LEU A 203 -2.21 16.26 -12.38
CA LEU A 203 -2.96 16.76 -13.54
C LEU A 203 -4.21 17.48 -13.05
N VAL A 204 -4.30 18.77 -13.33
CA VAL A 204 -5.49 19.52 -12.95
C VAL A 204 -6.36 19.74 -14.18
N GLU A 205 -7.64 19.37 -14.06
CA GLU A 205 -8.55 19.44 -15.22
C GLU A 205 -9.76 20.30 -14.89
N ARG A 206 -10.61 20.55 -15.88
CA ARG A 206 -11.70 21.49 -15.67
C ARG A 206 -12.76 20.93 -14.74
N GLU A 207 -13.61 21.82 -14.22
CA GLU A 207 -14.59 21.46 -13.22
C GLU A 207 -15.48 20.27 -13.62
N ARG A 208 -15.89 20.24 -14.89
CA ARG A 208 -16.85 19.25 -15.38
C ARG A 208 -16.32 17.81 -15.23
N ALA A 209 -15.00 17.66 -15.16
CA ALA A 209 -14.43 16.32 -15.05
C ALA A 209 -14.83 15.70 -13.74
N LEU A 210 -15.02 16.51 -12.70
CA LEU A 210 -15.42 15.97 -11.40
C LEU A 210 -16.90 16.17 -11.10
N TYR A 211 -17.44 17.30 -11.53
CA TYR A 211 -18.77 17.74 -11.13
C TYR A 211 -19.68 18.00 -12.31
N GLY A 212 -20.87 17.42 -12.29
CA GLY A 212 -21.81 17.59 -13.39
C GLY A 212 -22.97 16.62 -13.30
N ALA A 213 -24.12 17.03 -13.82
CA ALA A 213 -25.25 16.10 -13.87
C ALA A 213 -25.58 15.75 -15.32
N TRP A 214 -25.71 14.44 -15.57
CA TRP A 214 -25.78 13.91 -16.93
C TRP A 214 -27.15 13.35 -17.25
N TYR A 215 -27.57 13.54 -18.49
CA TYR A 215 -28.82 12.98 -18.94
C TYR A 215 -28.61 12.23 -20.24
N GLU A 216 -28.92 10.94 -20.24
CA GLU A 216 -28.84 10.16 -21.46
C GLU A 216 -30.20 10.02 -22.19
N PHE A 217 -30.27 10.40 -23.47
CA PHE A 217 -31.47 10.07 -24.25
C PHE A 217 -31.16 9.79 -25.73
N PHE A 218 -32.10 9.13 -26.41
CA PHE A 218 -31.98 8.80 -27.83
C PHE A 218 -32.71 9.82 -28.67
N PRO A 219 -31.99 10.61 -29.47
CA PRO A 219 -32.64 11.60 -30.35
C PRO A 219 -33.73 11.00 -31.25
N ARG A 220 -33.55 9.79 -31.77
CA ARG A 220 -34.54 9.22 -32.68
C ARG A 220 -35.89 9.01 -32.02
N SER A 221 -35.91 8.88 -30.70
CA SER A 221 -37.16 8.64 -30.01
C SER A 221 -37.98 9.92 -29.84
N GLU A 222 -37.35 11.07 -30.02
CA GLU A 222 -38.04 12.36 -29.84
C GLU A 222 -38.47 12.89 -31.19
N GLY A 223 -39.36 12.17 -31.85
CA GLY A 223 -39.89 12.59 -33.13
C GLY A 223 -41.31 13.13 -33.07
N THR A 224 -42.09 12.89 -34.12
CA THR A 224 -43.40 13.53 -34.30
C THR A 224 -44.45 12.51 -34.77
N PRO A 225 -45.75 12.87 -34.70
CA PRO A 225 -46.75 11.96 -35.26
C PRO A 225 -46.54 11.66 -36.73
N HIS A 226 -46.17 12.68 -37.52
CA HIS A 226 -46.02 12.50 -38.95
C HIS A 226 -44.65 11.94 -39.33
N THR A 227 -43.70 12.07 -38.41
CA THR A 227 -42.35 11.53 -38.61
C THR A 227 -41.84 10.97 -37.29
N PRO A 228 -42.16 9.71 -37.01
CA PRO A 228 -41.87 9.05 -35.74
C PRO A 228 -40.36 9.00 -35.41
N HIS A 229 -39.51 8.81 -36.41
CA HIS A 229 -38.07 8.78 -36.18
C HIS A 229 -37.58 10.21 -36.02
N GLY A 230 -37.15 10.54 -34.80
CA GLY A 230 -36.71 11.88 -34.48
C GLY A 230 -35.53 12.34 -35.29
N THR A 231 -35.37 13.66 -35.41
CA THR A 231 -34.23 14.27 -36.06
C THR A 231 -33.48 15.14 -35.07
N PHE A 232 -32.32 15.65 -35.46
CA PHE A 232 -31.65 16.58 -34.56
C PHE A 232 -32.50 17.83 -34.32
N ARG A 233 -33.30 18.22 -35.30
CA ARG A 233 -34.13 19.42 -35.13
C ARG A 233 -35.31 19.16 -34.20
N THR A 234 -35.91 17.96 -34.25
CA THR A 234 -36.98 17.69 -33.29
C THR A 234 -36.40 17.35 -31.93
N ALA A 235 -35.25 16.68 -31.91
CA ALA A 235 -34.63 16.32 -30.64
C ALA A 235 -34.17 17.56 -29.85
N ALA A 236 -33.87 18.64 -30.54
CA ALA A 236 -33.51 19.89 -29.89
C ALA A 236 -34.64 20.42 -28.98
N ARG A 237 -35.88 20.11 -29.32
CA ARG A 237 -37.03 20.60 -28.54
C ARG A 237 -37.18 19.87 -27.21
N ARG A 238 -36.49 18.76 -27.06
CA ARG A 238 -36.46 18.04 -25.80
C ARG A 238 -35.44 18.67 -24.83
N LEU A 239 -34.45 19.40 -25.36
CA LEU A 239 -33.39 19.98 -24.53
C LEU A 239 -33.88 20.95 -23.42
N PRO A 240 -34.82 21.88 -23.73
CA PRO A 240 -35.27 22.78 -22.65
C PRO A 240 -35.74 22.04 -21.42
N ALA A 241 -36.47 20.95 -21.56
CA ALA A 241 -36.93 20.24 -20.37
C ALA A 241 -35.74 19.60 -19.64
N ILE A 242 -34.70 19.26 -20.38
CA ILE A 242 -33.54 18.62 -19.77
C ILE A 242 -32.72 19.66 -18.99
N ALA A 243 -32.53 20.84 -19.59
CA ALA A 243 -31.92 21.96 -18.88
C ALA A 243 -32.75 22.35 -17.65
N ALA A 244 -34.07 22.35 -17.77
CA ALA A 244 -34.94 22.72 -16.64
C ALA A 244 -34.83 21.73 -15.48
N MET A 245 -34.41 20.49 -15.75
CA MET A 245 -34.19 19.53 -14.68
C MET A 245 -32.84 19.76 -14.02
N GLY A 246 -32.08 20.72 -14.53
CA GLY A 246 -30.80 21.04 -13.93
C GLY A 246 -29.65 20.15 -14.34
N PHE A 247 -29.72 19.59 -15.56
CA PHE A 247 -28.59 18.81 -16.06
C PHE A 247 -27.59 19.69 -16.76
N ASP A 248 -26.35 19.20 -16.84
CA ASP A 248 -25.27 19.94 -17.46
C ASP A 248 -24.79 19.27 -18.73
N VAL A 249 -24.97 17.95 -18.79
CA VAL A 249 -24.45 17.18 -19.90
C VAL A 249 -25.53 16.27 -20.46
N VAL A 250 -25.62 16.26 -21.78
CA VAL A 250 -26.55 15.41 -22.48
C VAL A 250 -25.71 14.38 -23.24
N TYR A 251 -25.93 13.10 -22.94
CA TYR A 251 -25.16 12.02 -23.55
C TYR A 251 -26.04 11.28 -24.54
N LEU A 252 -25.55 11.23 -25.77
CA LEU A 252 -26.26 10.62 -26.89
C LEU A 252 -25.61 9.30 -27.25
N PRO A 253 -26.40 8.23 -27.41
CA PRO A 253 -25.91 6.99 -28.03
C PRO A 253 -25.43 7.31 -29.44
N PRO A 254 -24.66 6.40 -30.07
CA PRO A 254 -24.11 6.66 -31.40
C PRO A 254 -25.10 7.27 -32.38
N ILE A 255 -24.65 8.29 -33.10
CA ILE A 255 -25.48 9.07 -34.00
C ILE A 255 -25.13 8.80 -35.45
N HIS A 256 -24.53 7.65 -35.71
CA HIS A 256 -24.05 7.32 -37.05
C HIS A 256 -25.04 6.41 -37.78
N PRO A 257 -24.82 6.17 -39.09
CA PRO A 257 -25.64 5.15 -39.76
C PRO A 257 -25.55 3.80 -39.04
N ILE A 258 -26.63 3.03 -39.15
CA ILE A 258 -26.77 1.74 -38.49
C ILE A 258 -26.85 0.64 -39.55
N GLY A 259 -26.07 -0.42 -39.37
CA GLY A 259 -26.04 -1.50 -40.36
C GLY A 259 -27.35 -2.25 -40.47
N THR A 260 -27.49 -2.98 -41.58
CA THR A 260 -28.67 -3.80 -41.86
C THR A 260 -28.34 -5.29 -41.70
N THR A 261 -27.11 -5.69 -42.04
CA THR A 261 -26.71 -7.08 -41.89
C THR A 261 -26.72 -7.49 -40.43
N HIS A 262 -27.59 -8.44 -40.12
CA HIS A 262 -27.77 -8.98 -38.78
C HIS A 262 -28.30 -7.93 -37.81
N ARG A 263 -28.96 -6.91 -38.35
CA ARG A 263 -29.63 -5.91 -37.53
C ARG A 263 -30.57 -6.59 -36.54
N LYS A 264 -30.50 -6.19 -35.28
CA LYS A 264 -31.36 -6.81 -34.28
C LYS A 264 -32.77 -6.22 -34.30
N GLY A 265 -33.75 -7.03 -33.91
CA GLY A 265 -35.14 -6.60 -33.93
C GLY A 265 -35.56 -6.16 -32.54
N ARG A 266 -36.83 -5.82 -32.36
CA ARG A 266 -37.34 -5.35 -31.07
C ARG A 266 -37.08 -6.39 -30.01
N ASN A 267 -36.87 -5.90 -28.79
CA ASN A 267 -36.54 -6.73 -27.63
C ASN A 267 -35.34 -7.63 -27.78
N ASN A 268 -34.38 -7.19 -28.59
CA ASN A 268 -33.12 -7.91 -28.76
C ASN A 268 -33.34 -9.28 -29.41
N THR A 269 -34.29 -9.33 -30.34
CA THR A 269 -34.48 -10.52 -31.16
C THR A 269 -33.48 -10.49 -32.31
N LEU A 270 -33.12 -11.65 -32.84
CA LEU A 270 -31.97 -11.75 -33.73
C LEU A 270 -32.26 -11.26 -35.13
N SER A 271 -33.53 -11.20 -35.49
CA SER A 271 -33.90 -10.84 -36.85
C SER A 271 -34.79 -9.58 -36.90
N ALA A 272 -34.26 -8.51 -37.49
CA ALA A 272 -35.00 -7.29 -37.68
C ALA A 272 -35.97 -7.43 -38.83
N THR A 273 -37.15 -6.84 -38.71
CA THR A 273 -38.13 -6.90 -39.78
C THR A 273 -38.70 -5.53 -40.10
N GLY A 274 -39.00 -5.32 -41.37
CA GLY A 274 -39.74 -4.14 -41.79
C GLY A 274 -39.01 -2.87 -41.48
N ASP A 275 -39.54 -2.11 -40.54
CA ASP A 275 -38.98 -0.79 -40.27
C ASP A 275 -38.22 -0.73 -38.94
N ASP A 276 -37.96 -1.88 -38.34
CA ASP A 276 -37.09 -1.95 -37.17
C ASP A 276 -35.83 -1.08 -37.35
N VAL A 277 -35.59 -0.20 -36.39
CA VAL A 277 -34.53 0.80 -36.54
C VAL A 277 -33.14 0.28 -36.15
N GLY A 278 -33.09 -0.85 -35.44
CA GLY A 278 -31.82 -1.45 -35.05
C GLY A 278 -31.13 -0.78 -33.85
N SER A 279 -30.02 -1.38 -33.39
CA SER A 279 -29.23 -0.79 -32.32
C SER A 279 -28.27 0.26 -32.86
N PRO A 280 -28.27 1.46 -32.23
CA PRO A 280 -27.36 2.54 -32.63
C PRO A 280 -25.89 2.14 -32.49
N TRP A 281 -25.61 1.16 -31.63
CA TRP A 281 -24.25 0.71 -31.43
C TRP A 281 -23.74 -0.18 -32.57
N ALA A 282 -24.63 -0.53 -33.50
CA ALA A 282 -24.21 -1.31 -34.67
C ALA A 282 -23.81 -0.35 -35.76
N ILE A 283 -22.64 0.24 -35.59
CA ILE A 283 -22.26 1.41 -36.36
C ILE A 283 -21.75 1.10 -37.76
N GLY A 284 -22.30 1.83 -38.73
CA GLY A 284 -21.76 1.87 -40.08
C GLY A 284 -22.59 1.17 -41.14
N SER A 285 -22.64 1.82 -42.30
CA SER A 285 -23.28 1.31 -43.50
C SER A 285 -22.59 1.98 -44.69
N PRO A 286 -22.99 1.65 -45.95
CA PRO A 286 -22.40 2.41 -47.06
C PRO A 286 -22.75 3.91 -47.03
N GLU A 287 -23.70 4.29 -46.19
CA GLU A 287 -24.01 5.70 -45.96
C GLU A 287 -22.89 6.39 -45.18
N GLY A 288 -22.06 5.61 -44.50
CA GLY A 288 -20.92 6.16 -43.79
C GLY A 288 -20.65 5.50 -42.45
N GLY A 289 -19.58 5.92 -41.80
CA GLY A 289 -19.15 5.34 -40.54
C GLY A 289 -19.17 6.27 -39.33
N HIS A 290 -18.13 6.16 -38.51
CA HIS A 290 -18.09 6.89 -37.25
C HIS A 290 -17.97 8.40 -37.43
N ASP A 291 -17.63 8.86 -38.63
CA ASP A 291 -17.57 10.29 -38.87
C ASP A 291 -18.81 10.78 -39.60
N SER A 292 -19.87 9.98 -39.63
CA SER A 292 -21.09 10.34 -40.36
C SER A 292 -22.33 10.40 -39.48
N ILE A 293 -23.37 11.04 -39.99
CA ILE A 293 -24.64 11.14 -39.31
C ILE A 293 -25.63 10.16 -39.95
N HIS A 294 -26.35 9.40 -39.12
CA HIS A 294 -27.54 8.66 -39.54
C HIS A 294 -28.46 9.51 -40.41
N PRO A 295 -28.74 9.05 -41.64
CA PRO A 295 -29.58 9.81 -42.58
C PRO A 295 -30.90 10.29 -41.96
N ALA A 296 -31.53 9.46 -41.14
CA ALA A 296 -32.81 9.82 -40.54
C ALA A 296 -32.69 10.87 -39.42
N LEU A 297 -31.49 11.08 -38.90
CA LEU A 297 -31.28 12.12 -37.88
C LEU A 297 -31.09 13.48 -38.54
N GLY A 298 -30.65 13.46 -39.79
CA GLY A 298 -30.40 14.69 -40.53
C GLY A 298 -28.97 14.83 -40.99
N THR A 299 -28.51 16.07 -41.12
CA THR A 299 -27.18 16.37 -41.62
C THR A 299 -26.30 16.96 -40.52
N LEU A 300 -25.03 17.19 -40.85
CA LEU A 300 -24.09 17.78 -39.94
C LEU A 300 -24.54 19.19 -39.51
N ASP A 301 -25.10 19.96 -40.46
CA ASP A 301 -25.69 21.26 -40.15
C ASP A 301 -26.79 21.16 -39.11
N ASP A 302 -27.60 20.10 -39.23
CA ASP A 302 -28.64 19.85 -38.25
C ASP A 302 -28.02 19.54 -36.90
N PHE A 303 -26.91 18.79 -36.91
CA PHE A 303 -26.18 18.50 -35.67
C PHE A 303 -25.65 19.78 -35.04
N ASP A 304 -25.06 20.65 -35.87
CA ASP A 304 -24.54 21.93 -35.40
C ASP A 304 -25.63 22.75 -34.74
N HIS A 305 -26.84 22.71 -35.31
CA HIS A 305 -27.98 23.43 -34.74
C HIS A 305 -28.29 22.85 -33.37
N PHE A 306 -28.28 21.52 -33.28
CA PHE A 306 -28.56 20.85 -32.02
C PHE A 306 -27.52 21.23 -30.94
N VAL A 307 -26.26 21.29 -31.32
CA VAL A 307 -25.19 21.65 -30.36
C VAL A 307 -25.31 23.09 -29.90
N THR A 308 -25.59 23.98 -30.84
CA THR A 308 -25.82 25.39 -30.54
C THR A 308 -26.97 25.58 -29.58
N GLU A 309 -28.09 24.89 -29.81
CA GLU A 309 -29.23 24.97 -28.92
C GLU A 309 -28.89 24.44 -27.54
N ALA A 310 -28.09 23.38 -27.49
CA ALA A 310 -27.66 22.82 -26.22
C ALA A 310 -26.86 23.85 -25.43
N GLY A 311 -25.89 24.47 -26.10
CA GLY A 311 -25.08 25.53 -25.50
C GLY A 311 -25.90 26.68 -24.93
N LYS A 312 -26.96 27.07 -25.64
CA LYS A 312 -27.84 28.14 -25.17
C LYS A 312 -28.47 27.79 -23.83
N LEU A 313 -28.66 26.49 -23.61
CA LEU A 313 -29.33 26.05 -22.41
C LEU A 313 -28.34 25.64 -21.32
N GLY A 314 -27.05 25.85 -21.55
CA GLY A 314 -26.03 25.46 -20.58
C GLY A 314 -25.79 23.96 -20.55
N LEU A 315 -25.93 23.31 -21.70
CA LEU A 315 -25.76 21.88 -21.79
C LEU A 315 -24.61 21.53 -22.71
N GLU A 316 -23.72 20.65 -22.24
CA GLU A 316 -22.66 20.11 -23.11
C GLU A 316 -23.07 18.78 -23.71
N ILE A 317 -22.61 18.51 -24.94
CA ILE A 317 -22.89 17.24 -25.58
C ILE A 317 -21.78 16.23 -25.29
N ALA A 318 -22.18 15.03 -24.88
CA ALA A 318 -21.26 13.90 -24.79
C ALA A 318 -21.66 12.88 -25.83
N LEU A 319 -20.78 12.62 -26.79
CA LEU A 319 -21.08 11.57 -27.78
C LEU A 319 -20.50 10.24 -27.34
N ASP A 320 -21.26 9.19 -27.64
CA ASP A 320 -20.81 7.82 -27.49
C ASP A 320 -19.75 7.49 -28.52
N PHE A 321 -18.58 7.03 -28.07
CA PHE A 321 -17.58 6.51 -28.98
C PHE A 321 -17.48 5.01 -28.79
N ALA A 322 -17.89 4.26 -29.81
CA ALA A 322 -17.85 2.83 -29.74
C ALA A 322 -16.99 2.31 -30.90
N LEU A 323 -15.82 1.82 -30.55
CA LEU A 323 -14.87 1.36 -31.55
C LEU A 323 -15.20 -0.10 -31.90
N GLN A 324 -16.12 -0.25 -32.84
CA GLN A 324 -16.67 -1.53 -33.25
C GLN A 324 -17.46 -1.20 -34.51
N CYS A 325 -17.86 -2.21 -35.26
CA CYS A 325 -18.48 -2.02 -36.58
C CYS A 325 -19.60 -2.98 -36.82
N SER A 326 -20.65 -2.52 -37.47
CA SER A 326 -21.60 -3.44 -38.07
C SER A 326 -20.89 -4.12 -39.26
N PRO A 327 -21.45 -5.23 -39.79
CA PRO A 327 -20.79 -5.87 -40.94
C PRO A 327 -20.85 -5.01 -42.20
N ASP A 328 -21.66 -3.96 -42.17
CA ASP A 328 -21.86 -3.09 -43.34
C ASP A 328 -20.99 -1.84 -43.28
N HIS A 329 -20.15 -1.76 -42.24
CA HIS A 329 -19.25 -0.62 -42.08
C HIS A 329 -18.20 -0.68 -43.16
N PRO A 330 -17.89 0.46 -43.80
CA PRO A 330 -16.88 0.53 -44.85
C PRO A 330 -15.50 -0.01 -44.42
N TRP A 331 -15.16 0.11 -43.15
CA TRP A 331 -13.88 -0.42 -42.67
C TRP A 331 -13.69 -1.91 -42.93
N VAL A 332 -14.79 -2.65 -42.92
CA VAL A 332 -14.72 -4.10 -43.03
C VAL A 332 -13.98 -4.53 -44.29
N HIS A 333 -14.20 -3.85 -45.41
CA HIS A 333 -13.50 -4.21 -46.63
C HIS A 333 -12.33 -3.27 -46.93
N LYS A 334 -12.38 -2.04 -46.42
CA LYS A 334 -11.28 -1.12 -46.62
C LYS A 334 -10.07 -1.46 -45.72
N HIS A 335 -10.34 -1.96 -44.52
CA HIS A 335 -9.28 -2.29 -43.59
C HIS A 335 -9.51 -3.66 -42.95
N PRO A 336 -9.35 -4.73 -43.73
CA PRO A 336 -9.72 -6.04 -43.19
C PRO A 336 -8.85 -6.46 -42.03
N GLU A 337 -7.66 -5.89 -41.92
CA GLU A 337 -6.73 -6.30 -40.86
C GLU A 337 -7.03 -5.60 -39.53
N TRP A 338 -8.08 -4.77 -39.51
CA TRP A 338 -8.57 -4.22 -38.25
C TRP A 338 -9.59 -5.17 -37.61
N PHE A 339 -9.68 -6.36 -38.14
CA PHE A 339 -10.61 -7.37 -37.63
C PHE A 339 -9.93 -8.70 -37.56
N HIS A 340 -10.33 -9.50 -36.60
CA HIS A 340 -9.83 -10.86 -36.48
C HIS A 340 -10.67 -11.79 -37.34
N HIS A 341 -10.04 -12.49 -38.27
CA HIS A 341 -10.76 -13.42 -39.14
C HIS A 341 -10.50 -14.88 -38.77
N ARG A 342 -11.54 -15.68 -38.89
CA ARG A 342 -11.41 -17.11 -38.64
C ARG A 342 -10.88 -17.77 -39.91
N PRO A 343 -10.51 -19.05 -39.83
CA PRO A 343 -9.93 -19.70 -41.01
C PRO A 343 -10.80 -19.65 -42.27
N ASP A 344 -12.12 -19.62 -42.14
CA ASP A 344 -12.99 -19.57 -43.31
C ASP A 344 -13.19 -18.14 -43.80
N GLY A 345 -12.51 -17.20 -43.18
CA GLY A 345 -12.59 -15.81 -43.57
C GLY A 345 -13.62 -14.98 -42.83
N THR A 346 -14.48 -15.63 -42.03
CA THR A 346 -15.53 -14.90 -41.34
C THR A 346 -15.01 -14.15 -40.10
N ILE A 347 -15.75 -13.13 -39.70
CA ILE A 347 -15.45 -12.40 -38.49
C ILE A 347 -16.50 -12.73 -37.43
N ALA A 348 -16.07 -13.35 -36.33
CA ALA A 348 -16.96 -13.62 -35.18
C ALA A 348 -17.52 -12.34 -34.60
N HIS A 349 -18.80 -12.36 -34.28
CA HIS A 349 -19.47 -11.19 -33.72
C HIS A 349 -19.01 -10.95 -32.28
N ALA A 350 -19.12 -9.72 -31.83
CA ALA A 350 -18.67 -9.38 -30.49
C ALA A 350 -19.49 -10.07 -29.41
N GLU A 351 -18.85 -10.31 -28.26
CA GLU A 351 -19.54 -10.83 -27.09
C GLU A 351 -19.10 -10.10 -25.81
N ASN A 352 -19.97 -10.12 -24.81
CA ASN A 352 -19.62 -9.72 -23.43
C ASN A 352 -20.32 -10.70 -22.51
N PRO A 353 -19.88 -11.97 -22.52
CA PRO A 353 -20.66 -13.15 -22.12
C PRO A 353 -21.42 -13.00 -20.79
N PRO A 354 -22.63 -13.58 -20.71
CA PRO A 354 -23.24 -14.37 -21.78
C PRO A 354 -24.02 -13.52 -22.79
N LYS A 355 -23.80 -12.20 -22.79
CA LYS A 355 -24.44 -11.34 -23.79
C LYS A 355 -23.78 -11.52 -25.15
N LYS A 356 -24.60 -11.66 -26.18
CA LYS A 356 -24.10 -11.78 -27.54
C LYS A 356 -24.52 -10.57 -28.34
N TYR A 357 -23.60 -10.05 -29.13
CA TYR A 357 -23.89 -8.92 -30.00
C TYR A 357 -23.78 -9.33 -31.48
N GLN A 358 -24.70 -10.15 -31.96
CA GLN A 358 -24.64 -10.67 -33.34
C GLN A 358 -24.61 -9.60 -34.42
N ASP A 359 -24.93 -8.36 -34.06
CA ASP A 359 -25.02 -7.30 -35.06
C ASP A 359 -23.70 -6.54 -35.21
N ILE A 360 -22.69 -6.89 -34.43
CA ILE A 360 -21.41 -6.17 -34.57
C ILE A 360 -20.16 -7.03 -34.58
N TYR A 361 -19.13 -6.49 -35.22
CA TYR A 361 -17.78 -7.04 -35.17
C TYR A 361 -16.91 -6.22 -34.22
N PRO A 362 -16.13 -6.90 -33.36
CA PRO A 362 -15.11 -6.18 -32.57
C PRO A 362 -13.86 -5.90 -33.40
N ILE A 363 -13.14 -4.86 -33.01
CA ILE A 363 -11.91 -4.45 -33.68
C ILE A 363 -10.71 -5.27 -33.20
N ALA A 364 -9.79 -5.59 -34.12
CA ALA A 364 -8.54 -6.24 -33.71
C ALA A 364 -7.42 -5.23 -33.83
N PHE A 365 -6.54 -5.19 -32.83
CA PHE A 365 -5.63 -4.04 -32.71
C PHE A 365 -4.17 -4.32 -33.04
N ASP A 366 -3.78 -5.59 -33.18
CA ASP A 366 -2.35 -5.86 -33.27
C ASP A 366 -1.76 -6.03 -34.68
N ALA A 367 -2.54 -5.83 -35.73
CA ALA A 367 -1.95 -5.83 -37.08
C ALA A 367 -1.64 -4.41 -37.54
N ASP A 368 -2.53 -3.47 -37.26
CA ASP A 368 -2.31 -2.10 -37.65
C ASP A 368 -2.67 -1.12 -36.52
N PRO A 369 -1.92 -1.17 -35.40
CA PRO A 369 -2.25 -0.27 -34.29
C PRO A 369 -2.08 1.20 -34.64
N ASP A 370 -1.12 1.51 -35.51
CA ASP A 370 -0.88 2.91 -35.86
C ASP A 370 -2.03 3.45 -36.68
N GLY A 371 -2.53 2.61 -37.60
CA GLY A 371 -3.63 3.03 -38.44
C GLY A 371 -4.88 3.27 -37.62
N LEU A 372 -5.17 2.36 -36.71
CA LEU A 372 -6.32 2.50 -35.84
C LEU A 372 -6.23 3.73 -34.94
N ALA A 373 -5.06 3.97 -34.37
CA ALA A 373 -4.90 5.11 -33.50
C ALA A 373 -5.09 6.39 -34.30
N THR A 374 -4.53 6.40 -35.50
CA THR A 374 -4.57 7.59 -36.34
C THR A 374 -6.00 7.91 -36.75
N GLU A 375 -6.77 6.86 -37.10
CA GLU A 375 -8.15 7.07 -37.54
C GLU A 375 -9.03 7.42 -36.34
N THR A 376 -8.75 6.79 -35.20
CA THR A 376 -9.51 7.09 -34.00
C THR A 376 -9.40 8.57 -33.60
N VAL A 377 -8.19 9.12 -33.58
CA VAL A 377 -8.08 10.51 -33.14
C VAL A 377 -8.56 11.46 -34.23
N ARG A 378 -8.52 11.02 -35.48
CA ARG A 378 -9.09 11.85 -36.54
C ARG A 378 -10.60 12.00 -36.37
N ILE A 379 -11.27 10.89 -36.11
CA ILE A 379 -12.71 10.89 -35.85
C ILE A 379 -13.07 11.76 -34.63
N LEU A 380 -12.36 11.55 -33.53
CA LEU A 380 -12.62 12.33 -32.33
C LEU A 380 -12.45 13.83 -32.62
N ARG A 381 -11.40 14.18 -33.37
CA ARG A 381 -11.15 15.58 -33.68
C ARG A 381 -12.21 16.17 -34.62
N HIS A 382 -12.79 15.33 -35.47
CA HIS A 382 -13.91 15.77 -36.28
C HIS A 382 -15.07 16.23 -35.40
N TRP A 383 -15.49 15.38 -34.45
CA TRP A 383 -16.62 15.74 -33.60
C TRP A 383 -16.25 16.90 -32.66
N MET A 384 -14.97 16.97 -32.28
CA MET A 384 -14.47 18.06 -31.44
C MET A 384 -14.55 19.39 -32.16
N ASP A 385 -14.36 19.37 -33.48
CA ASP A 385 -14.48 20.58 -34.29
C ASP A 385 -15.93 21.06 -34.29
N HIS A 386 -16.85 20.15 -34.04
CA HIS A 386 -18.26 20.50 -34.02
C HIS A 386 -18.79 20.62 -32.60
N GLY A 387 -17.90 20.95 -31.67
CA GLY A 387 -18.30 21.35 -30.34
C GLY A 387 -18.51 20.24 -29.34
N VAL A 388 -18.13 19.01 -29.69
CA VAL A 388 -18.22 17.90 -28.73
C VAL A 388 -16.92 17.80 -27.95
N ARG A 389 -16.96 18.04 -26.65
CA ARG A 389 -15.75 18.05 -25.84
C ARG A 389 -15.81 16.99 -24.76
N ILE A 390 -16.77 16.08 -24.89
CA ILE A 390 -16.93 14.95 -23.97
C ILE A 390 -17.25 13.68 -24.74
N PHE A 391 -16.57 12.59 -24.45
CA PHE A 391 -16.85 11.32 -25.10
C PHE A 391 -17.10 10.26 -24.07
N ARG A 392 -18.21 9.56 -24.22
CA ARG A 392 -18.53 8.40 -23.41
C ARG A 392 -17.99 7.22 -24.19
N VAL A 393 -16.98 6.56 -23.66
CA VAL A 393 -16.30 5.50 -24.41
C VAL A 393 -16.89 4.15 -24.04
N ASP A 394 -17.47 3.52 -25.05
CA ASP A 394 -18.19 2.28 -24.86
C ASP A 394 -17.22 1.12 -24.62
N ASN A 395 -17.44 0.35 -23.56
CA ASN A 395 -16.64 -0.85 -23.25
C ASN A 395 -15.13 -0.74 -23.50
N PRO A 396 -14.46 0.25 -22.89
CA PRO A 396 -13.04 0.41 -23.25
C PRO A 396 -12.17 -0.79 -22.87
N HIS A 397 -12.64 -1.62 -21.93
CA HIS A 397 -11.90 -2.77 -21.46
C HIS A 397 -11.87 -3.98 -22.42
N THR A 398 -12.45 -3.83 -23.61
CA THR A 398 -12.32 -4.86 -24.64
C THR A 398 -11.39 -4.35 -25.72
N LYS A 399 -10.74 -3.23 -25.45
CA LYS A 399 -9.73 -2.69 -26.33
C LYS A 399 -8.45 -2.54 -25.49
N PRO A 400 -7.28 -2.49 -26.15
CA PRO A 400 -6.07 -2.47 -25.33
C PRO A 400 -5.97 -1.22 -24.45
N VAL A 401 -5.59 -1.42 -23.19
CA VAL A 401 -5.37 -0.34 -22.26
C VAL A 401 -4.39 0.68 -22.84
N ALA A 402 -3.30 0.19 -23.42
CA ALA A 402 -2.30 1.09 -24.00
C ALA A 402 -2.83 1.85 -25.21
N PHE A 403 -3.86 1.30 -25.86
CA PHE A 403 -4.48 2.01 -26.98
C PHE A 403 -5.18 3.26 -26.46
N TRP A 404 -5.94 3.13 -25.39
CA TRP A 404 -6.61 4.30 -24.82
C TRP A 404 -5.59 5.27 -24.25
N GLU A 405 -4.52 4.77 -23.65
CA GLU A 405 -3.54 5.69 -23.05
C GLU A 405 -2.95 6.58 -24.14
N ARG A 406 -2.61 5.97 -25.26
CA ARG A 406 -2.10 6.68 -26.41
C ARG A 406 -3.12 7.67 -27.00
N VAL A 407 -4.34 7.20 -27.27
CA VAL A 407 -5.38 8.05 -27.84
C VAL A 407 -5.68 9.25 -26.93
N ILE A 408 -5.87 9.00 -25.64
CA ILE A 408 -6.19 10.08 -24.70
C ILE A 408 -5.04 11.08 -24.57
N ALA A 409 -3.80 10.60 -24.58
CA ALA A 409 -2.66 11.53 -24.51
C ALA A 409 -2.59 12.38 -25.80
N ASP A 410 -2.86 11.75 -26.93
CA ASP A 410 -2.83 12.46 -28.20
C ASP A 410 -3.87 13.58 -28.19
N ILE A 411 -5.12 13.25 -27.85
CA ILE A 411 -6.18 14.24 -27.84
C ILE A 411 -5.98 15.33 -26.78
N ASN A 412 -5.65 14.95 -25.55
CA ASN A 412 -5.52 15.95 -24.50
C ASN A 412 -4.26 16.79 -24.70
N GLY A 413 -3.35 16.30 -25.54
CA GLY A 413 -2.12 17.03 -25.85
C GLY A 413 -2.39 18.34 -26.55
N THR A 414 -3.37 18.33 -27.47
CA THR A 414 -3.79 19.52 -28.20
C THR A 414 -5.04 20.16 -27.58
N ASP A 415 -5.86 19.34 -26.91
CA ASP A 415 -7.14 19.78 -26.37
C ASP A 415 -7.39 19.25 -24.95
N PRO A 416 -6.71 19.84 -23.95
CA PRO A 416 -6.75 19.28 -22.61
C PRO A 416 -8.13 19.31 -21.96
N ASP A 417 -9.04 20.11 -22.50
CA ASP A 417 -10.38 20.23 -21.92
C ASP A 417 -11.28 19.03 -22.23
N VAL A 418 -10.91 18.21 -23.21
CA VAL A 418 -11.72 17.06 -23.60
C VAL A 418 -11.77 16.01 -22.48
N ILE A 419 -12.99 15.57 -22.16
CA ILE A 419 -13.23 14.62 -21.09
C ILE A 419 -13.64 13.27 -21.64
N PHE A 420 -12.97 12.22 -21.19
CA PHE A 420 -13.31 10.86 -21.56
C PHE A 420 -13.90 10.12 -20.38
N LEU A 421 -15.04 9.47 -20.62
CA LEU A 421 -15.72 8.68 -19.60
C LEU A 421 -15.65 7.21 -19.95
N ALA A 422 -15.12 6.40 -19.05
CA ALA A 422 -14.93 4.99 -19.34
C ALA A 422 -16.14 4.19 -18.88
N GLU A 423 -16.87 3.61 -19.82
CA GLU A 423 -17.95 2.68 -19.47
C GLU A 423 -17.40 1.26 -19.30
N ALA A 424 -16.64 1.05 -18.24
CA ALA A 424 -16.01 -0.24 -18.02
C ALA A 424 -16.59 -0.92 -16.79
N PHE A 425 -17.64 -1.72 -16.99
CA PHE A 425 -18.20 -2.52 -15.92
C PHE A 425 -17.46 -3.85 -15.90
N THR A 426 -16.38 -3.93 -15.14
CA THR A 426 -15.54 -5.11 -15.20
C THR A 426 -14.86 -5.30 -13.85
N ARG A 427 -13.72 -6.00 -13.81
CA ARG A 427 -13.05 -6.28 -12.55
C ARG A 427 -12.33 -5.01 -12.10
N PRO A 428 -12.02 -4.90 -10.80
CA PRO A 428 -11.44 -3.67 -10.26
C PRO A 428 -10.08 -3.27 -10.83
N ALA A 429 -9.21 -4.22 -11.17
CA ALA A 429 -7.87 -3.83 -11.61
C ALA A 429 -7.93 -3.07 -12.92
N MET A 430 -8.74 -3.55 -13.85
CA MET A 430 -8.91 -2.90 -15.14
C MET A 430 -9.64 -1.55 -14.99
N MET A 431 -10.64 -1.48 -14.11
CA MET A 431 -11.37 -0.23 -13.91
C MET A 431 -10.45 0.85 -13.40
N ALA A 432 -9.62 0.49 -12.44
CA ALA A 432 -8.65 1.40 -11.84
C ALA A 432 -7.59 1.79 -12.84
N THR A 433 -7.11 0.83 -13.63
CA THR A 433 -6.03 1.12 -14.55
C THR A 433 -6.47 2.11 -15.64
N LEU A 434 -7.68 1.92 -16.13
CA LEU A 434 -8.22 2.79 -17.18
C LEU A 434 -8.25 4.24 -16.73
N ALA A 435 -8.73 4.46 -15.51
CA ALA A 435 -8.71 5.79 -14.93
C ALA A 435 -7.27 6.27 -14.83
N GLN A 436 -6.38 5.40 -14.37
CA GLN A 436 -5.00 5.81 -14.15
C GLN A 436 -4.27 6.19 -15.42
N ILE A 437 -4.65 5.60 -16.55
CA ILE A 437 -3.90 5.90 -17.76
C ILE A 437 -4.48 7.09 -18.52
N GLY A 438 -5.54 7.71 -18.01
CA GLY A 438 -6.06 8.89 -18.69
C GLY A 438 -7.54 9.20 -18.65
N PHE A 439 -8.39 8.20 -18.41
CA PHE A 439 -9.83 8.46 -18.38
C PHE A 439 -10.26 9.40 -17.24
N GLN A 440 -10.86 10.53 -17.61
CA GLN A 440 -11.20 11.55 -16.63
C GLN A 440 -12.30 11.08 -15.70
N GLN A 441 -13.21 10.26 -16.22
CA GLN A 441 -14.32 9.75 -15.43
C GLN A 441 -14.45 8.25 -15.63
N SER A 442 -15.15 7.59 -14.73
CA SER A 442 -15.40 6.17 -14.81
C SER A 442 -16.82 5.85 -14.41
N TYR A 443 -17.48 4.94 -15.11
CA TYR A 443 -18.66 4.32 -14.53
C TYR A 443 -18.22 3.44 -13.38
N THR A 444 -19.15 3.09 -12.50
CA THR A 444 -18.84 2.43 -11.23
C THR A 444 -19.77 1.26 -10.96
N TYR A 445 -19.58 0.62 -9.82
CA TYR A 445 -20.49 -0.42 -9.37
C TYR A 445 -21.76 0.12 -8.68
N PHE A 446 -21.97 1.44 -8.70
CA PHE A 446 -23.09 2.07 -7.97
C PHE A 446 -24.43 1.34 -8.03
N THR A 447 -24.86 0.93 -9.23
CA THR A 447 -26.18 0.30 -9.38
C THR A 447 -26.32 -1.01 -8.64
N TRP A 448 -25.20 -1.66 -8.33
CA TRP A 448 -25.21 -2.93 -7.60
C TRP A 448 -24.77 -2.70 -6.14
N ARG A 449 -24.88 -1.46 -5.69
CA ARG A 449 -24.66 -1.13 -4.28
C ARG A 449 -25.94 -0.50 -3.71
N ASN A 450 -26.76 -1.30 -3.01
CA ASN A 450 -28.11 -0.86 -2.62
C ASN A 450 -28.45 -0.95 -1.13
N THR A 451 -27.71 -1.75 -0.36
CA THR A 451 -27.92 -1.80 1.09
C THR A 451 -27.00 -0.81 1.77
N LYS A 452 -27.22 -0.56 3.05
CA LYS A 452 -26.43 0.43 3.77
C LYS A 452 -24.97 0.02 3.83
N GLN A 453 -24.71 -1.26 4.08
CA GLN A 453 -23.34 -1.75 4.11
C GLN A 453 -22.65 -1.62 2.74
N GLU A 454 -23.34 -2.05 1.68
CA GLU A 454 -22.82 -1.96 0.32
C GLU A 454 -22.44 -0.53 -0.03
N LEU A 455 -23.34 0.41 0.24
CA LEU A 455 -23.09 1.82 -0.10
C LEU A 455 -21.99 2.40 0.76
N THR A 456 -22.00 2.05 2.04
CA THR A 456 -21.00 2.56 2.98
C THR A 456 -19.61 2.10 2.57
N GLU A 457 -19.49 0.81 2.28
CA GLU A 457 -18.21 0.23 1.91
C GLU A 457 -17.73 0.79 0.57
N TYR A 458 -18.64 0.92 -0.38
CA TYR A 458 -18.21 1.30 -1.71
C TYR A 458 -17.81 2.77 -1.75
N LEU A 459 -18.54 3.63 -1.07
CA LEU A 459 -18.24 5.06 -1.12
C LEU A 459 -17.03 5.39 -0.27
N THR A 460 -16.78 4.60 0.77
CA THR A 460 -15.54 4.74 1.52
C THR A 460 -14.35 4.48 0.60
N GLU A 461 -14.48 3.49 -0.27
CA GLU A 461 -13.44 3.20 -1.24
C GLU A 461 -13.27 4.33 -2.27
N LEU A 462 -14.37 4.74 -2.91
CA LEU A 462 -14.33 5.80 -3.92
C LEU A 462 -13.82 7.15 -3.39
N SER A 463 -14.25 7.52 -2.19
CA SER A 463 -13.86 8.82 -1.63
C SER A 463 -12.49 8.81 -0.95
N GLY A 464 -11.92 7.61 -0.79
CA GLY A 464 -10.58 7.47 -0.21
C GLY A 464 -9.44 7.63 -1.20
N GLU A 465 -8.52 6.67 -1.22
CA GLU A 465 -7.31 6.79 -2.05
C GLU A 465 -7.59 6.82 -3.56
N ALA A 466 -8.61 6.08 -3.99
CA ALA A 466 -8.97 6.01 -5.40
C ALA A 466 -9.30 7.37 -6.02
N ALA A 467 -9.74 8.31 -5.19
CA ALA A 467 -10.11 9.64 -5.68
C ALA A 467 -8.91 10.40 -6.19
N SER A 468 -7.71 9.88 -5.98
CA SER A 468 -6.56 10.55 -6.55
C SER A 468 -6.40 10.22 -8.04
N TYR A 469 -7.13 9.21 -8.55
CA TYR A 469 -7.04 8.88 -9.99
C TYR A 469 -8.39 8.61 -10.66
N MET A 470 -9.44 8.46 -9.87
CA MET A 470 -10.73 8.09 -10.43
C MET A 470 -11.84 9.06 -10.03
N ARG A 471 -12.60 9.51 -11.01
CA ARG A 471 -13.75 10.36 -10.76
C ARG A 471 -15.00 9.61 -11.17
N PRO A 472 -15.86 9.31 -10.21
CA PRO A 472 -17.02 8.44 -10.45
C PRO A 472 -18.20 9.17 -11.06
N ASN A 473 -18.86 8.53 -12.02
CA ASN A 473 -20.09 9.05 -12.61
C ASN A 473 -21.21 8.09 -12.23
N PHE A 474 -22.03 8.50 -11.27
CA PHE A 474 -23.07 7.64 -10.71
C PHE A 474 -24.36 7.66 -11.54
N PHE A 475 -24.44 6.82 -12.56
CA PHE A 475 -25.71 6.64 -13.29
C PHE A 475 -26.62 5.73 -12.48
N ALA A 476 -27.82 6.21 -12.13
CA ALA A 476 -28.74 5.42 -11.34
C ALA A 476 -29.38 4.33 -12.19
N ASN A 477 -29.37 4.53 -13.50
CA ASN A 477 -29.80 3.51 -14.46
C ASN A 477 -29.08 3.77 -15.77
N THR A 478 -29.08 2.78 -16.67
CA THR A 478 -28.59 2.94 -18.06
C THR A 478 -29.52 2.12 -18.95
N PRO A 479 -29.43 2.26 -20.28
CA PRO A 479 -30.25 1.38 -21.13
C PRO A 479 -30.07 -0.12 -20.87
N ASP A 480 -28.97 -0.52 -20.25
CA ASP A 480 -28.68 -1.93 -19.98
C ASP A 480 -28.83 -2.30 -18.51
N ILE A 481 -29.15 -1.35 -17.65
CA ILE A 481 -29.19 -1.63 -16.23
C ILE A 481 -30.45 -1.08 -15.57
N LEU A 482 -31.45 -1.94 -15.45
CA LEU A 482 -32.62 -1.71 -14.62
C LEU A 482 -32.51 -2.66 -13.44
N HIS A 483 -31.93 -2.18 -12.35
CA HIS A 483 -31.66 -3.05 -11.22
C HIS A 483 -32.94 -3.50 -10.53
N ALA A 484 -32.89 -4.69 -9.93
CA ALA A 484 -34.03 -5.28 -9.22
C ALA A 484 -34.59 -4.34 -8.14
N TYR A 485 -33.73 -3.57 -7.50
CA TYR A 485 -34.18 -2.62 -6.50
C TYR A 485 -35.25 -1.69 -7.07
N LEU A 486 -35.03 -1.22 -8.30
CA LEU A 486 -36.00 -0.34 -8.96
C LEU A 486 -37.24 -1.12 -9.41
N GLN A 487 -37.04 -2.35 -9.86
CA GLN A 487 -38.12 -3.19 -10.32
C GLN A 487 -39.13 -3.50 -9.23
N HIS A 488 -38.63 -3.74 -8.03
CA HIS A 488 -39.48 -4.19 -6.93
C HIS A 488 -40.01 -3.01 -6.15
N GLY A 489 -39.26 -1.92 -6.17
CA GLY A 489 -39.56 -0.78 -5.31
C GLY A 489 -40.45 0.30 -5.90
N GLY A 490 -40.59 0.31 -7.23
CA GLY A 490 -41.44 1.29 -7.87
C GLY A 490 -40.95 2.70 -7.62
N ARG A 491 -41.82 3.68 -7.80
CA ARG A 491 -41.46 5.09 -7.70
C ARG A 491 -40.65 5.48 -6.44
N PRO A 492 -41.07 5.03 -5.24
CA PRO A 492 -40.25 5.43 -4.09
C PRO A 492 -38.81 4.94 -4.16
N ALA A 493 -38.59 3.84 -4.88
CA ALA A 493 -37.24 3.33 -5.04
C ALA A 493 -36.45 4.23 -5.98
N PHE A 494 -37.10 4.73 -7.03
CA PHE A 494 -36.48 5.69 -7.93
C PHE A 494 -36.11 6.99 -7.21
N GLU A 495 -36.94 7.37 -6.24
CA GLU A 495 -36.66 8.57 -5.46
C GLU A 495 -35.41 8.38 -4.58
N VAL A 496 -35.32 7.24 -3.92
CA VAL A 496 -34.16 6.91 -3.10
C VAL A 496 -32.85 6.93 -3.89
N ARG A 497 -32.85 6.28 -5.05
CA ARG A 497 -31.62 6.14 -5.82
C ARG A 497 -31.17 7.48 -6.38
N ALA A 498 -32.13 8.33 -6.71
CA ALA A 498 -31.79 9.67 -7.20
C ALA A 498 -31.13 10.48 -6.10
N VAL A 499 -31.66 10.36 -4.88
CA VAL A 499 -31.10 11.11 -3.76
C VAL A 499 -29.69 10.63 -3.46
N LEU A 500 -29.52 9.30 -3.36
CA LEU A 500 -28.21 8.70 -3.14
C LEU A 500 -27.21 9.09 -4.20
N ALA A 501 -27.59 8.97 -5.48
CA ALA A 501 -26.65 9.24 -6.56
C ALA A 501 -26.22 10.71 -6.59
N ALA A 502 -27.20 11.60 -6.44
CA ALA A 502 -26.95 13.04 -6.52
C ALA A 502 -26.16 13.60 -5.32
N THR A 503 -26.26 12.97 -4.17
CA THR A 503 -25.61 13.50 -2.98
C THR A 503 -24.33 12.75 -2.63
N LEU A 504 -24.18 11.51 -3.08
CA LEU A 504 -22.92 10.78 -2.82
C LEU A 504 -21.81 11.08 -3.83
N SER A 505 -22.15 11.48 -5.05
CA SER A 505 -21.12 11.79 -6.03
C SER A 505 -21.37 13.12 -6.67
N PRO A 506 -20.29 13.86 -6.94
CA PRO A 506 -20.38 15.16 -7.62
C PRO A 506 -20.78 15.02 -9.09
N THR A 507 -20.68 13.81 -9.65
CA THR A 507 -21.23 13.55 -10.98
C THR A 507 -22.21 12.40 -10.92
N TRP A 508 -23.43 12.63 -11.41
CA TRP A 508 -24.41 11.57 -11.46
C TRP A 508 -25.20 11.74 -12.72
N GLY A 509 -25.99 10.73 -13.05
CA GLY A 509 -26.77 10.79 -14.27
C GLY A 509 -27.95 9.85 -14.27
N ILE A 510 -28.88 10.12 -15.17
CA ILE A 510 -29.94 9.16 -15.41
C ILE A 510 -30.12 8.97 -16.90
N TYR A 511 -30.71 7.85 -17.25
CA TYR A 511 -31.12 7.58 -18.62
C TYR A 511 -32.63 7.81 -18.73
N SER A 512 -33.07 8.56 -19.72
CA SER A 512 -34.47 8.99 -19.86
C SER A 512 -35.49 7.89 -19.66
N GLY A 513 -36.55 8.23 -18.95
CA GLY A 513 -37.56 7.27 -18.56
C GLY A 513 -37.40 6.95 -17.09
N TYR A 514 -36.19 7.19 -16.57
CA TYR A 514 -35.93 7.04 -15.15
C TYR A 514 -36.91 7.91 -14.37
N GLU A 515 -37.11 9.14 -14.83
CA GLU A 515 -37.98 10.04 -14.11
C GLU A 515 -39.46 9.63 -14.23
N LEU A 516 -39.79 8.75 -15.17
CA LEU A 516 -41.16 8.23 -15.29
C LEU A 516 -41.30 6.95 -14.50
N CYS A 517 -40.20 6.55 -13.86
CA CYS A 517 -40.14 5.33 -13.08
C CYS A 517 -40.47 4.09 -13.92
N GLU A 518 -40.02 4.09 -15.18
CA GLU A 518 -40.08 2.87 -15.99
C GLU A 518 -39.29 1.76 -15.30
N ASN A 519 -39.93 0.65 -14.99
CA ASN A 519 -39.27 -0.40 -14.22
C ASN A 519 -39.73 -1.80 -14.61
N THR A 520 -40.20 -1.97 -15.84
CA THR A 520 -40.64 -3.29 -16.29
C THR A 520 -39.48 -4.02 -16.96
N PRO A 521 -39.02 -5.12 -16.34
CA PRO A 521 -37.88 -5.87 -16.84
C PRO A 521 -38.24 -6.71 -18.06
N LEU A 522 -37.24 -7.14 -18.82
CA LEU A 522 -37.46 -8.03 -19.96
C LEU A 522 -38.09 -9.33 -19.48
N ARG A 523 -37.59 -9.85 -18.36
CA ARG A 523 -38.14 -11.03 -17.72
C ARG A 523 -37.63 -11.01 -16.28
N GLU A 524 -38.15 -11.89 -15.43
CA GLU A 524 -37.72 -11.88 -14.04
C GLU A 524 -36.25 -12.25 -13.94
N GLY A 525 -35.53 -11.54 -13.08
CA GLY A 525 -34.10 -11.79 -12.89
C GLY A 525 -33.23 -11.21 -13.98
N SER A 526 -33.83 -10.45 -14.90
CA SER A 526 -33.06 -9.71 -15.90
C SER A 526 -32.82 -8.27 -15.41
N GLU A 527 -31.79 -7.62 -15.94
CA GLU A 527 -31.62 -6.18 -15.69
C GLU A 527 -31.86 -5.38 -16.99
N GLU A 528 -32.37 -6.05 -18.00
CA GLU A 528 -32.76 -5.38 -19.24
C GLU A 528 -34.16 -4.82 -19.08
N TYR A 529 -34.46 -3.72 -19.77
CA TYR A 529 -35.82 -3.20 -19.87
C TYR A 529 -36.60 -4.03 -20.86
N LEU A 530 -37.89 -4.18 -20.61
CA LEU A 530 -38.80 -4.68 -21.64
C LEU A 530 -38.95 -3.63 -22.73
N ASP A 531 -38.97 -4.08 -23.98
CA ASP A 531 -39.14 -3.20 -25.12
C ASP A 531 -38.08 -2.11 -25.10
N SER A 532 -36.83 -2.52 -24.92
CA SER A 532 -35.73 -1.58 -24.79
C SER A 532 -35.61 -0.60 -25.95
N GLU A 533 -35.38 0.66 -25.59
CA GLU A 533 -35.15 1.73 -26.54
C GLU A 533 -33.93 1.50 -27.43
N LYS A 534 -33.05 0.58 -27.04
CA LYS A 534 -31.91 0.23 -27.89
C LYS A 534 -32.37 -0.37 -29.23
N TYR A 535 -33.56 -0.98 -29.25
CA TYR A 535 -34.03 -1.69 -30.45
C TYR A 535 -35.32 -1.16 -31.04
N GLN A 536 -35.87 -0.08 -30.47
CA GLN A 536 -37.08 0.52 -31.03
C GLN A 536 -37.21 1.99 -30.67
N LEU A 537 -37.98 2.70 -31.48
CA LEU A 537 -38.37 4.05 -31.13
C LEU A 537 -39.19 3.97 -29.84
N LYS A 538 -38.90 4.86 -28.90
CA LYS A 538 -39.62 4.90 -27.63
C LYS A 538 -40.22 6.28 -27.41
N PRO A 539 -41.33 6.58 -28.10
CA PRO A 539 -41.96 7.89 -27.90
C PRO A 539 -42.52 7.99 -26.49
N ARG A 540 -42.22 9.07 -25.78
CA ARG A 540 -42.73 9.25 -24.43
C ARG A 540 -43.52 10.55 -24.41
N ASP A 541 -44.72 10.51 -23.85
CA ASP A 541 -45.57 11.70 -23.79
C ASP A 541 -45.14 12.51 -22.58
N TRP A 542 -44.09 13.33 -22.75
CA TRP A 542 -43.55 14.13 -21.66
C TRP A 542 -44.57 15.12 -21.13
N THR A 543 -45.29 15.77 -22.04
CA THR A 543 -46.29 16.77 -21.65
C THR A 543 -47.39 16.13 -20.79
N ARG A 544 -47.79 14.92 -21.13
CA ARG A 544 -48.78 14.25 -20.32
C ARG A 544 -48.21 13.80 -18.97
N ALA A 545 -47.00 13.26 -18.96
CA ALA A 545 -46.38 12.86 -17.71
C ALA A 545 -46.30 14.05 -16.73
N ALA A 546 -45.93 15.23 -17.23
CA ALA A 546 -45.81 16.41 -16.39
C ALA A 546 -47.19 16.81 -15.84
N ARG A 547 -48.17 16.90 -16.72
CA ARG A 547 -49.53 17.30 -16.35
C ARG A 547 -50.10 16.37 -15.28
N GLU A 548 -49.83 15.08 -15.41
CA GLU A 548 -50.42 14.11 -14.51
C GLU A 548 -49.55 13.80 -13.29
N GLY A 549 -48.40 14.45 -13.21
CA GLY A 549 -47.54 14.31 -12.05
C GLY A 549 -46.98 12.91 -11.89
N THR A 550 -47.05 12.10 -12.94
CA THR A 550 -46.52 10.75 -12.91
C THR A 550 -45.03 10.76 -13.26
N THR A 551 -44.30 11.70 -12.69
CA THR A 551 -42.89 11.85 -12.96
C THR A 551 -42.19 12.40 -11.71
N ILE A 552 -40.96 11.97 -11.47
CA ILE A 552 -40.18 12.52 -10.36
C ILE A 552 -39.21 13.58 -10.85
N ALA A 553 -39.49 14.11 -12.03
CA ALA A 553 -38.75 15.26 -12.56
C ALA A 553 -38.62 16.43 -11.58
N PRO A 554 -39.67 16.76 -10.80
CA PRO A 554 -39.45 17.85 -9.83
C PRO A 554 -38.43 17.50 -8.75
N LEU A 555 -38.42 16.25 -8.28
CA LEU A 555 -37.40 15.83 -7.32
C LEU A 555 -35.98 15.93 -7.91
N VAL A 556 -35.84 15.47 -9.16
CA VAL A 556 -34.56 15.51 -9.84
C VAL A 556 -34.09 16.96 -9.94
N THR A 557 -35.02 17.84 -10.30
CA THR A 557 -34.75 19.27 -10.41
C THR A 557 -34.29 19.86 -9.07
N ARG A 558 -34.96 19.46 -8.01
CA ARG A 558 -34.63 19.91 -6.67
C ARG A 558 -33.22 19.43 -6.27
N LEU A 559 -32.90 18.17 -6.55
CA LEU A 559 -31.57 17.67 -6.21
C LEU A 559 -30.50 18.45 -6.95
N ASN A 560 -30.71 18.72 -8.23
CA ASN A 560 -29.70 19.44 -8.98
C ASN A 560 -29.57 20.89 -8.53
N THR A 561 -30.66 21.49 -8.07
CA THR A 561 -30.61 22.85 -7.56
C THR A 561 -29.83 22.88 -6.23
N ILE A 562 -30.07 21.88 -5.39
CA ILE A 562 -29.37 21.75 -4.12
C ILE A 562 -27.88 21.63 -4.38
N ARG A 563 -27.51 20.76 -5.31
CA ARG A 563 -26.10 20.60 -5.69
C ARG A 563 -25.49 21.91 -6.19
N ARG A 564 -26.26 22.68 -6.97
CA ARG A 564 -25.73 23.91 -7.55
C ARG A 564 -25.54 24.99 -6.48
N GLU A 565 -26.24 24.83 -5.36
CA GLU A 565 -26.23 25.84 -4.31
C GLU A 565 -25.41 25.42 -3.09
N ASN A 566 -24.83 24.22 -3.13
CA ASN A 566 -24.05 23.73 -1.99
C ASN A 566 -22.75 23.07 -2.42
N PRO A 567 -21.64 23.81 -2.31
CA PRO A 567 -20.28 23.39 -2.69
C PRO A 567 -19.88 22.03 -2.12
N ALA A 568 -20.39 21.63 -0.97
CA ALA A 568 -20.07 20.33 -0.41
C ALA A 568 -20.47 19.17 -1.33
N LEU A 569 -21.50 19.38 -2.13
CA LEU A 569 -22.04 18.31 -2.97
C LEU A 569 -21.32 18.29 -4.30
N ARG A 570 -20.44 19.27 -4.51
CA ARG A 570 -19.67 19.33 -5.75
C ARG A 570 -18.23 18.81 -5.59
N GLN A 571 -17.99 18.05 -4.53
CA GLN A 571 -16.69 17.41 -4.33
C GLN A 571 -16.88 15.97 -3.91
N LEU A 572 -15.81 15.19 -3.93
CA LEU A 572 -15.91 13.76 -3.67
C LEU A 572 -15.28 13.32 -2.34
N ARG A 573 -14.09 13.84 -2.04
CA ARG A 573 -13.23 13.28 -1.00
C ARG A 573 -13.71 13.45 0.44
N ASP A 574 -14.45 14.52 0.71
CA ASP A 574 -14.94 14.76 2.06
C ASP A 574 -16.33 14.17 2.23
N LEU A 575 -16.38 13.04 2.90
CA LEU A 575 -17.60 12.29 3.06
C LEU A 575 -17.47 11.47 4.31
N HIS A 576 -18.44 11.56 5.21
CA HIS A 576 -18.36 10.77 6.42
C HIS A 576 -19.70 10.13 6.70
N PHE A 577 -19.70 8.84 7.00
CA PHE A 577 -20.93 8.15 7.33
C PHE A 577 -21.20 8.17 8.85
N HIS A 578 -22.45 8.45 9.21
CA HIS A 578 -22.85 8.56 10.61
C HIS A 578 -23.75 7.41 11.02
N PRO A 579 -23.49 6.83 12.21
CA PRO A 579 -24.25 5.67 12.70
C PRO A 579 -25.73 5.97 12.95
N THR A 580 -26.59 4.99 12.65
CA THR A 580 -28.01 5.02 12.99
C THR A 580 -28.34 3.66 13.56
N ASP A 581 -29.49 3.53 14.23
CA ASP A 581 -29.84 2.25 14.83
C ASP A 581 -30.82 1.43 13.99
N LYS A 582 -30.94 1.77 12.71
CA LYS A 582 -31.77 0.99 11.80
C LYS A 582 -31.02 0.64 10.53
N GLU A 583 -31.06 -0.65 10.18
CA GLU A 583 -30.32 -1.16 9.04
C GLU A 583 -30.76 -0.47 7.73
N GLU A 584 -32.04 -0.09 7.66
CA GLU A 584 -32.61 0.43 6.44
C GLU A 584 -32.38 1.92 6.30
N VAL A 585 -31.72 2.53 7.28
CA VAL A 585 -31.54 3.98 7.24
C VAL A 585 -30.08 4.36 7.34
N ILE A 586 -29.63 5.13 6.34
CA ILE A 586 -28.23 5.50 6.23
C ILE A 586 -28.10 7.00 6.36
N ALA A 587 -27.01 7.43 6.99
CA ALA A 587 -26.74 8.85 7.21
C ALA A 587 -25.32 9.21 6.83
N TYR A 588 -25.13 10.38 6.22
CA TYR A 588 -23.79 10.83 5.89
C TYR A 588 -23.72 12.34 5.71
N SER A 589 -22.51 12.88 5.78
CA SER A 589 -22.32 14.32 5.65
C SER A 589 -21.17 14.63 4.69
N LYS A 590 -21.21 15.79 4.08
CA LYS A 590 -20.14 16.23 3.19
C LYS A 590 -19.86 17.68 3.49
N ARG A 591 -18.61 18.10 3.31
CA ARG A 591 -18.21 19.45 3.69
C ARG A 591 -17.26 20.05 2.69
N GLN A 592 -17.36 21.35 2.53
CA GLN A 592 -16.48 22.13 1.68
C GLN A 592 -16.47 23.54 2.26
N GLY A 593 -15.36 23.93 2.89
CA GLY A 593 -15.29 25.17 3.65
C GLY A 593 -16.44 25.26 4.65
N SER A 594 -17.21 26.33 4.58
CA SER A 594 -18.28 26.56 5.55
C SER A 594 -19.58 25.85 5.21
N ASN A 595 -19.63 25.22 4.04
CA ASN A 595 -20.83 24.51 3.63
C ASN A 595 -20.81 23.08 4.16
N THR A 596 -21.85 22.72 4.90
CA THR A 596 -22.02 21.34 5.34
C THR A 596 -23.40 20.86 4.91
N VAL A 597 -23.45 19.64 4.37
CA VAL A 597 -24.72 19.02 4.03
C VAL A 597 -24.86 17.69 4.73
N LEU A 598 -26.01 17.46 5.38
CA LEU A 598 -26.27 16.22 6.09
C LEU A 598 -27.41 15.49 5.44
N VAL A 599 -27.20 14.23 5.08
CA VAL A 599 -28.22 13.47 4.38
C VAL A 599 -28.60 12.23 5.18
N VAL A 600 -29.90 11.97 5.27
CA VAL A 600 -30.39 10.75 5.88
C VAL A 600 -31.34 10.12 4.89
N VAL A 601 -31.16 8.83 4.58
CA VAL A 601 -31.96 8.21 3.55
C VAL A 601 -32.61 6.94 4.04
N ASN A 602 -33.90 6.77 3.76
CA ASN A 602 -34.56 5.50 4.03
C ASN A 602 -34.45 4.58 2.82
N LEU A 603 -33.64 3.54 2.93
CA LEU A 603 -33.40 2.62 1.83
C LEU A 603 -34.53 1.64 1.60
N ASP A 604 -35.51 1.61 2.51
CA ASP A 604 -36.69 0.75 2.38
C ASP A 604 -37.78 1.46 1.58
N PRO A 605 -38.06 1.00 0.34
CA PRO A 605 -39.07 1.71 -0.45
C PRO A 605 -40.50 1.29 -0.13
N ARG A 606 -40.69 0.35 0.79
CA ARG A 606 -42.04 -0.17 1.05
C ARG A 606 -42.57 0.13 2.44
N HIS A 607 -41.69 0.35 3.41
CA HIS A 607 -42.15 0.61 4.78
C HIS A 607 -41.55 1.89 5.33
N THR A 608 -42.34 2.61 6.10
CA THR A 608 -41.87 3.74 6.89
C THR A 608 -40.78 3.28 7.84
N GLN A 609 -39.80 4.14 8.11
CA GLN A 609 -38.73 3.80 9.04
C GLN A 609 -38.47 4.93 10.03
N GLU A 610 -38.50 4.59 11.31
CA GLU A 610 -38.11 5.50 12.38
C GLU A 610 -36.73 5.12 12.85
N ALA A 611 -35.85 6.09 13.02
CA ALA A 611 -34.51 5.79 13.47
C ALA A 611 -33.92 6.91 14.30
N THR A 612 -32.90 6.58 15.06
CA THR A 612 -32.14 7.60 15.78
C THR A 612 -30.81 7.79 15.06
N VAL A 613 -30.50 9.03 14.70
CA VAL A 613 -29.27 9.32 13.96
C VAL A 613 -28.22 9.96 14.86
N SER A 614 -27.22 9.17 15.25
CA SER A 614 -26.20 9.64 16.17
C SER A 614 -25.00 10.28 15.45
N LEU A 615 -25.05 11.59 15.28
CA LEU A 615 -23.99 12.30 14.56
C LEU A 615 -22.65 12.30 15.29
N ASP A 616 -21.59 12.12 14.50
CA ASP A 616 -20.23 12.37 14.96
C ASP A 616 -19.91 13.85 14.93
N MET A 617 -20.31 14.58 15.96
CA MET A 617 -20.18 16.03 15.99
C MET A 617 -18.77 16.59 15.69
N PRO A 618 -17.71 15.97 16.26
CA PRO A 618 -16.36 16.43 15.91
C PRO A 618 -16.10 16.45 14.39
N GLN A 619 -16.69 15.49 13.67
CA GLN A 619 -16.50 15.42 12.22
C GLN A 619 -17.25 16.54 11.50
N LEU A 620 -18.21 17.15 12.20
CA LEU A 620 -18.93 18.29 11.66
C LEU A 620 -18.34 19.61 12.14
N GLY A 621 -17.33 19.54 13.00
CA GLY A 621 -16.68 20.72 13.53
C GLY A 621 -17.48 21.30 14.68
N LEU A 622 -18.09 20.41 15.47
CA LEU A 622 -19.00 20.81 16.53
C LEU A 622 -18.71 20.03 17.83
N ASP A 623 -19.14 20.58 18.97
CA ASP A 623 -19.01 19.91 20.26
C ASP A 623 -20.11 18.89 20.48
N TRP A 624 -19.82 17.87 21.28
CA TRP A 624 -20.74 16.76 21.47
C TRP A 624 -22.10 17.16 22.06
N HIS A 625 -22.09 18.22 22.87
CA HIS A 625 -23.30 18.71 23.52
C HIS A 625 -24.06 19.67 22.62
N GLU A 626 -23.31 20.35 21.77
CA GLU A 626 -23.82 21.36 20.84
C GLU A 626 -25.00 20.87 20.00
N SER A 627 -25.78 21.82 19.47
CA SER A 627 -26.84 21.48 18.52
C SER A 627 -26.95 22.59 17.48
N VAL A 628 -27.31 22.22 16.26
CA VAL A 628 -27.29 23.18 15.15
C VAL A 628 -28.57 23.22 14.32
N PRO A 629 -28.92 24.42 13.83
CA PRO A 629 -30.07 24.60 12.95
C PRO A 629 -29.81 24.06 11.55
N VAL A 630 -30.67 23.15 11.10
CA VAL A 630 -30.59 22.64 9.73
C VAL A 630 -31.92 22.79 9.00
N ARG A 631 -31.86 22.90 7.67
CA ARG A 631 -33.07 22.91 6.85
C ARG A 631 -33.07 21.77 5.84
N ASP A 632 -34.12 20.95 5.85
CA ASP A 632 -34.32 19.91 4.85
C ASP A 632 -34.71 20.57 3.52
N GLU A 633 -33.75 20.62 2.60
CA GLU A 633 -33.91 21.31 1.32
C GLU A 633 -34.91 20.67 0.35
N LEU A 634 -35.44 19.51 0.73
CA LEU A 634 -36.49 18.86 -0.04
C LEU A 634 -37.87 19.40 0.32
N THR A 635 -38.01 19.92 1.52
CA THR A 635 -39.32 20.31 2.03
C THR A 635 -39.40 21.78 2.45
N GLY A 636 -38.27 22.34 2.85
CA GLY A 636 -38.26 23.66 3.46
C GLY A 636 -38.32 23.63 4.99
N GLU A 637 -38.66 22.46 5.54
CA GLU A 637 -38.78 22.27 6.99
C GLU A 637 -37.45 22.40 7.74
N THR A 638 -37.45 23.22 8.79
CA THR A 638 -36.24 23.45 9.57
C THR A 638 -36.27 22.62 10.84
N TYR A 639 -35.11 22.09 11.24
CA TYR A 639 -34.98 21.32 12.47
C TYR A 639 -33.80 21.82 13.28
N HIS A 640 -33.69 21.31 14.50
CA HIS A 640 -32.50 21.51 15.32
C HIS A 640 -31.88 20.15 15.60
N TRP A 641 -30.68 19.95 15.09
CA TRP A 641 -30.05 18.64 15.19
C TRP A 641 -28.76 18.69 15.99
N GLY A 642 -28.56 17.65 16.80
CA GLY A 642 -27.35 17.52 17.57
C GLY A 642 -26.93 16.07 17.65
N ARG A 643 -26.21 15.74 18.71
CA ARG A 643 -25.65 14.42 18.99
C ARG A 643 -26.56 13.23 18.65
N ALA A 644 -27.87 13.37 18.83
CA ALA A 644 -28.78 12.26 18.57
C ALA A 644 -30.16 12.74 18.17
N ASN A 645 -30.58 12.38 16.96
CA ASN A 645 -31.82 12.91 16.40
C ASN A 645 -32.78 11.84 15.91
N TYR A 646 -34.05 12.01 16.26
CA TYR A 646 -35.11 11.15 15.77
C TYR A 646 -35.50 11.51 14.33
N VAL A 647 -35.62 10.51 13.48
CA VAL A 647 -36.14 10.76 12.14
C VAL A 647 -37.20 9.71 11.86
N ARG A 648 -38.15 10.10 11.03
CA ARG A 648 -39.21 9.21 10.60
C ARG A 648 -39.34 9.43 9.11
N LEU A 649 -39.06 8.39 8.32
CA LEU A 649 -39.04 8.54 6.87
C LEU A 649 -40.08 7.64 6.24
N GLU A 650 -40.90 8.25 5.39
CA GLU A 650 -42.06 7.60 4.85
C GLU A 650 -41.99 7.56 3.31
N PRO A 651 -41.98 6.35 2.74
CA PRO A 651 -41.85 6.12 1.29
C PRO A 651 -42.92 6.81 0.47
N GLY A 652 -42.53 7.59 -0.52
CA GLY A 652 -43.49 8.29 -1.37
C GLY A 652 -43.76 9.68 -0.87
N ARG A 653 -43.50 9.91 0.42
CA ARG A 653 -43.65 11.22 1.04
C ARG A 653 -42.29 11.82 1.35
N THR A 654 -41.49 11.09 2.14
CA THR A 654 -40.17 11.56 2.54
C THR A 654 -39.12 10.45 2.38
N PRO A 655 -38.59 10.27 1.16
CA PRO A 655 -37.54 9.27 0.94
C PRO A 655 -36.30 9.54 1.78
N ALA A 656 -36.04 10.81 2.06
CA ALA A 656 -34.82 11.22 2.70
C ALA A 656 -34.92 12.65 3.26
N HIS A 657 -33.98 13.01 4.14
CA HIS A 657 -33.71 14.41 4.45
C HIS A 657 -32.42 14.84 3.77
N VAL A 658 -32.46 15.94 3.02
CA VAL A 658 -31.24 16.54 2.50
C VAL A 658 -31.07 17.89 3.17
N CYS A 659 -30.31 17.92 4.25
CA CYS A 659 -30.22 19.11 5.09
C CYS A 659 -28.93 19.87 4.91
N THR A 660 -29.03 21.20 4.85
CA THR A 660 -27.85 22.05 4.93
C THR A 660 -27.80 22.64 6.34
N VAL A 661 -26.60 22.67 6.93
CA VAL A 661 -26.42 23.27 8.25
C VAL A 661 -26.42 24.80 8.16
N LEU A 662 -27.32 25.42 8.92
CA LEU A 662 -27.58 26.84 8.77
C LEU A 662 -26.57 27.71 9.51
N ARG A 663 -26.31 28.88 8.92
CA ARG A 663 -25.30 29.81 9.42
C ARG A 663 -25.91 31.19 9.66
N PRO B 15 5.34 6.86 -26.45
CA PRO B 15 5.70 5.74 -25.58
C PRO B 15 4.76 5.62 -24.37
N THR B 16 4.10 4.48 -24.19
CA THR B 16 3.13 4.36 -23.10
C THR B 16 3.74 3.73 -21.86
N VAL B 17 3.28 4.20 -20.72
CA VAL B 17 3.66 3.64 -19.44
C VAL B 17 3.20 2.19 -19.31
N VAL B 18 2.00 1.91 -19.79
CA VAL B 18 1.45 0.55 -19.69
C VAL B 18 1.76 -0.24 -20.95
N GLY B 19 2.11 -1.51 -20.79
CA GLY B 19 2.51 -2.33 -21.92
C GLY B 19 1.31 -3.00 -22.59
N ARG B 20 1.59 -3.75 -23.65
CA ARG B 20 0.54 -4.39 -24.43
C ARG B 20 -0.35 -5.26 -23.55
N ILE B 21 0.28 -6.08 -22.72
CA ILE B 21 -0.41 -6.85 -21.70
C ILE B 21 -0.02 -6.29 -20.34
N PRO B 22 -0.94 -5.56 -19.68
CA PRO B 22 -0.60 -4.89 -18.43
C PRO B 22 0.01 -5.81 -17.36
N VAL B 23 1.18 -5.42 -16.88
CA VAL B 23 1.80 -6.03 -15.72
C VAL B 23 2.18 -4.87 -14.77
N LEU B 24 1.48 -4.79 -13.65
CA LEU B 24 1.55 -3.65 -12.75
C LEU B 24 1.89 -4.03 -11.31
N ASP B 25 2.46 -3.07 -10.58
CA ASP B 25 2.70 -3.15 -9.15
C ASP B 25 3.39 -4.45 -8.77
N VAL B 26 4.56 -4.66 -9.36
CA VAL B 26 5.36 -5.82 -9.03
C VAL B 26 5.88 -5.67 -7.61
N ARG B 27 5.80 -6.77 -6.86
CA ARG B 27 6.29 -6.81 -5.50
C ARG B 27 7.14 -8.06 -5.34
N PRO B 28 8.09 -8.04 -4.40
CA PRO B 28 8.31 -6.96 -3.43
C PRO B 28 8.96 -5.71 -4.03
N VAL B 29 8.70 -4.56 -3.43
CA VAL B 29 9.37 -3.35 -3.85
C VAL B 29 9.70 -2.52 -2.60
N VAL B 30 10.87 -1.91 -2.61
CA VAL B 30 11.29 -1.08 -1.49
C VAL B 30 11.55 0.34 -1.99
N GLN B 31 10.90 1.30 -1.34
CA GLN B 31 11.01 2.71 -1.70
C GLN B 31 10.87 2.93 -3.21
N ARG B 32 9.82 2.33 -3.76
CA ARG B 32 9.46 2.49 -5.17
C ARG B 32 10.59 2.07 -6.11
N GLY B 33 11.47 1.19 -5.64
CA GLY B 33 12.54 0.68 -6.49
C GLY B 33 13.88 1.35 -6.26
N ARG B 34 13.94 2.27 -5.31
CA ARG B 34 15.18 3.01 -5.09
C ARG B 34 16.14 2.25 -4.17
N ARG B 35 15.60 1.27 -3.42
CA ARG B 35 16.42 0.43 -2.55
C ARG B 35 16.13 -1.06 -2.89
N PRO B 36 17.12 -1.93 -2.70
CA PRO B 36 16.82 -3.32 -3.08
C PRO B 36 15.96 -4.06 -2.06
N ALA B 37 15.16 -4.99 -2.55
CA ALA B 37 14.52 -5.97 -1.69
C ALA B 37 15.61 -6.93 -1.25
N LYS B 38 15.38 -7.67 -0.17
CA LYS B 38 16.42 -8.51 0.41
C LYS B 38 16.09 -10.00 0.37
N ALA B 39 17.14 -10.80 0.26
CA ALA B 39 17.04 -12.24 0.42
C ALA B 39 18.40 -12.73 0.90
N VAL B 40 18.46 -13.99 1.31
CA VAL B 40 19.74 -14.64 1.52
C VAL B 40 19.80 -15.88 0.62
N THR B 41 21.01 -16.36 0.39
CA THR B 41 21.25 -17.60 -0.33
C THR B 41 20.31 -18.73 0.08
N GLY B 42 19.58 -19.31 -0.87
CA GLY B 42 18.72 -20.44 -0.58
C GLY B 42 17.34 -20.07 -0.03
N GLU B 43 17.13 -18.79 0.25
CA GLU B 43 15.82 -18.33 0.72
C GLU B 43 14.80 -18.20 -0.40
N SER B 44 13.61 -18.72 -0.18
CA SER B 44 12.49 -18.57 -1.11
C SER B 44 11.59 -17.41 -0.71
N PHE B 45 11.04 -16.75 -1.71
CA PHE B 45 10.08 -15.70 -1.48
C PHE B 45 9.22 -15.55 -2.73
N GLU B 46 8.07 -14.94 -2.57
CA GLU B 46 7.10 -14.80 -3.64
C GLU B 46 7.29 -13.48 -4.39
N VAL B 47 7.42 -13.56 -5.70
CA VAL B 47 7.34 -12.38 -6.55
C VAL B 47 5.93 -12.33 -7.12
N SER B 48 5.28 -11.17 -7.03
CA SER B 48 3.89 -11.08 -7.46
C SER B 48 3.62 -9.85 -8.32
N ALA B 49 2.46 -9.82 -8.96
CA ALA B 49 2.12 -8.68 -9.82
C ALA B 49 0.65 -8.69 -10.14
N THR B 50 0.19 -7.58 -10.67
CA THR B 50 -1.18 -7.48 -11.15
C THR B 50 -1.14 -7.62 -12.65
N VAL B 51 -1.75 -8.69 -13.14
CA VAL B 51 -1.70 -9.05 -14.54
C VAL B 51 -3.08 -9.32 -15.08
N PHE B 52 -3.39 -8.72 -16.23
CA PHE B 52 -4.67 -8.94 -16.87
C PHE B 52 -4.56 -8.45 -18.30
N ARG B 53 -5.59 -8.69 -19.10
CA ARG B 53 -5.63 -8.15 -20.45
C ARG B 53 -7.02 -7.68 -20.81
N GLU B 54 -7.13 -7.00 -21.94
CA GLU B 54 -8.42 -6.57 -22.47
C GLU B 54 -9.13 -7.77 -23.07
N GLY B 55 -10.45 -7.72 -23.11
CA GLY B 55 -11.22 -8.85 -23.61
C GLY B 55 -11.33 -9.95 -22.57
N HIS B 56 -11.77 -11.13 -23.01
CA HIS B 56 -12.10 -12.21 -22.08
C HIS B 56 -11.17 -13.41 -22.16
N ASP B 57 -10.15 -13.33 -23.02
CA ASP B 57 -9.22 -14.43 -23.21
C ASP B 57 -8.20 -14.49 -22.07
N ALA B 58 -7.53 -15.62 -21.93
CA ALA B 58 -6.65 -15.90 -20.81
C ALA B 58 -5.28 -15.22 -20.93
N VAL B 59 -4.70 -14.91 -19.77
CA VAL B 59 -3.33 -14.43 -19.67
C VAL B 59 -2.46 -15.45 -18.96
N GLY B 60 -1.15 -15.32 -19.16
CA GLY B 60 -0.19 -16.07 -18.37
C GLY B 60 0.90 -15.11 -17.92
N ALA B 61 1.76 -15.56 -17.00
CA ALA B 61 2.84 -14.72 -16.53
C ALA B 61 3.94 -15.58 -15.95
N ASN B 62 5.14 -15.02 -15.90
CA ASN B 62 6.28 -15.74 -15.37
C ASN B 62 7.32 -14.77 -14.83
N VAL B 63 8.17 -15.27 -13.94
CA VAL B 63 9.16 -14.45 -13.26
C VAL B 63 10.52 -14.77 -13.84
N VAL B 64 11.24 -13.73 -14.22
CA VAL B 64 12.59 -13.90 -14.69
C VAL B 64 13.49 -13.26 -13.65
N LEU B 65 14.23 -14.11 -12.95
CA LEU B 65 15.16 -13.69 -11.93
C LEU B 65 16.55 -13.78 -12.54
N ARG B 66 17.28 -12.67 -12.55
CA ARG B 66 18.59 -12.64 -13.19
C ARG B 66 19.68 -12.49 -12.14
N ASP B 67 20.78 -13.22 -12.31
CA ASP B 67 21.86 -13.24 -11.32
C ASP B 67 22.79 -12.04 -11.57
N PRO B 68 23.86 -11.89 -10.76
CA PRO B 68 24.67 -10.68 -10.96
C PRO B 68 25.32 -10.52 -12.34
N ARG B 69 25.55 -11.62 -13.05
CA ARG B 69 26.10 -11.51 -14.40
C ARG B 69 25.02 -11.34 -15.46
N GLY B 70 23.76 -11.38 -15.04
CA GLY B 70 22.64 -11.19 -15.93
C GLY B 70 21.98 -12.47 -16.43
N ARG B 71 22.40 -13.61 -15.90
CA ARG B 71 21.88 -14.89 -16.37
C ARG B 71 20.54 -15.22 -15.75
N PRO B 72 19.54 -15.55 -16.59
CA PRO B 72 18.19 -15.80 -16.10
C PRO B 72 18.11 -17.14 -15.40
N GLY B 73 17.19 -17.28 -14.47
CA GLY B 73 17.01 -18.51 -13.74
C GLY B 73 16.09 -19.43 -14.51
N PRO B 74 15.57 -20.45 -13.85
CA PRO B 74 14.69 -21.43 -14.48
C PRO B 74 13.34 -20.82 -14.92
N TRP B 75 12.63 -21.55 -15.77
CA TRP B 75 11.26 -21.19 -16.14
C TRP B 75 10.40 -21.17 -14.89
N THR B 76 9.74 -20.05 -14.62
CA THR B 76 9.03 -19.88 -13.35
C THR B 76 7.64 -19.31 -13.57
N PRO B 77 6.70 -20.15 -14.01
CA PRO B 77 5.35 -19.66 -14.31
C PRO B 77 4.63 -19.17 -13.07
N MET B 78 3.78 -18.15 -13.24
CA MET B 78 2.98 -17.66 -12.12
C MET B 78 1.56 -18.21 -12.20
N ARG B 79 0.86 -18.16 -11.07
CA ARG B 79 -0.55 -18.49 -11.04
C ARG B 79 -1.31 -17.33 -10.41
N GLU B 80 -2.59 -17.18 -10.75
CA GLU B 80 -3.43 -16.20 -10.09
C GLU B 80 -3.64 -16.64 -8.66
N LEU B 81 -3.48 -15.72 -7.72
CA LEU B 81 -3.45 -16.07 -6.29
C LEU B 81 -4.82 -16.21 -5.64
N ALA B 82 -5.82 -15.52 -6.17
CA ALA B 82 -7.20 -15.68 -5.71
C ALA B 82 -8.13 -15.32 -6.86
N PRO B 83 -9.24 -16.04 -7.00
CA PRO B 83 -10.22 -15.82 -8.08
C PRO B 83 -10.65 -14.36 -8.18
N GLY B 84 -10.63 -13.81 -9.38
CA GLY B 84 -11.10 -12.44 -9.62
C GLY B 84 -10.20 -11.28 -9.19
N THR B 85 -9.00 -11.55 -8.69
CA THR B 85 -8.16 -10.47 -8.19
C THR B 85 -7.14 -9.96 -9.20
N ASP B 86 -6.87 -10.75 -10.22
CA ASP B 86 -5.81 -10.49 -11.20
C ASP B 86 -4.44 -10.30 -10.53
N ARG B 87 -4.31 -10.83 -9.31
CA ARG B 87 -3.00 -10.84 -8.64
C ARG B 87 -2.32 -12.20 -8.87
N TRP B 88 -1.14 -12.17 -9.48
CA TRP B 88 -0.41 -13.36 -9.86
C TRP B 88 0.88 -13.47 -9.05
N GLY B 89 1.33 -14.69 -8.80
CA GLY B 89 2.50 -14.89 -7.97
C GLY B 89 3.25 -16.17 -8.29
N ALA B 90 4.55 -16.17 -7.98
CA ALA B 90 5.37 -17.38 -8.00
C ALA B 90 6.51 -17.27 -7.01
N THR B 91 6.94 -18.42 -6.52
CA THR B 91 8.06 -18.53 -5.61
C THR B 91 9.36 -18.58 -6.39
N VAL B 92 10.33 -17.78 -5.98
CA VAL B 92 11.67 -17.82 -6.56
C VAL B 92 12.65 -18.10 -5.43
N THR B 93 13.84 -18.57 -5.77
CA THR B 93 14.84 -18.83 -4.75
C THR B 93 16.16 -18.16 -5.09
N ALA B 94 16.68 -17.46 -4.10
CA ALA B 94 17.93 -16.75 -4.23
C ALA B 94 19.08 -17.74 -4.24
N GLY B 95 20.04 -17.53 -5.13
CA GLY B 95 21.26 -18.34 -5.16
C GLY B 95 22.45 -17.66 -4.52
N GLU B 96 23.53 -17.48 -5.27
CA GLU B 96 24.74 -16.88 -4.73
C GLU B 96 24.56 -15.40 -4.38
N THR B 97 25.42 -14.91 -3.50
CA THR B 97 25.32 -13.54 -3.01
C THR B 97 25.65 -12.54 -4.11
N GLY B 98 25.10 -11.33 -3.97
CA GLY B 98 25.32 -10.28 -4.95
C GLY B 98 24.02 -9.53 -5.24
N THR B 99 24.09 -8.66 -6.23
CA THR B 99 22.95 -7.87 -6.63
C THR B 99 22.24 -8.53 -7.81
N TRP B 100 21.02 -8.99 -7.57
CA TRP B 100 20.23 -9.62 -8.59
C TRP B 100 19.18 -8.65 -9.13
N SER B 101 18.42 -9.09 -10.11
CA SER B 101 17.28 -8.31 -10.57
C SER B 101 16.13 -9.23 -10.96
N TYR B 102 14.90 -8.74 -10.90
CA TYR B 102 13.80 -9.55 -11.39
C TYR B 102 12.78 -8.75 -12.15
N THR B 103 12.18 -9.45 -13.11
CA THR B 103 11.18 -8.95 -14.01
C THR B 103 9.96 -9.87 -13.98
N VAL B 104 8.78 -9.35 -14.26
CA VAL B 104 7.63 -10.21 -14.50
C VAL B 104 7.28 -10.08 -15.98
N GLU B 105 7.01 -11.21 -16.62
CA GLU B 105 6.61 -11.18 -18.02
C GLU B 105 5.17 -11.63 -18.10
N ALA B 106 4.35 -10.83 -18.77
CA ALA B 106 2.94 -11.17 -18.96
C ALA B 106 2.67 -11.39 -20.44
N TRP B 107 1.66 -12.20 -20.73
CA TRP B 107 1.40 -12.62 -22.09
C TRP B 107 -0.01 -13.16 -22.29
N GLY B 108 -0.53 -12.99 -23.51
CA GLY B 108 -1.73 -13.70 -23.93
C GLY B 108 -1.46 -15.19 -23.87
N ASP B 109 -2.40 -15.95 -23.36
CA ASP B 109 -2.27 -17.41 -23.32
C ASP B 109 -3.34 -18.02 -24.24
N PRO B 110 -3.09 -18.03 -25.56
CA PRO B 110 -4.19 -18.38 -26.48
C PRO B 110 -4.56 -19.88 -26.41
N VAL B 111 -3.60 -20.75 -26.09
CA VAL B 111 -3.87 -22.18 -25.99
C VAL B 111 -4.85 -22.52 -24.87
N THR B 112 -4.70 -21.91 -23.71
CA THR B 112 -5.66 -22.12 -22.63
C THR B 112 -7.04 -21.66 -23.08
N THR B 113 -7.08 -20.49 -23.73
CA THR B 113 -8.35 -19.97 -24.23
C THR B 113 -9.00 -20.93 -25.22
N TRP B 114 -8.20 -21.42 -26.17
CA TRP B 114 -8.73 -22.30 -27.18
C TRP B 114 -9.22 -23.63 -26.58
N ARG B 115 -8.46 -24.20 -25.66
CA ARG B 115 -8.88 -25.44 -25.00
C ARG B 115 -10.22 -25.31 -24.28
N HIS B 116 -10.38 -24.23 -23.53
CA HIS B 116 -11.61 -23.97 -22.81
C HIS B 116 -12.80 -23.95 -23.77
N HIS B 117 -12.63 -23.24 -24.88
CA HIS B 117 -13.66 -23.20 -25.89
C HIS B 117 -13.84 -24.54 -26.61
N ALA B 118 -12.74 -25.19 -26.96
CA ALA B 118 -12.83 -26.42 -27.75
C ALA B 118 -13.55 -27.51 -26.97
N ARG B 119 -13.29 -27.54 -25.66
CA ARG B 119 -13.86 -28.55 -24.78
C ARG B 119 -15.38 -28.46 -24.70
N ILE B 120 -15.91 -27.28 -24.99
CA ILE B 120 -17.35 -27.07 -25.02
C ILE B 120 -17.95 -27.26 -26.40
N LYS B 121 -17.33 -26.68 -27.41
CA LYS B 121 -17.90 -26.67 -28.74
C LYS B 121 -17.85 -28.01 -29.48
N ILE B 122 -16.87 -28.87 -29.15
CA ILE B 122 -16.74 -30.15 -29.83
C ILE B 122 -17.83 -31.16 -29.41
N PRO B 123 -18.08 -31.33 -28.09
CA PRO B 123 -19.24 -32.18 -27.74
C PRO B 123 -20.55 -31.61 -28.29
N ALA B 124 -20.65 -30.29 -28.31
CA ALA B 124 -21.86 -29.65 -28.78
C ALA B 124 -22.02 -29.71 -30.31
N GLY B 125 -20.95 -30.11 -31.02
CA GLY B 125 -20.98 -30.16 -32.48
C GLY B 125 -21.03 -28.78 -33.13
N LEU B 126 -20.47 -27.78 -32.47
CA LEU B 126 -20.47 -26.41 -32.98
C LEU B 126 -19.21 -26.08 -33.75
N ASP B 127 -19.34 -25.82 -35.05
CA ASP B 127 -18.23 -25.40 -35.91
C ASP B 127 -16.96 -26.19 -35.66
N THR B 128 -17.08 -27.52 -35.61
CA THR B 128 -16.00 -28.35 -35.11
C THR B 128 -14.80 -28.33 -36.05
N ASP B 129 -15.03 -28.30 -37.36
CA ASP B 129 -13.90 -28.25 -38.30
C ASP B 129 -13.09 -26.97 -38.12
N LEU B 130 -13.80 -25.86 -37.98
CA LEU B 130 -13.19 -24.55 -37.76
C LEU B 130 -12.42 -24.51 -36.44
N VAL B 131 -13.04 -24.99 -35.37
CA VAL B 131 -12.42 -25.01 -34.06
C VAL B 131 -11.15 -25.85 -34.05
N LEU B 132 -11.21 -27.05 -34.64
CA LEU B 132 -10.07 -27.94 -34.65
C LEU B 132 -8.93 -27.38 -35.52
N GLU B 133 -9.27 -26.75 -36.64
CA GLU B 133 -8.22 -26.14 -37.47
C GLU B 133 -7.54 -24.98 -36.74
N GLU B 134 -8.34 -24.19 -36.01
CA GLU B 134 -7.80 -23.11 -35.17
C GLU B 134 -6.86 -23.68 -34.12
N GLY B 135 -7.19 -24.84 -33.59
CA GLY B 135 -6.33 -25.51 -32.64
C GLY B 135 -5.01 -25.93 -33.27
N ALA B 136 -5.11 -26.45 -34.49
CA ALA B 136 -3.92 -26.88 -35.22
C ALA B 136 -2.96 -25.71 -35.46
N ARG B 137 -3.51 -24.56 -35.85
CA ARG B 137 -2.67 -23.39 -36.14
C ARG B 137 -1.95 -22.87 -34.89
N LEU B 138 -2.58 -22.98 -33.72
CA LEU B 138 -1.94 -22.61 -32.46
C LEU B 138 -0.79 -23.54 -32.13
N TYR B 139 -1.05 -24.85 -32.19
CA TYR B 139 -0.03 -25.82 -31.80
C TYR B 139 1.16 -25.75 -32.75
N GLU B 140 0.90 -25.40 -34.00
CA GLU B 140 1.96 -25.15 -34.97
C GLU B 140 2.87 -23.99 -34.56
N ARG B 141 2.25 -22.88 -34.17
CA ARG B 141 2.99 -21.70 -33.74
C ARG B 141 3.76 -22.00 -32.46
N ALA B 142 3.15 -22.83 -31.60
CA ALA B 142 3.80 -23.24 -30.34
C ALA B 142 5.08 -23.98 -30.65
N ALA B 143 4.96 -24.96 -31.54
CA ALA B 143 6.08 -25.79 -31.94
C ALA B 143 7.24 -25.00 -32.54
N ALA B 144 6.95 -23.82 -33.07
CA ALA B 144 7.98 -22.97 -33.70
C ALA B 144 9.05 -22.52 -32.70
N ASP B 145 8.64 -22.29 -31.46
CA ASP B 145 9.53 -21.74 -30.43
C ASP B 145 10.03 -22.84 -29.49
N VAL B 146 9.83 -24.09 -29.86
CA VAL B 146 10.33 -25.21 -29.07
C VAL B 146 11.70 -25.65 -29.60
N PRO B 147 12.72 -25.65 -28.73
CA PRO B 147 14.11 -25.97 -29.09
C PRO B 147 14.41 -27.46 -29.26
N GLY B 148 13.79 -28.32 -28.46
CA GLY B 148 14.03 -29.75 -28.57
C GLY B 148 13.22 -30.40 -29.68
N ARG B 149 13.92 -31.14 -30.54
CA ARG B 149 13.30 -31.74 -31.73
C ARG B 149 12.23 -32.75 -31.35
N GLU B 150 12.50 -33.54 -30.33
CA GLU B 150 11.55 -34.54 -29.87
C GLU B 150 10.28 -33.87 -29.32
N ASP B 151 10.45 -32.74 -28.63
CA ASP B 151 9.29 -31.98 -28.16
C ASP B 151 8.50 -31.42 -29.36
N ARG B 152 9.21 -30.90 -30.35
CA ARG B 152 8.56 -30.35 -31.56
C ARG B 152 7.74 -31.42 -32.26
N ARG B 153 8.26 -32.64 -32.30
CA ARG B 153 7.56 -33.73 -32.97
C ARG B 153 6.29 -34.13 -32.24
N GLU B 154 6.34 -34.10 -30.91
CA GLU B 154 5.15 -34.36 -30.12
C GLU B 154 4.02 -33.38 -30.45
N LEU B 155 4.37 -32.12 -30.65
CA LEU B 155 3.37 -31.11 -30.95
C LEU B 155 2.88 -31.25 -32.40
N LEU B 156 3.80 -31.54 -33.32
CA LEU B 156 3.44 -31.71 -34.71
C LEU B 156 2.51 -32.92 -34.89
N ALA B 157 2.69 -33.94 -34.05
CA ALA B 157 1.80 -35.10 -34.05
C ALA B 157 0.39 -34.69 -33.63
N ALA B 158 0.27 -33.76 -32.68
CA ALA B 158 -1.04 -33.29 -32.25
C ALA B 158 -1.67 -32.48 -33.36
N VAL B 159 -0.84 -31.68 -34.03
CA VAL B 159 -1.29 -30.88 -35.16
C VAL B 159 -1.90 -31.76 -36.24
N ASP B 160 -1.16 -32.81 -36.61
CA ASP B 160 -1.61 -33.68 -37.69
C ASP B 160 -2.87 -34.44 -37.29
N ALA B 161 -2.98 -34.81 -36.01
CA ALA B 161 -4.19 -35.49 -35.54
C ALA B 161 -5.36 -34.51 -35.50
N LEU B 162 -5.12 -33.28 -35.05
CA LEU B 162 -6.15 -32.25 -35.08
C LEU B 162 -6.68 -32.04 -36.51
N ARG B 163 -5.82 -32.20 -37.50
CA ARG B 163 -6.23 -31.95 -38.87
C ARG B 163 -6.77 -33.19 -39.59
N ASP B 164 -6.76 -34.34 -38.91
CA ASP B 164 -7.16 -35.59 -39.54
C ASP B 164 -8.69 -35.70 -39.65
N GLU B 165 -9.24 -35.21 -40.76
CA GLU B 165 -10.69 -35.11 -40.93
C GLU B 165 -11.38 -36.47 -40.99
N SER B 166 -10.60 -37.55 -41.06
CA SER B 166 -11.15 -38.91 -41.09
C SER B 166 -11.35 -39.53 -39.70
N ARG B 167 -10.90 -38.83 -38.67
CA ARG B 167 -11.16 -39.26 -37.28
C ARG B 167 -12.35 -38.50 -36.71
N PRO B 168 -13.02 -39.06 -35.69
CA PRO B 168 -14.12 -38.30 -35.08
C PRO B 168 -13.60 -37.04 -34.38
N ALA B 169 -14.43 -36.01 -34.33
CA ALA B 169 -14.05 -34.73 -33.75
C ALA B 169 -13.49 -34.89 -32.35
N ALA B 170 -14.20 -35.64 -31.51
CA ALA B 170 -13.79 -35.88 -30.14
C ALA B 170 -12.40 -36.53 -30.07
N SER B 171 -12.09 -37.35 -31.06
CA SER B 171 -10.81 -38.06 -31.08
C SER B 171 -9.70 -37.10 -31.52
N ARG B 172 -10.01 -36.26 -32.49
CA ARG B 172 -9.06 -35.25 -32.93
C ARG B 172 -8.70 -34.31 -31.77
N LEU B 173 -9.70 -33.88 -31.00
CA LEU B 173 -9.48 -32.99 -29.87
C LEU B 173 -8.64 -33.64 -28.78
N ALA B 174 -9.01 -34.85 -28.36
CA ALA B 174 -8.28 -35.58 -27.31
C ALA B 174 -6.79 -35.74 -27.61
N ALA B 175 -6.44 -35.85 -28.89
CA ALA B 175 -5.03 -35.98 -29.29
C ALA B 175 -4.22 -34.72 -28.96
N ALA B 176 -4.91 -33.59 -28.83
CA ALA B 176 -4.27 -32.33 -28.47
C ALA B 176 -4.21 -32.10 -26.96
N LEU B 177 -4.81 -32.99 -26.18
CA LEU B 177 -4.94 -32.80 -24.74
C LEU B 177 -4.27 -33.89 -23.91
N THR B 178 -3.34 -34.62 -24.54
CA THR B 178 -2.62 -35.68 -23.87
C THR B 178 -1.65 -35.12 -22.83
N PRO B 179 -1.26 -35.94 -21.84
CA PRO B 179 -0.26 -35.46 -20.87
C PRO B 179 1.09 -35.16 -21.51
N GLN B 180 1.47 -35.90 -22.55
CA GLN B 180 2.73 -35.67 -23.26
C GLN B 180 2.72 -34.31 -23.97
N VAL B 181 1.57 -33.96 -24.55
CA VAL B 181 1.40 -32.63 -25.14
C VAL B 181 1.46 -31.56 -24.06
N ASP B 182 0.71 -31.76 -22.99
CA ASP B 182 0.67 -30.84 -21.84
C ASP B 182 2.06 -30.52 -21.31
N ALA B 183 2.89 -31.54 -21.14
CA ALA B 183 4.25 -31.37 -20.61
C ALA B 183 5.07 -30.42 -21.47
N VAL B 184 5.02 -30.58 -22.79
CA VAL B 184 5.73 -29.67 -23.69
C VAL B 184 5.21 -28.23 -23.51
N LEU B 185 3.89 -28.08 -23.43
CA LEU B 185 3.28 -26.75 -23.39
C LEU B 185 3.40 -26.05 -22.03
N ALA B 186 3.51 -26.82 -20.95
CA ALA B 186 3.72 -26.24 -19.63
C ALA B 186 5.12 -25.63 -19.56
N ARG B 187 6.08 -26.31 -20.17
CA ARG B 187 7.45 -25.83 -20.25
C ARG B 187 7.68 -24.77 -21.35
N HIS B 188 7.02 -24.93 -22.49
CA HIS B 188 7.20 -23.95 -23.57
C HIS B 188 5.87 -23.44 -24.09
N PRO B 189 5.15 -22.67 -23.28
CA PRO B 189 3.83 -22.21 -23.72
C PRO B 189 3.92 -21.29 -24.92
N LEU B 190 2.86 -21.25 -25.70
CA LEU B 190 2.76 -20.23 -26.73
C LEU B 190 2.38 -18.94 -26.02
N ARG B 191 3.27 -17.94 -26.08
CA ARG B 191 3.06 -16.68 -25.38
C ARG B 191 2.84 -15.55 -26.39
N ASP B 192 1.64 -14.95 -26.37
CA ASP B 192 1.32 -13.81 -27.23
C ASP B 192 1.67 -12.49 -26.55
N LEU B 193 2.15 -11.54 -27.34
CA LEU B 193 2.28 -10.16 -26.92
C LEU B 193 3.05 -10.02 -25.60
N VAL B 194 4.19 -10.69 -25.50
CA VAL B 194 4.94 -10.73 -24.27
C VAL B 194 5.29 -9.33 -23.83
N THR B 195 4.99 -9.02 -22.58
CA THR B 195 5.23 -7.69 -22.05
C THR B 195 5.97 -7.79 -20.70
N SER B 196 7.05 -7.03 -20.55
CA SER B 196 7.84 -7.06 -19.32
C SER B 196 7.63 -5.86 -18.41
N SER B 197 7.78 -6.09 -17.12
CA SER B 197 7.95 -4.99 -16.17
C SER B 197 9.39 -4.47 -16.26
N ASP B 198 9.64 -3.26 -15.76
CA ASP B 198 11.01 -2.81 -15.57
C ASP B 198 11.60 -3.63 -14.42
N PRO B 199 12.89 -3.99 -14.52
CA PRO B 199 13.60 -4.78 -13.49
C PRO B 199 13.62 -4.12 -12.11
N LEU B 200 13.44 -4.94 -11.07
CA LEU B 200 13.59 -4.50 -9.70
C LEU B 200 14.83 -5.15 -9.09
N PRO B 201 15.53 -4.43 -8.22
CA PRO B 201 16.78 -4.94 -7.64
C PRO B 201 16.57 -5.84 -6.43
N LEU B 202 17.42 -6.86 -6.31
CA LEU B 202 17.37 -7.76 -5.17
C LEU B 202 18.77 -7.96 -4.65
N LEU B 203 18.95 -7.68 -3.37
CA LEU B 203 20.24 -7.87 -2.71
C LEU B 203 20.29 -9.23 -2.00
N VAL B 204 21.13 -10.13 -2.49
CA VAL B 204 21.24 -11.44 -1.87
C VAL B 204 22.46 -11.46 -0.99
N GLU B 205 22.28 -11.84 0.28
CA GLU B 205 23.38 -11.85 1.23
C GLU B 205 23.56 -13.24 1.83
N ARG B 206 24.56 -13.39 2.70
CA ARG B 206 24.90 -14.72 3.18
C ARG B 206 23.86 -15.20 4.17
N GLU B 207 23.82 -16.52 4.33
CA GLU B 207 22.91 -17.21 5.21
C GLU B 207 22.77 -16.58 6.59
N ARG B 208 23.90 -16.26 7.22
CA ARG B 208 23.90 -15.75 8.59
C ARG B 208 23.14 -14.41 8.74
N ALA B 209 22.92 -13.68 7.66
CA ALA B 209 22.17 -12.43 7.78
C ALA B 209 20.73 -12.70 8.21
N LEU B 210 20.19 -13.83 7.78
CA LEU B 210 18.83 -14.20 8.14
C LEU B 210 18.77 -15.19 9.30
N TYR B 211 19.71 -16.13 9.31
CA TYR B 211 19.63 -17.27 10.19
C TYR B 211 20.85 -17.39 11.11
N GLY B 212 20.61 -17.56 12.40
CA GLY B 212 21.69 -17.66 13.35
C GLY B 212 21.21 -17.49 14.78
N ALA B 213 21.91 -18.12 15.72
CA ALA B 213 21.59 -17.96 17.13
C ALA B 213 22.70 -17.16 17.81
N TRP B 214 22.30 -16.17 18.60
CA TRP B 214 23.21 -15.16 19.15
C TRP B 214 23.33 -15.24 20.65
N TYR B 215 24.55 -15.13 21.15
CA TYR B 215 24.76 -15.14 22.60
C TYR B 215 25.58 -13.94 23.00
N GLU B 216 25.06 -13.15 23.92
CA GLU B 216 25.75 -11.95 24.38
C GLU B 216 26.34 -12.13 25.78
N PHE B 217 27.62 -11.81 25.95
CA PHE B 217 28.19 -11.83 27.30
C PHE B 217 29.35 -10.83 27.44
N PHE B 218 29.65 -10.48 28.69
CA PHE B 218 30.72 -9.57 29.05
C PHE B 218 32.00 -10.34 29.40
N PRO B 219 33.03 -10.26 28.56
CA PRO B 219 34.30 -10.88 28.93
C PRO B 219 34.83 -10.50 30.32
N ARG B 220 34.66 -9.25 30.74
CA ARG B 220 35.25 -8.83 32.03
C ARG B 220 34.64 -9.58 33.22
N SER B 221 33.47 -10.17 33.02
CA SER B 221 32.84 -10.88 34.11
C SER B 221 33.42 -12.28 34.31
N GLU B 222 34.11 -12.80 33.31
CA GLU B 222 34.67 -14.14 33.40
C GLU B 222 36.14 -14.10 33.83
N GLY B 223 36.36 -13.74 35.09
CA GLY B 223 37.71 -13.60 35.60
C GLY B 223 38.14 -14.78 36.46
N THR B 224 39.07 -14.52 37.39
CA THR B 224 39.59 -15.52 38.32
C THR B 224 39.50 -14.98 39.74
N PRO B 225 39.71 -15.85 40.75
CA PRO B 225 39.78 -15.38 42.15
C PRO B 225 40.81 -14.29 42.42
N HIS B 226 41.98 -14.36 41.76
CA HIS B 226 43.03 -13.38 42.01
C HIS B 226 42.86 -12.13 41.15
N THR B 227 42.35 -12.32 39.95
CA THR B 227 42.08 -11.22 39.01
C THR B 227 40.61 -11.25 38.55
N PRO B 228 39.71 -10.63 39.33
CA PRO B 228 38.27 -10.65 39.06
C PRO B 228 37.90 -10.11 37.66
N HIS B 229 38.69 -9.18 37.14
CA HIS B 229 38.39 -8.62 35.83
C HIS B 229 38.90 -9.55 34.75
N GLY B 230 37.98 -10.16 34.02
CA GLY B 230 38.35 -11.11 33.02
C GLY B 230 39.13 -10.46 31.91
N THR B 231 39.87 -11.29 31.19
CA THR B 231 40.62 -10.88 30.03
C THR B 231 40.08 -11.64 28.82
N PHE B 232 40.56 -11.32 27.62
CA PHE B 232 40.22 -12.18 26.49
C PHE B 232 40.71 -13.62 26.69
N ARG B 233 41.83 -13.80 27.39
CA ARG B 233 42.40 -15.14 27.61
C ARG B 233 41.50 -15.96 28.53
N THR B 234 41.01 -15.36 29.60
CA THR B 234 40.19 -16.10 30.54
C THR B 234 38.75 -16.23 30.02
N ALA B 235 38.26 -15.20 29.34
CA ALA B 235 36.88 -15.24 28.83
C ALA B 235 36.75 -16.26 27.71
N ALA B 236 37.84 -16.56 27.03
CA ALA B 236 37.78 -17.54 25.97
C ALA B 236 37.33 -18.91 26.51
N ARG B 237 37.35 -19.07 27.84
CA ARG B 237 36.96 -20.33 28.47
C ARG B 237 35.45 -20.53 28.44
N ARG B 238 34.69 -19.48 28.14
CA ARG B 238 33.24 -19.60 28.04
C ARG B 238 32.82 -20.09 26.67
N LEU B 239 33.69 -19.88 25.69
CA LEU B 239 33.34 -20.19 24.31
C LEU B 239 32.90 -21.65 24.08
N PRO B 240 33.57 -22.64 24.69
CA PRO B 240 33.06 -24.00 24.46
C PRO B 240 31.63 -24.22 24.99
N ALA B 241 31.29 -23.68 26.15
CA ALA B 241 29.94 -23.83 26.66
C ALA B 241 28.95 -23.13 25.75
N ILE B 242 29.38 -22.03 25.14
CA ILE B 242 28.46 -21.25 24.30
C ILE B 242 28.20 -22.01 23.02
N ALA B 243 29.26 -22.58 22.45
CA ALA B 243 29.13 -23.41 21.26
C ALA B 243 28.32 -24.68 21.55
N ALA B 244 28.47 -25.22 22.76
CA ALA B 244 27.78 -26.44 23.14
C ALA B 244 26.28 -26.19 23.26
N MET B 245 25.89 -24.95 23.52
CA MET B 245 24.48 -24.58 23.54
C MET B 245 23.92 -24.35 22.14
N GLY B 246 24.76 -24.49 21.13
CA GLY B 246 24.31 -24.36 19.76
C GLY B 246 24.24 -22.95 19.19
N PHE B 247 24.95 -22.00 19.80
CA PHE B 247 24.94 -20.64 19.27
C PHE B 247 25.93 -20.49 18.11
N ASP B 248 25.71 -19.50 17.26
CA ASP B 248 26.59 -19.30 16.11
C ASP B 248 27.36 -17.97 16.16
N VAL B 249 26.86 -17.05 16.96
CA VAL B 249 27.42 -15.71 17.06
C VAL B 249 27.58 -15.32 18.51
N VAL B 250 28.74 -14.81 18.88
CA VAL B 250 28.96 -14.26 20.21
C VAL B 250 29.00 -12.74 20.10
N TYR B 251 28.13 -12.04 20.81
CA TYR B 251 28.10 -10.59 20.71
C TYR B 251 28.70 -10.01 21.98
N LEU B 252 29.73 -9.21 21.80
CA LEU B 252 30.45 -8.56 22.90
C LEU B 252 30.09 -7.10 22.98
N PRO B 253 29.79 -6.62 24.19
CA PRO B 253 29.69 -5.19 24.48
C PRO B 253 31.04 -4.54 24.17
N PRO B 254 31.09 -3.20 24.07
CA PRO B 254 32.33 -2.55 23.65
C PRO B 254 33.57 -3.03 24.40
N ILE B 255 34.64 -3.35 23.65
CA ILE B 255 35.84 -3.91 24.24
C ILE B 255 36.93 -2.85 24.37
N HIS B 256 36.53 -1.59 24.37
CA HIS B 256 37.48 -0.48 24.33
C HIS B 256 37.76 0.08 25.72
N PRO B 257 38.77 0.97 25.83
CA PRO B 257 38.94 1.60 27.15
C PRO B 257 37.70 2.39 27.56
N ILE B 258 37.53 2.56 28.86
CA ILE B 258 36.36 3.19 29.42
C ILE B 258 36.74 4.48 30.14
N GLY B 259 36.05 5.58 29.85
CA GLY B 259 36.33 6.85 30.49
C GLY B 259 36.25 6.82 32.01
N THR B 260 36.94 7.76 32.67
CA THR B 260 36.87 7.94 34.11
C THR B 260 36.00 9.15 34.48
N THR B 261 36.00 10.16 33.63
CA THR B 261 35.20 11.35 33.94
C THR B 261 33.72 11.02 33.87
N HIS B 262 33.03 11.25 35.00
CA HIS B 262 31.60 10.97 35.13
C HIS B 262 31.25 9.50 34.92
N ARG B 263 32.23 8.63 35.13
CA ARG B 263 32.00 7.19 35.10
C ARG B 263 30.86 6.84 36.05
N LYS B 264 29.99 5.92 35.63
CA LYS B 264 28.84 5.54 36.44
C LYS B 264 29.19 4.44 37.44
N GLY B 265 28.51 4.48 38.59
CA GLY B 265 28.71 3.45 39.60
C GLY B 265 27.73 2.28 39.48
N ARG B 266 27.81 1.36 40.44
CA ARG B 266 26.96 0.18 40.46
C ARG B 266 25.51 0.61 40.46
N ASN B 267 24.66 -0.16 39.77
CA ASN B 267 23.23 0.15 39.68
C ASN B 267 22.91 1.52 39.08
N ASN B 268 23.74 1.95 38.14
CA ASN B 268 23.49 3.19 37.41
C ASN B 268 23.48 4.41 38.33
N THR B 269 24.35 4.41 39.34
CA THR B 269 24.50 5.58 40.20
C THR B 269 25.47 6.54 39.53
N LEU B 270 25.38 7.83 39.86
CA LEU B 270 26.11 8.86 39.10
C LEU B 270 27.62 8.88 39.33
N SER B 271 28.07 8.51 40.52
CA SER B 271 29.50 8.58 40.80
C SER B 271 30.12 7.22 41.10
N ALA B 272 31.13 6.86 40.33
CA ALA B 272 31.90 5.65 40.57
C ALA B 272 32.81 5.84 41.78
N THR B 273 33.01 4.77 42.53
CA THR B 273 33.91 4.81 43.68
C THR B 273 34.91 3.67 43.62
N GLY B 274 36.18 4.01 43.78
CA GLY B 274 37.22 3.02 43.96
C GLY B 274 37.46 2.13 42.75
N ASP B 275 36.92 0.91 42.83
CA ASP B 275 37.21 -0.08 41.82
C ASP B 275 36.11 -0.22 40.77
N ASP B 276 35.08 0.63 40.85
CA ASP B 276 33.93 0.53 39.94
C ASP B 276 34.40 0.52 38.49
N VAL B 277 33.87 -0.40 37.70
CA VAL B 277 34.44 -0.64 36.38
C VAL B 277 33.86 0.25 35.29
N GLY B 278 32.72 0.88 35.56
CA GLY B 278 32.04 1.69 34.58
C GLY B 278 31.32 0.93 33.47
N SER B 279 30.52 1.67 32.71
CA SER B 279 29.84 1.11 31.56
C SER B 279 30.74 1.03 30.36
N PRO B 280 30.78 -0.13 29.70
CA PRO B 280 31.58 -0.34 28.50
C PRO B 280 31.20 0.63 27.36
N TRP B 281 29.99 1.16 27.40
CA TRP B 281 29.53 2.04 26.31
C TRP B 281 30.07 3.47 26.47
N ALA B 282 30.73 3.75 27.60
CA ALA B 282 31.41 5.05 27.78
C ALA B 282 32.81 4.97 27.22
N ILE B 283 32.90 4.87 25.90
CA ILE B 283 34.15 4.52 25.22
C ILE B 283 35.18 5.66 25.17
N GLY B 284 36.40 5.35 25.57
CA GLY B 284 37.51 6.25 25.33
C GLY B 284 38.19 6.85 26.55
N SER B 285 39.51 6.88 26.48
CA SER B 285 40.33 7.38 27.57
C SER B 285 41.71 7.71 26.98
N PRO B 286 42.66 8.19 27.81
CA PRO B 286 44.02 8.37 27.27
C PRO B 286 44.62 7.07 26.73
N GLU B 287 44.07 5.94 27.17
CA GLU B 287 44.55 4.64 26.74
C GLU B 287 44.14 4.33 25.30
N GLY B 288 43.17 5.06 24.77
CA GLY B 288 42.75 4.85 23.39
C GLY B 288 41.25 4.93 23.20
N GLY B 289 40.81 4.84 21.95
CA GLY B 289 39.40 4.97 21.62
C GLY B 289 38.85 3.72 20.93
N HIS B 290 38.04 3.92 19.89
CA HIS B 290 37.31 2.83 19.26
C HIS B 290 38.20 1.80 18.53
N ASP B 291 39.46 2.13 18.29
CA ASP B 291 40.37 1.19 17.64
C ASP B 291 41.34 0.53 18.64
N SER B 292 41.05 0.69 19.94
CA SER B 292 41.88 0.17 21.02
C SER B 292 41.17 -0.87 21.86
N ILE B 293 41.97 -1.64 22.59
CA ILE B 293 41.46 -2.63 23.54
C ILE B 293 41.57 -2.11 24.97
N HIS B 294 40.52 -2.31 25.75
CA HIS B 294 40.60 -2.05 27.19
C HIS B 294 41.83 -2.78 27.77
N PRO B 295 42.76 -2.04 28.41
CA PRO B 295 43.98 -2.70 28.92
C PRO B 295 43.70 -3.85 29.93
N ALA B 296 42.61 -3.80 30.68
CA ALA B 296 42.31 -4.91 31.58
C ALA B 296 41.81 -6.17 30.84
N LEU B 297 41.44 -6.03 29.56
CA LEU B 297 41.04 -7.17 28.73
C LEU B 297 42.25 -7.78 28.01
N GLY B 298 43.32 -7.02 27.91
CA GLY B 298 44.53 -7.50 27.27
C GLY B 298 44.91 -6.70 26.05
N THR B 299 45.55 -7.38 25.10
CA THR B 299 46.08 -6.72 23.92
C THR B 299 45.35 -7.19 22.66
N LEU B 300 45.64 -6.52 21.56
CA LEU B 300 45.08 -6.86 20.26
C LEU B 300 45.42 -8.32 19.93
N ASP B 301 46.58 -8.77 20.39
CA ASP B 301 46.98 -10.16 20.14
C ASP B 301 46.14 -11.15 20.95
N ASP B 302 45.82 -10.80 22.19
CA ASP B 302 44.91 -11.59 22.99
C ASP B 302 43.55 -11.67 22.29
N PHE B 303 43.11 -10.56 21.71
CA PHE B 303 41.82 -10.51 21.01
C PHE B 303 41.83 -11.47 19.82
N ASP B 304 42.90 -11.43 19.04
CA ASP B 304 43.04 -12.31 17.89
C ASP B 304 42.97 -13.78 18.30
N HIS B 305 43.56 -14.08 19.46
CA HIS B 305 43.51 -15.42 20.01
C HIS B 305 42.06 -15.82 20.33
N PHE B 306 41.34 -14.92 21.00
CA PHE B 306 39.93 -15.12 21.32
C PHE B 306 39.09 -15.39 20.07
N VAL B 307 39.34 -14.62 19.02
CA VAL B 307 38.64 -14.75 17.74
C VAL B 307 38.93 -16.08 17.05
N THR B 308 40.21 -16.45 17.06
CA THR B 308 40.64 -17.74 16.52
C THR B 308 39.97 -18.92 17.26
N GLU B 309 39.96 -18.85 18.60
CA GLU B 309 39.33 -19.91 19.39
C GLU B 309 37.83 -19.97 19.12
N ALA B 310 37.19 -18.80 18.97
CA ALA B 310 35.77 -18.76 18.65
C ALA B 310 35.54 -19.40 17.30
N GLY B 311 36.36 -19.04 16.32
CA GLY B 311 36.27 -19.61 14.99
C GLY B 311 36.39 -21.13 14.97
N LYS B 312 37.29 -21.68 15.77
CA LYS B 312 37.50 -23.14 15.78
C LYS B 312 36.26 -23.85 16.33
N LEU B 313 35.50 -23.13 17.15
CA LEU B 313 34.27 -23.68 17.72
C LEU B 313 33.01 -23.37 16.90
N GLY B 314 33.18 -22.76 15.72
CA GLY B 314 32.05 -22.38 14.89
C GLY B 314 31.30 -21.14 15.35
N LEU B 315 32.03 -20.22 16.01
CA LEU B 315 31.43 -19.00 16.51
C LEU B 315 31.99 -17.77 15.80
N GLU B 316 31.10 -16.90 15.31
CA GLU B 316 31.54 -15.62 14.77
C GLU B 316 31.44 -14.56 15.86
N ILE B 317 32.35 -13.60 15.84
CA ILE B 317 32.27 -12.50 16.81
C ILE B 317 31.48 -11.35 16.23
N ALA B 318 30.54 -10.81 17.01
CA ALA B 318 29.90 -9.56 16.69
C ALA B 318 30.36 -8.52 17.71
N LEU B 319 30.98 -7.44 17.24
CA LEU B 319 31.41 -6.38 18.14
C LEU B 319 30.38 -5.27 18.19
N ASP B 320 30.27 -4.66 19.35
CA ASP B 320 29.41 -3.50 19.50
C ASP B 320 30.06 -2.27 18.85
N PHE B 321 29.33 -1.59 17.98
CA PHE B 321 29.79 -0.28 17.50
C PHE B 321 28.90 0.81 18.03
N ALA B 322 29.44 1.60 18.94
CA ALA B 322 28.66 2.66 19.58
C ALA B 322 29.29 4.01 19.27
N LEU B 323 28.67 4.75 18.36
CA LEU B 323 29.30 5.98 17.88
C LEU B 323 28.98 7.11 18.86
N GLN B 324 29.82 7.18 19.89
CA GLN B 324 29.64 8.09 21.01
C GLN B 324 30.95 8.07 21.78
N CYS B 325 31.14 8.97 22.74
CA CYS B 325 32.42 9.18 23.40
C CYS B 325 32.24 9.44 24.87
N SER B 326 33.11 8.87 25.71
CA SER B 326 33.23 9.38 27.07
C SER B 326 33.89 10.76 27.00
N PRO B 327 33.82 11.54 28.09
CA PRO B 327 34.49 12.84 28.01
C PRO B 327 36.01 12.73 27.88
N ASP B 328 36.54 11.52 28.05
CA ASP B 328 37.99 11.29 28.05
C ASP B 328 38.52 10.75 26.74
N HIS B 329 37.62 10.51 25.79
CA HIS B 329 37.99 9.98 24.47
C HIS B 329 38.87 11.00 23.75
N PRO B 330 39.92 10.53 23.08
CA PRO B 330 40.81 11.36 22.25
C PRO B 330 40.05 12.33 21.32
N TRP B 331 38.92 11.89 20.77
CA TRP B 331 38.21 12.71 19.79
C TRP B 331 37.78 14.04 20.36
N VAL B 332 37.60 14.10 21.67
CA VAL B 332 37.06 15.29 22.29
C VAL B 332 38.01 16.47 22.07
N HIS B 333 39.32 16.21 22.03
CA HIS B 333 40.26 17.29 21.77
C HIS B 333 40.83 17.23 20.34
N LYS B 334 40.89 16.04 19.75
CA LYS B 334 41.39 15.96 18.38
C LYS B 334 40.36 16.42 17.35
N HIS B 335 39.08 16.21 17.64
CA HIS B 335 38.03 16.58 16.69
C HIS B 335 36.87 17.26 17.37
N PRO B 336 37.09 18.48 17.92
CA PRO B 336 36.03 19.11 18.71
C PRO B 336 34.74 19.36 17.91
N GLU B 337 34.86 19.48 16.59
CA GLU B 337 33.71 19.82 15.76
C GLU B 337 32.84 18.58 15.48
N TRP B 338 33.23 17.44 16.04
CA TRP B 338 32.39 16.23 16.00
C TRP B 338 31.42 16.24 17.18
N PHE B 339 31.39 17.36 17.90
CA PHE B 339 30.50 17.51 19.05
C PHE B 339 29.81 18.86 19.02
N HIS B 340 28.61 18.92 19.59
CA HIS B 340 27.91 20.18 19.70
C HIS B 340 28.25 20.84 21.01
N HIS B 341 28.82 22.05 20.94
CA HIS B 341 29.21 22.79 22.13
C HIS B 341 28.22 23.89 22.42
N ARG B 342 27.90 24.03 23.68
CA ARG B 342 27.02 25.07 24.17
C ARG B 342 27.85 26.35 24.29
N PRO B 343 27.18 27.51 24.49
CA PRO B 343 27.88 28.80 24.54
C PRO B 343 29.06 28.87 25.50
N ASP B 344 29.02 28.13 26.61
CA ASP B 344 30.14 28.14 27.55
C ASP B 344 31.19 27.08 27.21
N GLY B 345 31.04 26.40 26.08
CA GLY B 345 32.03 25.44 25.65
C GLY B 345 31.74 24.00 26.02
N THR B 346 30.79 23.77 26.93
CA THR B 346 30.55 22.41 27.38
C THR B 346 29.73 21.60 26.37
N ILE B 347 29.90 20.28 26.44
CA ILE B 347 29.08 19.37 25.63
C ILE B 347 28.05 18.68 26.52
N ALA B 348 26.77 18.82 26.16
CA ALA B 348 25.72 18.15 26.92
C ALA B 348 25.85 16.63 26.77
N HIS B 349 25.63 15.92 27.87
CA HIS B 349 25.74 14.47 27.84
C HIS B 349 24.55 13.90 27.05
N ALA B 350 24.72 12.71 26.49
CA ALA B 350 23.66 12.07 25.72
C ALA B 350 22.46 11.71 26.59
N GLU B 351 21.31 11.59 25.95
CA GLU B 351 20.05 11.22 26.60
C GLU B 351 19.26 10.31 25.67
N ASN B 352 18.29 9.59 26.24
CA ASN B 352 17.32 8.79 25.49
C ASN B 352 16.08 8.74 26.34
N PRO B 353 15.42 9.91 26.52
CA PRO B 353 14.50 10.22 27.61
C PRO B 353 13.50 9.11 27.94
N PRO B 354 13.17 8.92 29.23
CA PRO B 354 13.74 9.72 30.33
C PRO B 354 15.09 9.20 30.86
N LYS B 355 15.71 8.28 30.12
CA LYS B 355 17.05 7.79 30.46
C LYS B 355 18.12 8.87 30.22
N LYS B 356 19.08 8.94 31.13
CA LYS B 356 20.19 9.87 30.98
C LYS B 356 21.53 9.14 30.95
N TYR B 357 22.42 9.59 30.08
CA TYR B 357 23.72 8.97 29.96
C TYR B 357 24.83 9.97 30.32
N GLN B 358 24.92 10.35 31.59
CA GLN B 358 25.89 11.36 32.03
C GLN B 358 27.35 11.01 31.75
N ASP B 359 27.62 9.74 31.42
CA ASP B 359 29.00 9.32 31.22
C ASP B 359 29.44 9.40 29.77
N ILE B 360 28.58 9.92 28.89
CA ILE B 360 28.95 10.04 27.47
C ILE B 360 28.47 11.30 26.77
N TYR B 361 29.18 11.64 25.69
CA TYR B 361 28.82 12.70 24.75
C TYR B 361 28.26 12.08 23.49
N PRO B 362 27.17 12.66 22.94
CA PRO B 362 26.79 12.22 21.60
C PRO B 362 27.61 12.96 20.54
N ILE B 363 27.69 12.36 19.36
CA ILE B 363 28.39 12.91 18.20
C ILE B 363 27.50 13.88 17.42
N ALA B 364 28.07 15.00 16.96
CA ALA B 364 27.36 15.95 16.10
C ALA B 364 27.83 15.74 14.66
N PHE B 365 26.92 15.69 13.69
CA PHE B 365 27.30 15.20 12.36
C PHE B 365 27.38 16.26 11.27
N ASP B 366 26.97 17.49 11.58
CA ASP B 366 26.78 18.45 10.50
C ASP B 366 27.93 19.45 10.32
N ALA B 367 28.96 19.39 11.15
CA ALA B 367 30.12 20.24 10.92
C ALA B 367 31.12 19.53 10.04
N ASP B 368 31.29 18.22 10.24
CA ASP B 368 32.25 17.47 9.44
C ASP B 368 31.76 16.03 9.14
N PRO B 369 30.68 15.92 8.35
CA PRO B 369 30.13 14.59 8.04
C PRO B 369 31.13 13.69 7.29
N ASP B 370 31.98 14.28 6.45
CA ASP B 370 32.95 13.49 5.69
C ASP B 370 34.05 12.91 6.59
N GLY B 371 34.52 13.70 7.54
CA GLY B 371 35.55 13.24 8.47
C GLY B 371 35.04 12.08 9.31
N LEU B 372 33.85 12.25 9.88
CA LEU B 372 33.19 11.20 10.66
C LEU B 372 32.99 9.91 9.86
N ALA B 373 32.52 10.02 8.62
CA ALA B 373 32.29 8.84 7.82
C ALA B 373 33.59 8.10 7.51
N THR B 374 34.62 8.87 7.17
CA THR B 374 35.95 8.33 6.85
C THR B 374 36.55 7.61 8.05
N GLU B 375 36.40 8.20 9.22
CA GLU B 375 36.91 7.63 10.44
C GLU B 375 36.07 6.41 10.86
N THR B 376 34.76 6.47 10.63
CA THR B 376 33.90 5.37 11.00
C THR B 376 34.24 4.11 10.22
N VAL B 377 34.39 4.23 8.89
CA VAL B 377 34.74 3.04 8.12
C VAL B 377 36.19 2.62 8.33
N ARG B 378 37.06 3.55 8.75
CA ARG B 378 38.43 3.15 9.09
C ARG B 378 38.43 2.22 10.29
N ILE B 379 37.67 2.58 11.30
CA ILE B 379 37.56 1.77 12.50
C ILE B 379 36.95 0.40 12.20
N LEU B 380 35.83 0.38 11.49
CA LEU B 380 35.20 -0.88 11.10
C LEU B 380 36.18 -1.76 10.35
N ARG B 381 36.89 -1.19 9.38
CA ARG B 381 37.89 -1.96 8.63
C ARG B 381 39.03 -2.47 9.51
N HIS B 382 39.36 -1.74 10.57
CA HIS B 382 40.35 -2.22 11.51
C HIS B 382 39.89 -3.55 12.10
N TRP B 383 38.68 -3.57 12.66
CA TRP B 383 38.21 -4.77 13.34
C TRP B 383 37.93 -5.88 12.34
N MET B 384 37.50 -5.51 11.13
CA MET B 384 37.30 -6.48 10.05
C MET B 384 38.60 -7.20 9.71
N ASP B 385 39.71 -6.50 9.81
CA ASP B 385 41.02 -7.11 9.56
C ASP B 385 41.41 -8.06 10.67
N HIS B 386 40.68 -8.01 11.78
CA HIS B 386 40.93 -8.95 12.86
C HIS B 386 39.77 -9.91 12.99
N GLY B 387 39.11 -10.15 11.86
CA GLY B 387 38.15 -11.22 11.72
C GLY B 387 36.75 -10.92 12.21
N VAL B 388 36.46 -9.66 12.50
CA VAL B 388 35.11 -9.31 12.91
C VAL B 388 34.29 -8.92 11.69
N ARG B 389 33.29 -9.74 11.35
CA ARG B 389 32.48 -9.49 10.17
C ARG B 389 31.03 -9.17 10.52
N ILE B 390 30.76 -8.87 11.79
CA ILE B 390 29.41 -8.56 12.24
C ILE B 390 29.51 -7.44 13.25
N PHE B 391 28.72 -6.39 13.06
CA PHE B 391 28.72 -5.31 14.03
C PHE B 391 27.32 -5.09 14.54
N ARG B 392 27.22 -4.98 15.85
CA ARG B 392 25.95 -4.66 16.48
C ARG B 392 26.00 -3.18 16.75
N VAL B 393 25.16 -2.43 16.03
CA VAL B 393 25.22 -0.98 16.02
C VAL B 393 24.31 -0.40 17.08
N ASP B 394 24.92 0.29 18.04
CA ASP B 394 24.22 0.79 19.21
C ASP B 394 23.38 2.02 18.83
N ASN B 395 22.08 2.01 19.15
CA ASN B 395 21.21 3.17 18.97
C ASN B 395 21.38 3.91 17.63
N PRO B 396 21.26 3.21 16.49
CA PRO B 396 21.56 3.97 15.28
C PRO B 396 20.57 5.08 14.98
N HIS B 397 19.38 5.02 15.59
CA HIS B 397 18.37 6.04 15.36
C HIS B 397 18.71 7.40 15.99
N THR B 398 19.86 7.52 16.64
CA THR B 398 20.27 8.83 17.15
C THR B 398 21.39 9.42 16.29
N LYS B 399 21.72 8.75 15.21
CA LYS B 399 22.68 9.25 14.23
C LYS B 399 21.91 9.39 12.92
N PRO B 400 22.36 10.27 11.99
CA PRO B 400 21.56 10.47 10.77
C PRO B 400 21.41 9.19 9.95
N VAL B 401 20.19 9.00 9.43
CA VAL B 401 19.88 7.86 8.58
C VAL B 401 20.84 7.79 7.40
N ALA B 402 21.03 8.91 6.70
CA ALA B 402 21.91 8.93 5.53
C ALA B 402 23.36 8.66 5.89
N PHE B 403 23.73 8.94 7.13
CA PHE B 403 25.07 8.57 7.59
C PHE B 403 25.26 7.04 7.57
N TRP B 404 24.30 6.28 8.09
CA TRP B 404 24.41 4.82 8.08
C TRP B 404 24.38 4.30 6.66
N GLU B 405 23.49 4.87 5.84
CA GLU B 405 23.36 4.44 4.45
C GLU B 405 24.70 4.53 3.73
N ARG B 406 25.38 5.65 3.90
CA ARG B 406 26.69 5.86 3.35
C ARG B 406 27.75 4.92 3.92
N VAL B 407 27.77 4.73 5.24
CA VAL B 407 28.78 3.88 5.87
C VAL B 407 28.62 2.40 5.48
N ILE B 408 27.38 1.92 5.52
CA ILE B 408 27.10 0.54 5.13
C ILE B 408 27.40 0.28 3.66
N ALA B 409 27.02 1.20 2.77
CA ALA B 409 27.33 1.04 1.34
C ALA B 409 28.85 1.03 1.11
N ASP B 410 29.57 1.85 1.85
CA ASP B 410 31.02 1.89 1.75
C ASP B 410 31.64 0.56 2.18
N ILE B 411 31.27 0.08 3.37
CA ILE B 411 31.81 -1.20 3.87
C ILE B 411 31.37 -2.38 2.99
N ASN B 412 30.09 -2.47 2.66
CA ASN B 412 29.63 -3.62 1.89
C ASN B 412 30.10 -3.57 0.44
N GLY B 413 30.51 -2.38 0.00
CA GLY B 413 31.04 -2.19 -1.34
C GLY B 413 32.36 -2.94 -1.54
N THR B 414 33.17 -3.04 -0.49
CA THR B 414 34.40 -3.84 -0.54
C THR B 414 34.25 -5.19 0.15
N ASP B 415 33.38 -5.27 1.15
CA ASP B 415 33.19 -6.49 1.93
C ASP B 415 31.70 -6.77 2.13
N PRO B 416 31.06 -7.36 1.12
CA PRO B 416 29.60 -7.58 1.18
C PRO B 416 29.15 -8.59 2.25
N ASP B 417 30.07 -9.38 2.79
CA ASP B 417 29.72 -10.35 3.84
C ASP B 417 29.52 -9.70 5.22
N VAL B 418 29.91 -8.44 5.37
CA VAL B 418 29.78 -7.81 6.69
C VAL B 418 28.31 -7.58 7.03
N ILE B 419 27.93 -7.96 8.25
CA ILE B 419 26.54 -7.85 8.66
C ILE B 419 26.39 -6.76 9.71
N PHE B 420 25.44 -5.86 9.50
CA PHE B 420 25.16 -4.82 10.48
C PHE B 420 23.82 -5.05 11.14
N LEU B 421 23.80 -5.06 12.47
CA LEU B 421 22.55 -5.24 13.21
C LEU B 421 22.12 -3.95 13.86
N ALA B 422 20.92 -3.47 13.52
CA ALA B 422 20.44 -2.20 14.04
C ALA B 422 19.78 -2.38 15.40
N GLU B 423 20.35 -1.80 16.44
CA GLU B 423 19.68 -1.81 17.74
C GLU B 423 18.83 -0.56 17.87
N ALA B 424 17.74 -0.51 17.11
CA ALA B 424 16.88 0.66 17.12
C ALA B 424 15.54 0.34 17.72
N PHE B 425 15.41 0.59 19.02
CA PHE B 425 14.12 0.42 19.69
C PHE B 425 13.40 1.77 19.64
N THR B 426 12.65 2.02 18.58
CA THR B 426 12.09 3.34 18.40
C THR B 426 10.77 3.24 17.66
N ARG B 427 10.34 4.30 16.99
CA ARG B 427 9.04 4.27 16.32
C ARG B 427 9.16 3.47 15.02
N PRO B 428 8.04 2.98 14.49
CA PRO B 428 8.11 2.06 13.36
C PRO B 428 8.73 2.66 12.08
N ALA B 429 8.50 3.93 11.80
CA ALA B 429 9.01 4.50 10.55
C ALA B 429 10.55 4.43 10.52
N MET B 430 11.16 4.86 11.61
CA MET B 430 12.63 4.85 11.72
C MET B 430 13.16 3.41 11.66
N MET B 431 12.48 2.47 12.32
CA MET B 431 12.99 1.11 12.36
C MET B 431 13.00 0.50 10.97
N ALA B 432 11.91 0.71 10.25
CA ALA B 432 11.80 0.19 8.89
C ALA B 432 12.79 0.87 7.96
N THR B 433 12.95 2.18 8.09
CA THR B 433 13.86 2.91 7.21
C THR B 433 15.31 2.43 7.36
N LEU B 434 15.76 2.22 8.60
CA LEU B 434 17.12 1.78 8.85
C LEU B 434 17.40 0.43 8.19
N ALA B 435 16.43 -0.48 8.25
CA ALA B 435 16.56 -1.74 7.53
C ALA B 435 16.62 -1.45 6.03
N GLN B 436 15.75 -0.58 5.55
CA GLN B 436 15.68 -0.34 4.09
C GLN B 436 16.92 0.31 3.52
N ILE B 437 17.64 1.10 4.31
CA ILE B 437 18.82 1.78 3.78
C ILE B 437 20.06 0.94 3.96
N GLY B 438 19.92 -0.28 4.46
CA GLY B 438 21.05 -1.18 4.45
C GLY B 438 21.29 -2.12 5.62
N PHE B 439 20.69 -1.87 6.77
CA PHE B 439 20.95 -2.74 7.91
C PHE B 439 20.46 -4.17 7.61
N GLN B 440 21.39 -5.12 7.65
CA GLN B 440 21.07 -6.53 7.41
C GLN B 440 20.08 -7.11 8.40
N GLN B 441 20.15 -6.65 9.65
CA GLN B 441 19.30 -7.19 10.72
C GLN B 441 18.77 -6.08 11.59
N SER B 442 17.63 -6.33 12.23
CA SER B 442 17.06 -5.35 13.14
C SER B 442 16.63 -5.99 14.45
N TYR B 443 16.87 -5.30 15.56
CA TYR B 443 16.14 -5.61 16.79
C TYR B 443 14.69 -5.23 16.57
N THR B 444 13.81 -5.78 17.39
CA THR B 444 12.38 -5.70 17.18
C THR B 444 11.66 -5.38 18.48
N TYR B 445 10.34 -5.41 18.42
CA TYR B 445 9.49 -5.25 19.58
C TYR B 445 9.21 -6.57 20.30
N PHE B 446 9.91 -7.63 19.91
CA PHE B 446 9.68 -8.97 20.45
C PHE B 446 9.45 -9.01 21.96
N THR B 447 10.35 -8.41 22.74
CA THR B 447 10.26 -8.48 24.19
C THR B 447 8.96 -7.86 24.75
N TRP B 448 8.31 -6.98 23.99
CA TRP B 448 7.08 -6.32 24.43
C TRP B 448 5.85 -6.92 23.75
N ARG B 449 6.01 -8.14 23.23
CA ARG B 449 4.89 -8.86 22.62
C ARG B 449 4.78 -10.20 23.33
N ASN B 450 3.85 -10.29 24.28
CA ASN B 450 3.76 -11.44 25.18
C ASN B 450 2.40 -12.16 25.21
N THR B 451 1.32 -11.48 24.81
CA THR B 451 0.02 -12.15 24.74
C THR B 451 -0.12 -12.80 23.37
N LYS B 452 -1.11 -13.67 23.22
CA LYS B 452 -1.29 -14.35 21.94
C LYS B 452 -1.63 -13.35 20.84
N GLN B 453 -2.45 -12.36 21.16
CA GLN B 453 -2.82 -11.36 20.16
C GLN B 453 -1.60 -10.53 19.71
N GLU B 454 -0.82 -10.04 20.68
CA GLU B 454 0.39 -9.28 20.37
C GLU B 454 1.33 -10.08 19.48
N LEU B 455 1.57 -11.34 19.84
CA LEU B 455 2.52 -12.18 19.10
C LEU B 455 2.01 -12.45 17.70
N THR B 456 0.72 -12.78 17.61
CA THR B 456 0.12 -13.11 16.31
C THR B 456 0.18 -11.91 15.37
N GLU B 457 -0.22 -10.76 15.90
CA GLU B 457 -0.21 -9.53 15.10
C GLU B 457 1.19 -9.12 14.68
N TYR B 458 2.15 -9.14 15.60
CA TYR B 458 3.50 -8.68 15.28
C TYR B 458 4.22 -9.59 14.29
N LEU B 459 4.12 -10.90 14.48
CA LEU B 459 4.78 -11.83 13.56
C LEU B 459 4.11 -11.91 12.20
N THR B 460 2.81 -11.68 12.16
CA THR B 460 2.13 -11.53 10.86
C THR B 460 2.73 -10.33 10.11
N GLU B 461 3.05 -9.28 10.85
CA GLU B 461 3.70 -8.11 10.24
C GLU B 461 5.15 -8.44 9.81
N LEU B 462 5.94 -9.04 10.69
CA LEU B 462 7.33 -9.40 10.36
C LEU B 462 7.50 -10.42 9.23
N SER B 463 6.63 -11.44 9.18
CA SER B 463 6.73 -12.47 8.14
C SER B 463 6.03 -12.06 6.85
N GLY B 464 5.27 -10.97 6.92
CA GLY B 464 4.57 -10.46 5.76
C GLY B 464 5.45 -9.59 4.89
N GLU B 465 5.00 -8.37 4.59
CA GLU B 465 5.70 -7.53 3.63
C GLU B 465 7.02 -7.00 4.15
N ALA B 466 7.11 -6.81 5.47
CA ALA B 466 8.34 -6.32 6.08
C ALA B 466 9.53 -7.24 5.80
N ALA B 467 9.27 -8.52 5.52
CA ALA B 467 10.33 -9.49 5.30
C ALA B 467 11.09 -9.23 4.02
N SER B 468 10.55 -8.38 3.15
CA SER B 468 11.31 -8.02 1.96
C SER B 468 12.42 -6.99 2.24
N TYR B 469 12.48 -6.41 3.44
CA TYR B 469 13.57 -5.46 3.76
C TYR B 469 14.12 -5.58 5.17
N MET B 470 13.46 -6.36 6.04
CA MET B 470 13.89 -6.46 7.41
C MET B 470 14.12 -7.90 7.84
N ARG B 471 15.23 -8.15 8.50
CA ARG B 471 15.49 -9.47 9.09
C ARG B 471 15.56 -9.31 10.61
N PRO B 472 14.60 -9.89 11.32
CA PRO B 472 14.47 -9.70 12.76
C PRO B 472 15.45 -10.54 13.55
N ASN B 473 15.97 -9.95 14.61
CA ASN B 473 16.80 -10.69 15.55
C ASN B 473 16.08 -10.68 16.89
N PHE B 474 15.46 -11.82 17.23
CA PHE B 474 14.68 -11.93 18.47
C PHE B 474 15.54 -12.25 19.71
N PHE B 475 16.03 -11.20 20.35
CA PHE B 475 16.66 -11.33 21.67
C PHE B 475 15.56 -11.41 22.73
N ALA B 476 15.57 -12.46 23.54
CA ALA B 476 14.50 -12.66 24.51
C ALA B 476 14.75 -11.80 25.72
N ASN B 477 16.01 -11.42 25.90
CA ASN B 477 16.39 -10.40 26.87
C ASN B 477 17.64 -9.66 26.36
N THR B 478 17.99 -8.55 26.99
CA THR B 478 19.23 -7.83 26.70
C THR B 478 19.65 -7.22 28.02
N PRO B 479 20.88 -6.68 28.11
CA PRO B 479 21.27 -6.09 29.40
C PRO B 479 20.35 -4.97 29.88
N ASP B 480 19.55 -4.39 28.98
CA ASP B 480 18.65 -3.28 29.33
C ASP B 480 17.19 -3.70 29.37
N ILE B 481 16.90 -4.92 28.97
CA ILE B 481 15.51 -5.36 28.94
C ILE B 481 15.27 -6.68 29.67
N LEU B 482 14.83 -6.56 30.92
CA LEU B 482 14.17 -7.65 31.64
C LEU B 482 12.67 -7.37 31.72
N HIS B 483 11.90 -7.96 30.81
CA HIS B 483 10.46 -7.73 30.80
C HIS B 483 9.76 -8.26 32.06
N ALA B 484 8.68 -7.59 32.44
CA ALA B 484 7.84 -8.00 33.57
C ALA B 484 7.30 -9.44 33.42
N TYR B 485 7.16 -9.91 32.18
CA TYR B 485 6.76 -11.28 31.92
C TYR B 485 7.73 -12.27 32.58
N LEU B 486 9.02 -12.03 32.40
CA LEU B 486 10.05 -12.85 33.01
C LEU B 486 10.15 -12.59 34.50
N GLN B 487 9.99 -11.33 34.91
CA GLN B 487 10.03 -11.00 36.31
C GLN B 487 8.99 -11.79 37.10
N HIS B 488 7.79 -11.86 36.54
CA HIS B 488 6.63 -12.40 37.26
C HIS B 488 6.47 -13.89 37.08
N GLY B 489 7.01 -14.41 35.97
CA GLY B 489 6.76 -15.77 35.58
C GLY B 489 7.83 -16.74 36.00
N GLY B 490 9.03 -16.25 36.29
CA GLY B 490 10.12 -17.10 36.71
C GLY B 490 10.54 -18.03 35.58
N ARG B 491 11.18 -19.13 35.94
CA ARG B 491 11.71 -20.07 34.97
C ARG B 491 10.71 -20.55 33.91
N PRO B 492 9.47 -20.86 34.31
CA PRO B 492 8.55 -21.26 33.22
C PRO B 492 8.38 -20.16 32.15
N ALA B 493 8.48 -18.90 32.55
CA ALA B 493 8.37 -17.80 31.57
C ALA B 493 9.63 -17.75 30.69
N PHE B 494 10.78 -18.01 31.28
CA PHE B 494 12.01 -18.04 30.49
C PHE B 494 11.97 -19.15 29.45
N GLU B 495 11.35 -20.26 29.80
CA GLU B 495 11.27 -21.39 28.88
C GLU B 495 10.34 -21.07 27.73
N VAL B 496 9.23 -20.41 28.03
CA VAL B 496 8.27 -20.01 26.99
C VAL B 496 8.86 -18.99 26.01
N ARG B 497 9.51 -17.95 26.51
CA ARG B 497 10.12 -16.97 25.62
C ARG B 497 11.23 -17.54 24.74
N ALA B 498 12.00 -18.49 25.27
CA ALA B 498 13.04 -19.14 24.47
C ALA B 498 12.42 -19.96 23.33
N VAL B 499 11.38 -20.73 23.67
CA VAL B 499 10.67 -21.47 22.62
C VAL B 499 10.10 -20.56 21.53
N LEU B 500 9.48 -19.46 21.95
CA LEU B 500 8.89 -18.50 21.01
C LEU B 500 9.95 -17.84 20.15
N ALA B 501 11.04 -17.38 20.78
CA ALA B 501 12.07 -16.66 20.04
C ALA B 501 12.72 -17.57 19.05
N ALA B 502 13.02 -18.79 19.49
CA ALA B 502 13.77 -19.73 18.67
C ALA B 502 12.95 -20.28 17.50
N THR B 503 11.64 -20.41 17.68
CA THR B 503 10.80 -20.97 16.61
C THR B 503 10.10 -19.92 15.73
N LEU B 504 9.95 -18.68 16.20
CA LEU B 504 9.28 -17.66 15.37
C LEU B 504 10.23 -16.87 14.48
N SER B 505 11.51 -16.83 14.81
CA SER B 505 12.47 -16.11 13.98
C SER B 505 13.68 -16.97 13.64
N PRO B 506 14.15 -16.90 12.39
CA PRO B 506 15.38 -17.63 12.03
C PRO B 506 16.61 -17.09 12.75
N THR B 507 16.50 -15.92 13.38
CA THR B 507 17.60 -15.40 14.22
C THR B 507 17.07 -15.02 15.58
N TRP B 508 17.69 -15.58 16.63
CA TRP B 508 17.28 -15.26 17.98
C TRP B 508 18.51 -15.15 18.87
N GLY B 509 18.33 -14.63 20.06
CA GLY B 509 19.47 -14.50 20.93
C GLY B 509 19.12 -14.38 22.39
N ILE B 510 20.10 -14.63 23.24
CA ILE B 510 19.94 -14.33 24.65
C ILE B 510 21.17 -13.60 25.18
N TYR B 511 20.96 -12.86 26.27
CA TYR B 511 22.03 -12.24 26.99
C TYR B 511 22.35 -13.14 28.21
N SER B 512 23.63 -13.45 28.38
CA SER B 512 24.15 -14.32 29.45
C SER B 512 23.49 -14.06 30.80
N GLY B 513 23.06 -15.14 31.45
CA GLY B 513 22.29 -15.03 32.66
C GLY B 513 20.84 -15.40 32.43
N TYR B 514 20.38 -15.25 31.18
CA TYR B 514 19.06 -15.75 30.78
C TYR B 514 18.90 -17.24 31.13
N GLU B 515 19.91 -18.05 30.83
CA GLU B 515 19.89 -19.48 31.16
C GLU B 515 19.66 -19.77 32.64
N LEU B 516 20.15 -18.89 33.50
CA LEU B 516 19.99 -19.07 34.94
C LEU B 516 18.68 -18.48 35.42
N CYS B 517 17.91 -17.93 34.47
CA CYS B 517 16.65 -17.27 34.78
C CYS B 517 16.79 -16.10 35.75
N GLU B 518 17.86 -15.32 35.62
CA GLU B 518 18.01 -14.09 36.41
C GLU B 518 16.87 -13.17 36.07
N ASN B 519 16.15 -12.70 37.08
CA ASN B 519 14.92 -11.99 36.81
C ASN B 519 14.55 -11.05 37.93
N THR B 520 15.55 -10.58 38.65
CA THR B 520 15.33 -9.62 39.72
C THR B 520 15.53 -8.22 39.15
N PRO B 521 14.47 -7.40 39.13
CA PRO B 521 14.56 -6.06 38.54
C PRO B 521 15.15 -5.03 39.49
N LEU B 522 15.61 -3.90 38.94
CA LEU B 522 16.12 -2.79 39.74
C LEU B 522 15.08 -2.37 40.78
N ARG B 523 13.84 -2.29 40.33
CA ARG B 523 12.73 -1.94 41.20
C ARG B 523 11.48 -2.34 40.47
N GLU B 524 10.34 -2.28 41.14
CA GLU B 524 9.08 -2.62 40.49
C GLU B 524 8.75 -1.59 39.43
N GLY B 525 8.35 -2.07 38.25
CA GLY B 525 8.01 -1.20 37.13
C GLY B 525 9.18 -0.90 36.21
N SER B 526 10.35 -1.40 36.56
CA SER B 526 11.55 -1.19 35.76
C SER B 526 11.84 -2.41 34.90
N GLU B 527 12.52 -2.20 33.78
CA GLU B 527 12.99 -3.30 32.95
C GLU B 527 14.49 -3.44 33.04
N GLU B 528 15.10 -2.71 33.97
CA GLU B 528 16.52 -2.89 34.30
C GLU B 528 16.70 -4.06 35.27
N TYR B 529 17.82 -4.79 35.13
CA TYR B 529 18.22 -5.76 36.13
C TYR B 529 18.73 -5.08 37.38
N LEU B 530 18.57 -5.74 38.52
CA LEU B 530 19.21 -5.29 39.77
C LEU B 530 20.69 -5.63 39.66
N ASP B 531 21.53 -4.76 40.20
CA ASP B 531 22.98 -4.91 40.12
C ASP B 531 23.42 -5.20 38.69
N SER B 532 22.95 -4.40 37.75
CA SER B 532 23.22 -4.64 36.34
C SER B 532 24.70 -4.85 36.03
N GLU B 533 24.96 -5.85 35.20
CA GLU B 533 26.29 -6.17 34.73
C GLU B 533 26.90 -5.01 33.92
N LYS B 534 26.07 -4.07 33.49
CA LYS B 534 26.59 -2.92 32.76
C LYS B 534 27.53 -2.10 33.64
N TYR B 535 27.36 -2.19 34.97
CA TYR B 535 28.10 -1.35 35.89
C TYR B 535 28.92 -2.10 36.93
N GLN B 536 29.02 -3.42 36.81
CA GLN B 536 29.80 -4.21 37.74
C GLN B 536 30.14 -5.58 37.16
N LEU B 537 31.24 -6.14 37.66
CA LEU B 537 31.61 -7.50 37.32
C LEU B 537 30.52 -8.41 37.85
N LYS B 538 30.11 -9.41 37.06
CA LYS B 538 29.12 -10.38 37.51
C LYS B 538 29.61 -11.81 37.33
N PRO B 539 30.43 -12.28 38.27
CA PRO B 539 30.86 -13.68 38.16
C PRO B 539 29.65 -14.58 38.39
N ARG B 540 29.49 -15.62 37.57
CA ARG B 540 28.39 -16.56 37.73
C ARG B 540 28.91 -17.98 37.92
N ASP B 541 28.29 -18.72 38.84
CA ASP B 541 28.71 -20.10 39.09
C ASP B 541 28.08 -21.06 38.07
N TRP B 542 28.65 -21.11 36.86
CA TRP B 542 28.12 -21.91 35.77
C TRP B 542 28.17 -23.41 36.08
N THR B 543 29.22 -23.83 36.77
CA THR B 543 29.43 -25.22 37.09
C THR B 543 28.38 -25.71 38.07
N ARG B 544 28.13 -24.92 39.10
CA ARG B 544 27.11 -25.25 40.06
C ARG B 544 25.72 -25.32 39.42
N ALA B 545 25.38 -24.32 38.59
CA ALA B 545 24.07 -24.31 37.96
C ALA B 545 23.84 -25.54 37.10
N ALA B 546 24.87 -26.01 36.42
CA ALA B 546 24.77 -27.18 35.59
C ALA B 546 24.48 -28.43 36.44
N ARG B 547 25.24 -28.56 37.53
CA ARG B 547 25.17 -29.71 38.44
C ARG B 547 23.82 -29.79 39.16
N GLU B 548 23.28 -28.63 39.52
CA GLU B 548 22.03 -28.55 40.27
C GLU B 548 20.82 -28.38 39.36
N GLY B 549 21.05 -28.34 38.05
CA GLY B 549 19.93 -28.28 37.10
C GLY B 549 19.10 -27.02 37.16
N THR B 550 19.67 -25.98 37.76
CA THR B 550 19.03 -24.66 37.85
C THR B 550 19.42 -23.78 36.64
N THR B 551 19.53 -24.39 35.47
CA THR B 551 19.80 -23.67 34.25
C THR B 551 18.95 -24.26 33.13
N ILE B 552 18.42 -23.42 32.24
CA ILE B 552 17.68 -23.93 31.09
C ILE B 552 18.58 -24.08 29.88
N ALA B 553 19.88 -24.10 30.11
CA ALA B 553 20.83 -24.39 29.03
C ALA B 553 20.49 -25.66 28.24
N PRO B 554 19.99 -26.73 28.90
CA PRO B 554 19.64 -27.89 28.07
C PRO B 554 18.48 -27.58 27.12
N LEU B 555 17.50 -26.81 27.57
CA LEU B 555 16.42 -26.39 26.68
C LEU B 555 16.94 -25.53 25.51
N VAL B 556 17.81 -24.57 25.82
CA VAL B 556 18.40 -23.73 24.78
C VAL B 556 19.16 -24.58 23.75
N THR B 557 19.98 -25.49 24.25
CA THR B 557 20.71 -26.43 23.42
C THR B 557 19.79 -27.22 22.49
N ARG B 558 18.69 -27.73 23.06
CA ARG B 558 17.76 -28.52 22.28
C ARG B 558 17.10 -27.67 21.19
N LEU B 559 16.62 -26.48 21.54
CA LEU B 559 16.00 -25.58 20.55
C LEU B 559 16.93 -25.29 19.37
N ASN B 560 18.22 -25.07 19.63
CA ASN B 560 19.14 -24.77 18.54
C ASN B 560 19.42 -25.99 17.70
N THR B 561 19.47 -27.15 18.35
CA THR B 561 19.58 -28.43 17.63
C THR B 561 18.39 -28.66 16.71
N ILE B 562 17.18 -28.44 17.23
CA ILE B 562 15.98 -28.58 16.40
C ILE B 562 16.02 -27.61 15.21
N ARG B 563 16.53 -26.39 15.44
CA ARG B 563 16.66 -25.42 14.36
C ARG B 563 17.67 -25.88 13.34
N ARG B 564 18.78 -26.44 13.80
CA ARG B 564 19.83 -26.90 12.90
C ARG B 564 19.38 -28.07 12.04
N GLU B 565 18.37 -28.77 12.51
CA GLU B 565 17.91 -30.00 11.85
C GLU B 565 16.64 -29.75 11.03
N ASN B 566 15.97 -28.62 11.24
CA ASN B 566 14.71 -28.37 10.54
C ASN B 566 14.71 -27.07 9.74
N PRO B 567 14.92 -27.16 8.43
CA PRO B 567 14.94 -26.03 7.48
C PRO B 567 13.77 -25.07 7.63
N ALA B 568 12.60 -25.55 8.06
CA ALA B 568 11.44 -24.68 8.22
C ALA B 568 11.69 -23.61 9.27
N LEU B 569 12.57 -23.90 10.22
CA LEU B 569 12.87 -22.97 11.30
C LEU B 569 13.99 -22.01 10.96
N ARG B 570 14.61 -22.19 9.79
CA ARG B 570 15.70 -21.33 9.38
C ARG B 570 15.25 -20.31 8.32
N GLN B 571 13.95 -20.11 8.20
CA GLN B 571 13.43 -19.08 7.30
C GLN B 571 12.34 -18.30 8.01
N LEU B 572 11.88 -17.22 7.40
CA LEU B 572 11.01 -16.29 8.12
C LEU B 572 9.61 -16.20 7.54
N ARG B 573 9.54 -16.18 6.21
CA ARG B 573 8.29 -15.83 5.52
C ARG B 573 7.18 -16.87 5.60
N ASP B 574 7.52 -18.14 5.69
CA ASP B 574 6.47 -19.15 5.78
C ASP B 574 6.10 -19.41 7.23
N LEU B 575 4.98 -18.84 7.63
CA LEU B 575 4.52 -18.90 9.01
C LEU B 575 3.01 -18.80 9.01
N HIS B 576 2.36 -19.64 9.79
CA HIS B 576 0.91 -19.60 9.81
C HIS B 576 0.37 -19.90 11.20
N PHE B 577 -0.54 -19.06 11.68
CA PHE B 577 -1.11 -19.25 13.00
C PHE B 577 -2.42 -20.05 12.95
N HIS B 578 -2.53 -21.08 13.78
CA HIS B 578 -3.70 -21.94 13.81
C HIS B 578 -4.56 -21.66 15.01
N PRO B 579 -5.90 -21.70 14.83
CA PRO B 579 -6.85 -21.38 15.89
C PRO B 579 -6.75 -22.33 17.08
N THR B 580 -6.92 -21.81 18.28
CA THR B 580 -7.04 -22.62 19.49
C THR B 580 -8.22 -22.08 20.28
N ASP B 581 -8.76 -22.86 21.21
CA ASP B 581 -9.91 -22.37 21.96
C ASP B 581 -9.52 -21.82 23.32
N LYS B 582 -8.24 -21.48 23.49
CA LYS B 582 -7.79 -20.87 24.74
C LYS B 582 -6.90 -19.65 24.48
N GLU B 583 -7.27 -18.53 25.09
CA GLU B 583 -6.55 -17.29 24.91
C GLU B 583 -5.07 -17.43 25.28
N GLU B 584 -4.76 -18.28 26.25
CA GLU B 584 -3.39 -18.43 26.74
C GLU B 584 -2.57 -19.39 25.88
N VAL B 585 -3.20 -20.04 24.90
CA VAL B 585 -2.50 -21.02 24.09
C VAL B 585 -2.47 -20.66 22.61
N ILE B 586 -1.26 -20.65 22.05
CA ILE B 586 -1.01 -20.19 20.69
C ILE B 586 -0.43 -21.33 19.92
N ALA B 587 -0.76 -21.42 18.64
CA ALA B 587 -0.26 -22.49 17.80
C ALA B 587 0.10 -21.94 16.44
N TYR B 588 1.16 -22.47 15.84
CA TYR B 588 1.58 -22.01 14.53
C TYR B 588 2.46 -23.03 13.86
N SER B 589 2.59 -22.92 12.55
CA SER B 589 3.44 -23.83 11.81
C SER B 589 4.32 -23.06 10.86
N LYS B 590 5.44 -23.66 10.48
CA LYS B 590 6.33 -23.07 9.50
C LYS B 590 6.71 -24.21 8.61
N ARG B 591 6.97 -23.93 7.34
CA ARG B 591 7.33 -24.98 6.41
C ARG B 591 8.44 -24.52 5.48
N GLN B 592 9.24 -25.46 5.02
CA GLN B 592 10.27 -25.25 4.01
C GLN B 592 10.49 -26.56 3.26
N GLY B 593 10.02 -26.62 2.01
CA GLY B 593 10.02 -27.88 1.28
C GLY B 593 9.18 -28.89 2.02
N SER B 594 9.73 -30.09 2.22
CA SER B 594 8.98 -31.17 2.86
C SER B 594 9.10 -31.14 4.38
N ASN B 595 9.84 -30.17 4.91
CA ASN B 595 9.97 -30.04 6.35
C ASN B 595 8.86 -29.14 6.92
N THR B 596 8.07 -29.70 7.84
CA THR B 596 7.01 -28.94 8.48
C THR B 596 7.16 -29.00 10.00
N VAL B 597 7.25 -27.84 10.64
CA VAL B 597 7.30 -27.79 12.09
C VAL B 597 6.05 -27.15 12.63
N LEU B 598 5.48 -27.77 13.65
CA LEU B 598 4.27 -27.31 14.25
C LEU B 598 4.52 -27.03 15.72
N VAL B 599 4.12 -25.85 16.18
CA VAL B 599 4.44 -25.44 17.55
C VAL B 599 3.20 -25.07 18.34
N VAL B 600 3.16 -25.47 19.60
CA VAL B 600 2.04 -25.12 20.45
C VAL B 600 2.59 -24.62 21.76
N VAL B 601 2.26 -23.41 22.14
CA VAL B 601 2.86 -22.83 23.32
C VAL B 601 1.82 -22.39 24.31
N ASN B 602 2.03 -22.74 25.57
CA ASN B 602 1.22 -22.20 26.65
C ASN B 602 1.88 -20.93 27.17
N LEU B 603 1.28 -19.79 26.86
CA LEU B 603 1.79 -18.47 27.25
C LEU B 603 1.62 -18.20 28.73
N ASP B 604 0.85 -19.05 29.41
CA ASP B 604 0.63 -18.90 30.85
C ASP B 604 1.79 -19.56 31.61
N PRO B 605 2.57 -18.75 32.34
CA PRO B 605 3.72 -19.34 33.02
C PRO B 605 3.37 -19.90 34.38
N ARG B 606 2.14 -19.67 34.85
CA ARG B 606 1.77 -20.00 36.23
C ARG B 606 0.66 -21.06 36.36
N HIS B 607 -0.17 -21.23 35.33
CA HIS B 607 -1.25 -22.22 35.36
C HIS B 607 -1.25 -23.19 34.19
N THR B 608 -1.60 -24.44 34.46
CA THR B 608 -1.77 -25.44 33.43
C THR B 608 -2.93 -25.06 32.50
N GLN B 609 -2.74 -25.26 31.20
CA GLN B 609 -3.75 -24.90 30.23
C GLN B 609 -4.03 -26.10 29.34
N GLU B 610 -5.29 -26.44 29.18
CA GLU B 610 -5.67 -27.44 28.19
C GLU B 610 -6.44 -26.74 27.10
N ALA B 611 -6.25 -27.19 25.88
CA ALA B 611 -6.91 -26.54 24.77
C ALA B 611 -7.09 -27.50 23.64
N THR B 612 -7.97 -27.12 22.72
CA THR B 612 -8.14 -27.80 21.46
C THR B 612 -7.45 -27.01 20.38
N VAL B 613 -6.56 -27.63 19.64
CA VAL B 613 -5.88 -26.95 18.56
C VAL B 613 -6.45 -27.36 17.20
N SER B 614 -7.15 -26.45 16.54
CA SER B 614 -7.78 -26.76 15.27
C SER B 614 -6.89 -26.37 14.11
N LEU B 615 -6.14 -27.33 13.60
CA LEU B 615 -5.18 -27.07 12.54
C LEU B 615 -5.85 -26.75 11.23
N ASP B 616 -5.37 -25.68 10.61
CA ASP B 616 -5.73 -25.34 9.25
C ASP B 616 -5.07 -26.35 8.33
N MET B 617 -5.74 -27.47 8.09
CA MET B 617 -5.14 -28.59 7.38
C MET B 617 -4.66 -28.31 5.95
N PRO B 618 -5.46 -27.60 5.13
CA PRO B 618 -4.93 -27.35 3.78
C PRO B 618 -3.68 -26.46 3.80
N GLN B 619 -3.51 -25.71 4.89
CA GLN B 619 -2.32 -24.88 5.06
C GLN B 619 -1.08 -25.73 5.37
N LEU B 620 -1.29 -26.87 6.03
CA LEU B 620 -0.22 -27.83 6.23
C LEU B 620 -0.01 -28.72 5.00
N GLY B 621 -0.81 -28.49 3.96
CA GLY B 621 -0.77 -29.31 2.76
C GLY B 621 -1.42 -30.68 2.93
N LEU B 622 -2.47 -30.72 3.75
CA LEU B 622 -3.15 -31.97 4.07
C LEU B 622 -4.65 -31.82 3.86
N ASP B 623 -5.36 -32.94 3.78
CA ASP B 623 -6.82 -32.90 3.67
C ASP B 623 -7.43 -32.87 5.05
N TRP B 624 -8.61 -32.26 5.18
CA TRP B 624 -9.23 -32.05 6.50
C TRP B 624 -9.49 -33.35 7.28
N HIS B 625 -9.64 -34.45 6.56
CA HIS B 625 -9.97 -35.73 7.17
C HIS B 625 -8.71 -36.45 7.67
N GLU B 626 -7.58 -36.09 7.06
CA GLU B 626 -6.31 -36.76 7.31
C GLU B 626 -5.80 -36.53 8.72
N SER B 627 -5.00 -37.47 9.21
CA SER B 627 -4.26 -37.28 10.44
C SER B 627 -2.81 -37.64 10.18
N VAL B 628 -1.89 -36.88 10.75
CA VAL B 628 -0.47 -37.09 10.51
C VAL B 628 0.27 -37.47 11.79
N PRO B 629 1.31 -38.28 11.64
CA PRO B 629 2.21 -38.56 12.76
C PRO B 629 3.10 -37.34 13.06
N VAL B 630 3.22 -36.95 14.32
CA VAL B 630 4.15 -35.89 14.70
C VAL B 630 5.04 -36.36 15.86
N ARG B 631 6.28 -35.88 15.88
CA ARG B 631 7.15 -36.11 17.02
C ARG B 631 7.47 -34.80 17.75
N ASP B 632 7.22 -34.77 19.04
CA ASP B 632 7.56 -33.63 19.89
C ASP B 632 9.06 -33.65 20.15
N GLU B 633 9.80 -32.74 19.53
CA GLU B 633 11.26 -32.77 19.56
C GLU B 633 11.84 -32.33 20.91
N LEU B 634 10.99 -31.83 21.79
CA LEU B 634 11.44 -31.53 23.14
C LEU B 634 11.51 -32.77 24.02
N THR B 635 10.79 -33.83 23.66
CA THR B 635 10.64 -34.99 24.55
C THR B 635 10.81 -36.35 23.89
N GLY B 636 10.68 -36.40 22.57
CA GLY B 636 10.80 -37.65 21.85
C GLY B 636 9.48 -38.39 21.67
N GLU B 637 8.46 -37.98 22.40
CA GLU B 637 7.12 -38.56 22.29
C GLU B 637 6.52 -38.33 20.92
N THR B 638 5.87 -39.34 20.36
CA THR B 638 5.15 -39.17 19.09
C THR B 638 3.64 -39.07 19.33
N TYR B 639 2.95 -38.43 18.39
CA TYR B 639 1.51 -38.24 18.48
C TYR B 639 0.93 -38.40 17.09
N HIS B 640 -0.38 -38.58 17.00
CA HIS B 640 -1.03 -38.49 15.70
C HIS B 640 -2.01 -37.35 15.75
N TRP B 641 -1.76 -36.31 14.97
CA TRP B 641 -2.60 -35.12 15.00
C TRP B 641 -3.40 -34.94 13.72
N GLY B 642 -4.56 -34.33 13.86
CA GLY B 642 -5.42 -34.03 12.73
C GLY B 642 -6.04 -32.65 12.87
N ARG B 643 -7.25 -32.50 12.34
CA ARG B 643 -7.92 -31.21 12.28
C ARG B 643 -8.22 -30.64 13.66
N ALA B 644 -8.19 -31.48 14.69
CA ALA B 644 -8.49 -31.02 16.04
C ALA B 644 -7.82 -31.89 17.09
N ASN B 645 -6.96 -31.28 17.89
CA ASN B 645 -6.11 -32.02 18.81
C ASN B 645 -6.11 -31.43 20.21
N TYR B 646 -6.20 -32.32 21.21
CA TYR B 646 -6.19 -31.91 22.61
C TYR B 646 -4.76 -31.72 23.09
N VAL B 647 -4.54 -30.70 23.90
CA VAL B 647 -3.23 -30.50 24.51
C VAL B 647 -3.42 -30.09 25.93
N ARG B 648 -2.48 -30.49 26.78
CA ARG B 648 -2.48 -30.06 28.17
C ARG B 648 -1.05 -29.68 28.46
N LEU B 649 -0.84 -28.43 28.87
CA LEU B 649 0.51 -27.92 29.00
C LEU B 649 0.72 -27.41 30.41
N GLU B 650 1.59 -28.10 31.15
CA GLU B 650 1.86 -27.76 32.55
C GLU B 650 3.14 -26.95 32.67
N PRO B 651 3.03 -25.70 33.15
CA PRO B 651 4.23 -24.85 33.30
C PRO B 651 5.23 -25.43 34.30
N GLY B 652 6.49 -25.49 33.89
CA GLY B 652 7.55 -26.07 34.70
C GLY B 652 7.91 -27.43 34.11
N ARG B 653 6.88 -28.17 33.70
CA ARG B 653 7.07 -29.48 33.11
C ARG B 653 7.21 -29.40 31.61
N THR B 654 6.37 -28.56 30.99
CA THR B 654 6.25 -28.46 29.52
C THR B 654 5.82 -27.07 29.10
N PRO B 655 6.74 -26.29 28.54
CA PRO B 655 6.33 -24.96 28.05
C PRO B 655 5.52 -25.06 26.76
N ALA B 656 5.77 -26.10 25.99
CA ALA B 656 5.33 -26.13 24.61
C ALA B 656 5.52 -27.52 24.00
N HIS B 657 4.84 -27.75 22.88
CA HIS B 657 5.20 -28.85 21.97
C HIS B 657 5.87 -28.27 20.76
N VAL B 658 7.03 -28.80 20.40
CA VAL B 658 7.71 -28.42 19.16
C VAL B 658 7.81 -29.63 18.25
N CYS B 659 6.82 -29.80 17.40
CA CYS B 659 6.65 -31.02 16.64
C CYS B 659 7.11 -30.91 15.20
N THR B 660 7.76 -31.96 14.72
CA THR B 660 8.04 -32.12 13.31
C THR B 660 7.06 -33.13 12.76
N VAL B 661 6.49 -32.82 11.60
CA VAL B 661 5.57 -33.75 10.95
C VAL B 661 6.40 -34.85 10.32
N LEU B 662 6.06 -36.10 10.62
CA LEU B 662 6.87 -37.24 10.20
C LEU B 662 6.42 -37.83 8.87
N ARG B 663 7.38 -38.38 8.12
CA ARG B 663 7.11 -39.01 6.83
C ARG B 663 6.24 -40.28 6.96
#